data_2LSV
#
_entry.id   2LSV
#
loop_
_entity.id
_entity.type
_entity.pdbx_description
1 polymer 'TPR repeat-containing protein associated with Hsp90'
2 polymer 'ATP-dependent molecular chaperone HSP82'
#
loop_
_entity_poly.entity_id
_entity_poly.type
_entity_poly.pdbx_seq_one_letter_code
_entity_poly.pdbx_strand_id
1 'polypeptide(L)'
;SQFEKQKEQGNSLFKQGLYREAVHCYDQLITAQPQNPVGYSNKAMALIKLGEYTQAIQMCQQGLRYTSTAEHVAIRSKLQ
YRLELAQGAVGSVQIPVVEVDELPEGYDRS
;
A
2 'polypeptide(L)' ADTEMEEVD B
#
# COMPACT_ATOMS: atom_id res chain seq x y z
N SER A 1 10.12 11.39 -20.80
CA SER A 1 9.66 11.17 -19.41
C SER A 1 8.25 10.61 -19.39
N GLN A 2 7.92 9.83 -18.35
CA GLN A 2 6.61 9.23 -18.18
C GLN A 2 6.31 8.98 -16.71
N PHE A 3 5.08 8.56 -16.41
CA PHE A 3 4.66 8.25 -15.05
C PHE A 3 3.41 7.39 -15.15
N GLU A 4 2.56 7.79 -16.11
CA GLU A 4 1.34 7.11 -16.43
C GLU A 4 1.55 5.63 -16.72
N LYS A 5 2.50 5.27 -17.58
CA LYS A 5 2.63 3.88 -17.99
C LYS A 5 3.09 3.03 -16.82
N GLN A 6 4.01 3.54 -16.02
CA GLN A 6 4.48 2.86 -14.83
C GLN A 6 3.37 2.78 -13.77
N LYS A 7 2.22 3.43 -14.04
CA LYS A 7 1.04 3.45 -13.20
C LYS A 7 -0.13 2.74 -13.85
N GLU A 8 0.00 2.40 -15.15
CA GLU A 8 -1.03 1.72 -15.93
C GLU A 8 -0.60 0.31 -16.30
N GLN A 9 0.70 0.06 -16.29
CA GLN A 9 1.23 -1.27 -16.52
C GLN A 9 1.07 -2.17 -15.29
N GLY A 10 1.49 -1.70 -14.11
CA GLY A 10 1.32 -2.46 -12.89
C GLY A 10 -0.15 -2.40 -12.46
N ASN A 11 -0.93 -1.52 -13.10
CA ASN A 11 -2.34 -1.28 -12.83
C ASN A 11 -3.15 -2.54 -13.07
N SER A 12 -2.59 -3.53 -13.78
CA SER A 12 -3.26 -4.80 -13.93
C SER A 12 -2.51 -5.90 -13.20
N LEU A 13 -1.18 -5.79 -13.06
CA LEU A 13 -0.38 -6.73 -12.30
C LEU A 13 -0.88 -6.83 -10.86
N PHE A 14 -1.31 -5.71 -10.29
CA PHE A 14 -1.82 -5.66 -8.93
C PHE A 14 -3.17 -6.36 -8.86
N LYS A 15 -3.99 -6.17 -9.89
CA LYS A 15 -5.32 -6.72 -9.91
C LYS A 15 -5.32 -8.22 -10.24
N GLN A 16 -4.20 -8.72 -10.78
CA GLN A 16 -4.03 -10.13 -11.09
C GLN A 16 -3.65 -10.90 -9.84
N GLY A 17 -2.79 -10.30 -9.01
CA GLY A 17 -2.32 -10.97 -7.80
C GLY A 17 -0.86 -10.71 -7.50
N LEU A 18 -0.13 -10.17 -8.48
CA LEU A 18 1.30 -9.98 -8.42
C LEU A 18 1.67 -8.74 -7.62
N TYR A 19 0.93 -8.45 -6.56
CA TYR A 19 1.03 -7.20 -5.84
C TYR A 19 2.42 -6.60 -5.84
N ARG A 20 3.46 -7.35 -5.42
CA ARG A 20 4.82 -6.84 -5.36
C ARG A 20 5.35 -6.52 -6.75
N GLU A 21 5.15 -7.41 -7.73
CA GLU A 21 5.60 -7.13 -9.09
C GLU A 21 4.89 -5.89 -9.60
N ALA A 22 3.68 -5.65 -9.09
CA ALA A 22 2.91 -4.50 -9.48
C ALA A 22 3.52 -3.23 -8.88
N VAL A 23 4.04 -3.32 -7.64
CA VAL A 23 4.63 -2.21 -6.93
C VAL A 23 6.00 -1.93 -7.52
N HIS A 24 6.57 -2.98 -8.06
CA HIS A 24 7.87 -2.98 -8.69
C HIS A 24 7.93 -2.07 -9.92
N CYS A 25 6.80 -1.49 -10.30
CA CYS A 25 6.71 -0.49 -11.36
C CYS A 25 6.09 0.79 -10.78
N TYR A 26 5.28 0.62 -9.74
CA TYR A 26 4.72 1.70 -8.94
C TYR A 26 5.81 2.49 -8.24
N ASP A 27 6.89 1.83 -7.84
CA ASP A 27 7.96 2.44 -7.07
C ASP A 27 8.64 3.54 -7.89
N GLN A 28 8.58 3.43 -9.23
CA GLN A 28 9.15 4.45 -10.08
C GLN A 28 8.24 5.68 -10.18
N LEU A 29 6.96 5.55 -9.79
CA LEU A 29 6.08 6.71 -9.72
C LEU A 29 6.60 7.64 -8.65
N ILE A 30 7.09 7.05 -7.56
CA ILE A 30 7.62 7.82 -6.45
C ILE A 30 9.04 8.27 -6.75
N THR A 31 9.84 7.44 -7.41
CA THR A 31 11.18 7.88 -7.73
C THR A 31 11.18 8.93 -8.83
N ALA A 32 10.16 8.94 -9.70
CA ALA A 32 10.07 9.95 -10.74
C ALA A 32 9.38 11.20 -10.20
N GLN A 33 8.51 11.01 -9.21
CA GLN A 33 7.76 12.08 -8.58
C GLN A 33 7.58 11.75 -7.11
N PRO A 34 8.65 11.87 -6.35
CA PRO A 34 8.71 11.49 -4.94
C PRO A 34 7.87 12.42 -4.09
N GLN A 35 7.47 13.50 -4.75
CA GLN A 35 6.47 14.43 -4.25
C GLN A 35 5.14 14.29 -4.99
N ASN A 36 4.66 13.05 -5.10
CA ASN A 36 3.38 12.74 -5.70
C ASN A 36 2.72 11.62 -4.90
N PRO A 37 1.42 11.72 -4.62
CA PRO A 37 0.68 10.74 -3.84
C PRO A 37 0.37 9.44 -4.55
N VAL A 38 -0.14 9.44 -5.78
CA VAL A 38 -0.49 8.18 -6.43
C VAL A 38 0.67 7.21 -6.53
N GLY A 39 1.85 7.79 -6.52
CA GLY A 39 3.09 7.02 -6.38
C GLY A 39 2.96 6.12 -5.16
N TYR A 40 2.64 6.71 -4.01
CA TYR A 40 2.53 6.00 -2.76
C TYR A 40 1.24 5.20 -2.73
N SER A 41 0.19 5.67 -3.43
CA SER A 41 -1.13 5.05 -3.37
C SER A 41 -1.11 3.67 -4.03
N ASN A 42 -0.39 3.55 -5.15
CA ASN A 42 -0.33 2.30 -5.90
C ASN A 42 0.50 1.28 -5.11
N LYS A 43 1.73 1.66 -4.74
CA LYS A 43 2.62 0.83 -3.92
C LYS A 43 1.94 0.49 -2.60
N ALA A 44 1.08 1.38 -2.08
CA ALA A 44 0.42 1.16 -0.80
C ALA A 44 -0.69 0.12 -0.89
N MET A 45 -1.54 0.19 -1.92
CA MET A 45 -2.68 -0.72 -2.00
C MET A 45 -2.18 -2.16 -2.12
N ALA A 46 -1.06 -2.34 -2.81
CA ALA A 46 -0.46 -3.64 -2.98
C ALA A 46 0.10 -4.19 -1.66
N LEU A 47 0.60 -3.30 -0.77
CA LEU A 47 1.16 -3.74 0.50
C LEU A 47 0.08 -4.30 1.42
N ILE A 48 -1.19 -3.90 1.25
CA ILE A 48 -2.28 -4.49 2.01
C ILE A 48 -2.50 -5.92 1.51
N LYS A 49 -2.60 -6.08 0.19
CA LYS A 49 -2.76 -7.37 -0.45
C LYS A 49 -1.54 -8.28 -0.26
N LEU A 50 -0.42 -7.75 0.23
CA LEU A 50 0.75 -8.52 0.60
C LEU A 50 0.78 -8.67 2.11
N GLY A 51 0.06 -7.77 2.81
CA GLY A 51 -0.11 -7.77 4.25
C GLY A 51 1.02 -7.04 4.96
N GLU A 52 1.82 -6.29 4.21
CA GLU A 52 2.86 -5.41 4.72
C GLU A 52 2.24 -4.08 5.07
N TYR A 53 1.11 -4.19 5.74
CA TYR A 53 0.38 -3.09 6.29
C TYR A 53 1.31 -2.11 6.99
N THR A 54 2.35 -2.61 7.68
CA THR A 54 3.25 -1.75 8.42
C THR A 54 3.83 -0.68 7.52
N GLN A 55 4.17 -1.07 6.29
CA GLN A 55 4.74 -0.20 5.29
C GLN A 55 3.63 0.60 4.61
N ALA A 56 2.49 -0.05 4.38
CA ALA A 56 1.33 0.56 3.78
C ALA A 56 0.90 1.81 4.54
N ILE A 57 0.92 1.74 5.87
CA ILE A 57 0.53 2.85 6.72
C ILE A 57 1.46 4.03 6.46
N GLN A 58 2.75 3.76 6.20
CA GLN A 58 3.73 4.80 5.95
C GLN A 58 3.52 5.43 4.58
N MET A 59 3.12 4.63 3.59
CA MET A 59 2.90 5.12 2.23
C MET A 59 1.72 6.07 2.20
N CYS A 60 0.63 5.72 2.89
CA CYS A 60 -0.59 6.51 2.81
C CYS A 60 -0.38 7.88 3.46
N GLN A 61 0.06 7.91 4.71
CA GLN A 61 0.38 9.19 5.35
C GLN A 61 1.42 10.02 4.58
N GLN A 62 2.31 9.39 3.80
CA GLN A 62 3.23 10.10 2.91
C GLN A 62 2.48 10.77 1.77
N GLY A 63 1.57 10.06 1.10
CA GLY A 63 0.81 10.64 0.00
C GLY A 63 0.23 12.00 0.36
N LEU A 64 -0.24 12.15 1.61
CA LEU A 64 -0.89 13.36 2.11
C LEU A 64 0.05 14.56 2.24
N ARG A 65 1.33 14.38 1.92
CA ARG A 65 2.33 15.42 2.01
C ARG A 65 2.32 16.23 0.72
N TYR A 66 1.67 15.64 -0.29
CA TYR A 66 1.67 16.14 -1.64
C TYR A 66 0.27 16.44 -2.20
N THR A 67 -0.80 16.06 -1.49
CA THR A 67 -2.17 16.23 -1.98
C THR A 67 -2.67 17.67 -1.90
N SER A 68 -1.76 18.64 -1.91
CA SER A 68 -2.07 20.07 -1.84
C SER A 68 -2.84 20.60 -3.05
N THR A 69 -3.21 19.73 -3.99
CA THR A 69 -3.88 20.13 -5.23
C THR A 69 -5.00 19.16 -5.61
N ALA A 70 -5.93 19.61 -6.47
CA ALA A 70 -7.12 18.86 -6.83
C ALA A 70 -6.85 17.76 -7.86
N GLU A 71 -5.63 17.64 -8.38
CA GLU A 71 -5.26 16.47 -9.19
C GLU A 71 -4.94 15.30 -8.29
N HIS A 72 -4.87 15.55 -6.98
CA HIS A 72 -4.43 14.56 -6.01
C HIS A 72 -5.52 14.23 -4.99
N VAL A 73 -6.67 14.88 -5.10
CA VAL A 73 -7.83 14.62 -4.25
C VAL A 73 -8.27 13.17 -4.36
N ALA A 74 -8.03 12.58 -5.52
CA ALA A 74 -8.40 11.20 -5.84
C ALA A 74 -7.71 10.23 -4.90
N ILE A 75 -6.47 10.60 -4.58
CA ILE A 75 -5.56 9.75 -3.85
C ILE A 75 -5.62 10.09 -2.38
N ARG A 76 -5.82 11.37 -2.10
CA ARG A 76 -6.04 11.84 -0.73
C ARG A 76 -7.18 11.05 -0.09
N SER A 77 -8.08 10.56 -0.94
CA SER A 77 -9.21 9.75 -0.53
C SER A 77 -8.78 8.34 -0.16
N LYS A 78 -7.68 7.86 -0.78
CA LYS A 78 -7.18 6.51 -0.58
C LYS A 78 -6.17 6.49 0.55
N LEU A 79 -5.38 7.54 0.69
CA LEU A 79 -4.38 7.67 1.75
C LEU A 79 -5.05 7.67 3.12
N GLN A 80 -6.37 7.68 3.15
CA GLN A 80 -7.21 7.59 4.32
C GLN A 80 -7.95 6.24 4.44
N TYR A 81 -8.03 5.46 3.36
CA TYR A 81 -8.73 4.18 3.37
C TYR A 81 -7.80 3.04 3.79
N ARG A 82 -6.86 2.66 2.91
CA ARG A 82 -5.94 1.57 3.19
C ARG A 82 -4.89 1.99 4.20
N LEU A 83 -4.92 3.27 4.59
CA LEU A 83 -4.13 3.74 5.72
C LEU A 83 -4.69 3.12 7.00
N GLU A 84 -6.02 3.04 7.09
CA GLU A 84 -6.69 2.68 8.34
C GLU A 84 -6.80 1.18 8.51
N LEU A 85 -7.09 0.49 7.41
CA LEU A 85 -7.29 -0.96 7.47
C LEU A 85 -5.98 -1.68 7.75
N ALA A 86 -4.88 -1.16 7.21
CA ALA A 86 -3.56 -1.70 7.40
C ALA A 86 -3.17 -1.70 8.87
N GLN A 87 -3.12 -0.53 9.51
CA GLN A 87 -2.79 -0.40 10.93
C GLN A 87 -3.77 -1.14 11.83
N GLY A 88 -4.94 -1.47 11.30
CA GLY A 88 -5.95 -2.23 12.01
C GLY A 88 -5.85 -3.71 11.67
N ALA A 89 -4.75 -4.10 11.01
CA ALA A 89 -4.52 -5.45 10.56
C ALA A 89 -3.05 -5.87 10.67
N VAL A 90 -2.13 -4.91 10.75
CA VAL A 90 -0.71 -5.18 10.65
C VAL A 90 -0.27 -6.42 11.42
N GLY A 91 -0.68 -6.43 12.68
CA GLY A 91 -0.31 -7.44 13.65
C GLY A 91 -1.52 -7.98 14.42
N SER A 92 -2.73 -7.67 13.96
CA SER A 92 -3.96 -8.13 14.57
C SER A 92 -4.08 -9.65 14.50
N VAL A 93 -3.69 -10.31 15.58
CA VAL A 93 -3.75 -11.76 15.71
C VAL A 93 -4.11 -12.11 17.14
N GLN A 94 -5.37 -12.50 17.34
CA GLN A 94 -5.88 -12.95 18.62
C GLN A 94 -5.59 -14.43 18.90
N ILE A 95 -4.86 -15.09 18.00
CA ILE A 95 -4.58 -16.53 18.11
C ILE A 95 -3.13 -16.85 17.74
N PRO A 96 -2.14 -16.10 18.26
CA PRO A 96 -0.73 -16.28 17.94
C PRO A 96 -0.19 -17.55 18.60
N VAL A 97 1.05 -17.92 18.24
CA VAL A 97 1.72 -19.09 18.81
C VAL A 97 2.14 -18.80 20.25
N VAL A 98 1.19 -18.94 21.18
CA VAL A 98 1.43 -18.75 22.60
C VAL A 98 0.83 -19.93 23.36
N GLU A 99 1.64 -20.96 23.56
CA GLU A 99 1.27 -22.22 24.18
C GLU A 99 2.44 -22.74 25.00
N VAL A 100 2.13 -23.46 26.08
CA VAL A 100 3.11 -24.09 26.95
C VAL A 100 2.62 -25.48 27.33
N ASP A 101 3.53 -26.46 27.29
CA ASP A 101 3.20 -27.85 27.58
C ASP A 101 4.44 -28.59 28.10
N GLU A 102 5.36 -27.81 28.67
CA GLU A 102 6.61 -28.29 29.21
C GLU A 102 7.01 -27.51 30.46
N LEU A 103 8.29 -27.59 30.83
CA LEU A 103 8.85 -26.95 32.01
C LEU A 103 8.56 -25.46 32.10
N PRO A 104 8.83 -24.91 33.30
CA PRO A 104 8.83 -23.49 33.60
C PRO A 104 9.70 -22.69 32.63
N GLU A 105 9.54 -21.37 32.63
CA GLU A 105 10.27 -20.47 31.74
C GLU A 105 11.70 -20.21 32.21
N GLY A 106 12.20 -21.00 33.16
CA GLY A 106 13.51 -20.77 33.73
C GLY A 106 13.92 -21.85 34.75
N TYR A 107 13.61 -23.13 34.47
CA TYR A 107 13.95 -24.23 35.32
C TYR A 107 15.45 -24.35 35.61
N ASP A 108 15.78 -25.23 36.55
CA ASP A 108 17.16 -25.56 36.88
C ASP A 108 17.22 -26.99 37.43
N ARG A 109 18.38 -27.63 37.34
CA ARG A 109 18.54 -29.03 37.73
C ARG A 109 19.91 -29.28 38.39
N SER A 110 20.76 -28.25 38.47
CA SER A 110 22.10 -28.38 39.04
C SER A 110 22.54 -27.04 39.63
N ALA B 1 -18.17 -3.83 -8.82
CA ALA B 1 -17.43 -3.38 -7.63
C ALA B 1 -18.19 -2.27 -6.91
N ASP B 2 -17.62 -1.78 -5.80
CA ASP B 2 -18.22 -0.75 -4.98
C ASP B 2 -17.13 0.19 -4.47
N THR B 3 -16.01 0.27 -5.20
CA THR B 3 -14.83 1.00 -4.76
C THR B 3 -14.03 1.61 -5.89
N GLU B 4 -13.36 2.70 -5.52
CA GLU B 4 -12.20 3.22 -6.21
C GLU B 4 -11.02 2.98 -5.25
N MET B 5 -11.35 2.63 -4.00
CA MET B 5 -10.44 2.35 -2.90
C MET B 5 -9.57 1.15 -3.19
N GLU B 6 -9.99 0.34 -4.16
CA GLU B 6 -9.33 -0.91 -4.51
C GLU B 6 -8.94 -0.85 -5.98
N GLU B 7 -8.82 0.38 -6.49
CA GLU B 7 -8.25 0.73 -7.78
C GLU B 7 -6.98 1.52 -7.49
N VAL B 8 -6.14 1.78 -8.49
CA VAL B 8 -4.80 2.27 -8.18
C VAL B 8 -4.69 3.80 -8.16
N ASP B 9 -4.91 4.48 -9.29
CA ASP B 9 -4.74 5.92 -9.36
C ASP B 9 -6.02 6.67 -8.97
N SER A 1 9.80 12.09 -20.39
CA SER A 1 9.61 11.26 -19.18
C SER A 1 8.20 10.66 -19.16
N GLN A 2 7.95 9.75 -18.21
CA GLN A 2 6.67 9.09 -18.05
C GLN A 2 6.38 8.85 -16.57
N PHE A 3 5.13 8.50 -16.27
CA PHE A 3 4.70 8.19 -14.90
C PHE A 3 3.40 7.41 -15.04
N GLU A 4 2.58 7.91 -15.94
CA GLU A 4 1.30 7.34 -16.29
C GLU A 4 1.42 5.89 -16.72
N LYS A 5 2.48 5.52 -17.43
CA LYS A 5 2.54 4.22 -18.03
C LYS A 5 2.68 3.13 -16.98
N GLN A 6 3.67 3.22 -16.11
CA GLN A 6 3.87 2.26 -15.03
C GLN A 6 2.66 2.25 -14.10
N LYS A 7 1.84 3.31 -14.15
CA LYS A 7 0.63 3.45 -13.36
C LYS A 7 -0.58 2.88 -14.10
N GLU A 8 -0.34 2.33 -15.30
CA GLU A 8 -1.32 1.63 -16.13
C GLU A 8 -0.82 0.22 -16.46
N GLN A 9 0.50 0.07 -16.52
CA GLN A 9 1.18 -1.20 -16.60
C GLN A 9 1.01 -1.99 -15.31
N GLY A 10 1.52 -1.44 -14.20
CA GLY A 10 1.42 -2.07 -12.89
C GLY A 10 -0.02 -2.05 -12.39
N ASN A 11 -0.85 -1.21 -13.03
CA ASN A 11 -2.26 -1.07 -12.75
C ASN A 11 -3.00 -2.38 -12.93
N SER A 12 -2.41 -3.33 -13.67
CA SER A 12 -3.06 -4.63 -13.84
C SER A 12 -2.23 -5.74 -13.21
N LEU A 13 -0.93 -5.54 -12.98
CA LEU A 13 -0.14 -6.54 -12.27
C LEU A 13 -0.63 -6.65 -10.82
N PHE A 14 -1.19 -5.56 -10.29
CA PHE A 14 -1.75 -5.54 -8.96
C PHE A 14 -3.06 -6.33 -8.93
N LYS A 15 -3.83 -6.25 -10.01
CA LYS A 15 -5.14 -6.87 -10.06
C LYS A 15 -5.09 -8.36 -10.40
N GLN A 16 -3.91 -8.88 -10.74
CA GLN A 16 -3.73 -10.26 -11.18
C GLN A 16 -3.34 -11.20 -10.05
N GLY A 17 -2.76 -10.67 -8.98
CA GLY A 17 -2.27 -11.51 -7.90
C GLY A 17 -0.88 -11.17 -7.44
N LEU A 18 -0.17 -10.41 -8.29
CA LEU A 18 1.23 -10.19 -8.15
C LEU A 18 1.49 -8.75 -7.77
N TYR A 19 0.95 -8.45 -6.59
CA TYR A 19 0.99 -7.15 -5.94
C TYR A 19 2.40 -6.59 -5.94
N ARG A 20 3.42 -7.44 -5.77
CA ARG A 20 4.79 -6.97 -5.69
C ARG A 20 5.29 -6.60 -7.08
N GLU A 21 4.95 -7.42 -8.07
CA GLU A 21 5.34 -7.13 -9.44
C GLU A 21 4.60 -5.88 -9.94
N ALA A 22 3.59 -5.44 -9.18
CA ALA A 22 2.96 -4.16 -9.38
C ALA A 22 3.77 -3.07 -8.68
N VAL A 23 4.11 -3.24 -7.39
CA VAL A 23 4.80 -2.23 -6.62
C VAL A 23 6.19 -1.95 -7.13
N HIS A 24 6.87 -3.00 -7.55
CA HIS A 24 8.23 -2.88 -8.02
C HIS A 24 8.33 -2.11 -9.34
N CYS A 25 7.19 -1.61 -9.84
CA CYS A 25 7.11 -0.70 -10.98
C CYS A 25 6.40 0.57 -10.52
N TYR A 26 5.53 0.46 -9.52
CA TYR A 26 4.92 1.58 -8.82
C TYR A 26 5.98 2.42 -8.14
N ASP A 27 7.05 1.77 -7.66
CA ASP A 27 8.12 2.44 -6.93
C ASP A 27 8.77 3.51 -7.79
N GLN A 28 8.70 3.36 -9.12
CA GLN A 28 9.22 4.37 -10.01
C GLN A 28 8.29 5.57 -10.14
N LEU A 29 7.00 5.43 -9.77
CA LEU A 29 6.10 6.57 -9.71
C LEU A 29 6.63 7.54 -8.66
N ILE A 30 7.11 6.98 -7.55
CA ILE A 30 7.63 7.77 -6.46
C ILE A 30 9.03 8.26 -6.78
N THR A 31 9.87 7.45 -7.42
CA THR A 31 11.20 7.92 -7.76
C THR A 31 11.16 8.96 -8.88
N ALA A 32 10.14 8.91 -9.74
CA ALA A 32 10.01 9.88 -10.81
C ALA A 32 9.30 11.13 -10.28
N GLN A 33 8.46 10.95 -9.26
CA GLN A 33 7.69 12.00 -8.64
C GLN A 33 7.55 11.72 -7.15
N PRO A 34 8.64 11.88 -6.41
CA PRO A 34 8.73 11.55 -5.01
C PRO A 34 7.91 12.52 -4.18
N GLN A 35 7.45 13.55 -4.86
CA GLN A 35 6.45 14.48 -4.36
C GLN A 35 5.11 14.29 -5.07
N ASN A 36 4.63 13.04 -5.12
CA ASN A 36 3.35 12.71 -5.70
C ASN A 36 2.71 11.58 -4.88
N PRO A 37 1.40 11.66 -4.60
CA PRO A 37 0.69 10.69 -3.82
C PRO A 37 0.37 9.37 -4.52
N VAL A 38 -0.15 9.37 -5.75
CA VAL A 38 -0.50 8.10 -6.39
C VAL A 38 0.65 7.13 -6.48
N GLY A 39 1.85 7.72 -6.48
CA GLY A 39 3.08 6.94 -6.34
C GLY A 39 2.95 6.05 -5.12
N TYR A 40 2.62 6.65 -3.97
CA TYR A 40 2.50 5.95 -2.71
C TYR A 40 1.18 5.16 -2.67
N SER A 41 0.16 5.63 -3.39
CA SER A 41 -1.17 5.03 -3.32
C SER A 41 -1.17 3.64 -3.95
N ASN A 42 -0.40 3.47 -5.04
CA ASN A 42 -0.32 2.22 -5.76
C ASN A 42 0.52 1.23 -4.95
N LYS A 43 1.73 1.65 -4.58
CA LYS A 43 2.65 0.86 -3.76
C LYS A 43 1.96 0.53 -2.43
N ALA A 44 1.05 1.39 -1.95
CA ALA A 44 0.36 1.17 -0.70
C ALA A 44 -0.75 0.12 -0.84
N MET A 45 -1.64 0.26 -1.84
CA MET A 45 -2.72 -0.70 -2.00
C MET A 45 -2.19 -2.12 -2.14
N ALA A 46 -1.05 -2.28 -2.82
CA ALA A 46 -0.45 -3.58 -2.98
C ALA A 46 0.06 -4.13 -1.65
N LEU A 47 0.59 -3.26 -0.79
CA LEU A 47 1.10 -3.69 0.51
C LEU A 47 -0.01 -4.23 1.40
N ILE A 48 -1.26 -3.80 1.21
CA ILE A 48 -2.38 -4.38 1.94
C ILE A 48 -2.60 -5.80 1.44
N LYS A 49 -2.67 -5.96 0.11
CA LYS A 49 -2.80 -7.25 -0.52
C LYS A 49 -1.57 -8.14 -0.31
N LEU A 50 -0.49 -7.59 0.28
CA LEU A 50 0.70 -8.33 0.66
C LEU A 50 0.70 -8.48 2.20
N GLY A 51 -0.19 -7.74 2.86
CA GLY A 51 -0.35 -7.71 4.30
C GLY A 51 0.82 -7.04 4.99
N GLU A 52 1.59 -6.28 4.20
CA GLU A 52 2.70 -5.46 4.64
C GLU A 52 2.15 -4.08 5.00
N TYR A 53 1.01 -4.15 5.68
CA TYR A 53 0.32 -3.03 6.23
C TYR A 53 1.27 -2.07 6.94
N THR A 54 2.27 -2.61 7.65
CA THR A 54 3.19 -1.78 8.41
C THR A 54 3.80 -0.72 7.52
N GLN A 55 4.11 -1.10 6.28
CA GLN A 55 4.70 -0.22 5.30
C GLN A 55 3.63 0.59 4.60
N ALA A 56 2.48 -0.04 4.37
CA ALA A 56 1.33 0.61 3.75
C ALA A 56 0.89 1.85 4.51
N ILE A 57 0.92 1.78 5.84
CA ILE A 57 0.56 2.90 6.70
C ILE A 57 1.51 4.07 6.46
N GLN A 58 2.79 3.77 6.19
CA GLN A 58 3.79 4.79 5.94
C GLN A 58 3.59 5.41 4.56
N MET A 59 3.18 4.62 3.58
CA MET A 59 2.95 5.11 2.22
C MET A 59 1.81 6.11 2.21
N CYS A 60 0.72 5.80 2.90
CA CYS A 60 -0.47 6.62 2.84
C CYS A 60 -0.24 7.99 3.46
N GLN A 61 0.18 8.04 4.72
CA GLN A 61 0.52 9.31 5.35
C GLN A 61 1.57 10.12 4.57
N GLN A 62 2.45 9.46 3.80
CA GLN A 62 3.36 10.14 2.88
C GLN A 62 2.59 10.78 1.74
N GLY A 63 1.68 10.06 1.09
CA GLY A 63 0.92 10.61 -0.01
C GLY A 63 0.32 11.98 0.35
N LEU A 64 -0.16 12.12 1.58
CA LEU A 64 -0.81 13.34 2.09
C LEU A 64 0.13 14.53 2.22
N ARG A 65 1.41 14.35 1.90
CA ARG A 65 2.40 15.41 1.98
C ARG A 65 2.34 16.23 0.70
N TYR A 66 1.70 15.62 -0.30
CA TYR A 66 1.65 16.12 -1.65
C TYR A 66 0.24 16.42 -2.17
N THR A 67 -0.81 15.99 -1.47
CA THR A 67 -2.19 16.14 -1.93
C THR A 67 -2.72 17.58 -1.82
N SER A 68 -1.82 18.57 -1.84
CA SER A 68 -2.15 19.98 -1.73
C SER A 68 -2.89 20.52 -2.95
N THR A 69 -3.26 19.66 -3.90
CA THR A 69 -3.90 20.07 -5.15
C THR A 69 -5.02 19.11 -5.54
N ALA A 70 -5.94 19.58 -6.39
CA ALA A 70 -7.13 18.83 -6.78
C ALA A 70 -6.87 17.73 -7.80
N GLU A 71 -5.65 17.60 -8.32
CA GLU A 71 -5.29 16.45 -9.13
C GLU A 71 -4.97 15.25 -8.23
N HIS A 72 -4.88 15.50 -6.92
CA HIS A 72 -4.43 14.52 -5.95
C HIS A 72 -5.53 14.18 -4.94
N VAL A 73 -6.69 14.84 -5.06
CA VAL A 73 -7.84 14.58 -4.20
C VAL A 73 -8.29 13.12 -4.33
N ALA A 74 -8.03 12.54 -5.49
CA ALA A 74 -8.40 11.17 -5.82
C ALA A 74 -7.70 10.18 -4.91
N ILE A 75 -6.48 10.53 -4.55
CA ILE A 75 -5.57 9.67 -3.84
C ILE A 75 -5.59 9.99 -2.37
N ARG A 76 -5.81 11.28 -2.07
CA ARG A 76 -6.01 11.72 -0.71
C ARG A 76 -7.14 10.92 -0.07
N SER A 77 -8.05 10.45 -0.93
CA SER A 77 -9.20 9.65 -0.53
C SER A 77 -8.79 8.22 -0.20
N LYS A 78 -7.67 7.75 -0.76
CA LYS A 78 -7.19 6.40 -0.55
C LYS A 78 -6.19 6.35 0.60
N LEU A 79 -5.39 7.41 0.73
CA LEU A 79 -4.39 7.56 1.79
C LEU A 79 -5.05 7.66 3.16
N GLN A 80 -6.38 7.68 3.19
CA GLN A 80 -7.21 7.64 4.36
C GLN A 80 -7.96 6.32 4.53
N TYR A 81 -7.98 5.49 3.49
CA TYR A 81 -8.65 4.20 3.53
C TYR A 81 -7.69 3.07 3.80
N ARG A 82 -6.75 2.83 2.88
CA ARG A 82 -5.82 1.72 3.05
C ARG A 82 -4.73 2.11 4.04
N LEU A 83 -4.82 3.35 4.54
CA LEU A 83 -4.04 3.81 5.67
C LEU A 83 -4.61 3.19 6.94
N GLU A 84 -5.94 3.15 7.05
CA GLU A 84 -6.60 2.80 8.30
C GLU A 84 -6.75 1.29 8.45
N LEU A 85 -7.08 0.61 7.36
CA LEU A 85 -7.32 -0.82 7.40
C LEU A 85 -6.03 -1.57 7.69
N ALA A 86 -4.91 -1.07 7.16
CA ALA A 86 -3.59 -1.64 7.34
C ALA A 86 -3.22 -1.65 8.82
N GLN A 87 -3.16 -0.48 9.47
CA GLN A 87 -2.82 -0.35 10.88
C GLN A 87 -3.81 -1.07 11.79
N GLY A 88 -5.00 -1.37 11.26
CA GLY A 88 -6.03 -2.09 11.97
C GLY A 88 -5.96 -3.58 11.63
N ALA A 89 -4.88 -3.99 10.97
CA ALA A 89 -4.67 -5.36 10.53
C ALA A 89 -3.24 -5.81 10.72
N VAL A 90 -2.29 -4.88 10.83
CA VAL A 90 -0.88 -5.25 10.81
C VAL A 90 -0.54 -6.36 11.78
N GLY A 91 -0.94 -6.17 13.03
CA GLY A 91 -0.68 -7.08 14.13
C GLY A 91 -1.87 -7.99 14.43
N SER A 92 -2.95 -7.89 13.64
CA SER A 92 -4.15 -8.70 13.82
C SER A 92 -3.96 -10.13 13.29
N VAL A 93 -2.70 -10.55 13.18
CA VAL A 93 -2.34 -11.89 12.73
C VAL A 93 -1.26 -12.45 13.64
N GLN A 94 -1.68 -13.36 14.50
CA GLN A 94 -0.82 -14.07 15.42
C GLN A 94 -0.16 -15.29 14.78
N ILE A 95 -0.38 -15.52 13.47
CA ILE A 95 0.15 -16.68 12.77
C ILE A 95 0.58 -16.31 11.35
N PRO A 96 1.42 -15.27 11.19
CA PRO A 96 1.92 -14.82 9.90
C PRO A 96 2.94 -15.80 9.33
N VAL A 97 3.48 -15.47 8.15
CA VAL A 97 4.49 -16.28 7.47
C VAL A 97 5.85 -16.14 8.16
N VAL A 98 5.97 -16.67 9.37
CA VAL A 98 7.20 -16.67 10.14
C VAL A 98 8.22 -17.61 9.49
N GLU A 99 8.98 -17.07 8.53
CA GLU A 99 10.05 -17.79 7.87
C GLU A 99 11.21 -18.05 8.83
N VAL A 100 12.27 -18.67 8.31
CA VAL A 100 13.48 -18.93 9.06
C VAL A 100 14.68 -18.44 8.25
N ASP A 101 15.63 -17.80 8.93
CA ASP A 101 16.76 -17.16 8.27
C ASP A 101 18.01 -17.20 9.17
N GLU A 102 18.07 -18.21 10.03
CA GLU A 102 19.15 -18.40 10.98
C GLU A 102 20.50 -18.59 10.28
N LEU A 103 21.56 -18.46 11.08
CA LEU A 103 22.94 -18.72 10.75
C LEU A 103 23.15 -20.07 10.07
N PRO A 104 24.38 -20.26 9.55
CA PRO A 104 24.88 -21.51 9.00
C PRO A 104 24.66 -22.70 9.93
N GLU A 105 24.72 -23.91 9.37
CA GLU A 105 24.48 -25.15 10.10
C GLU A 105 25.65 -25.53 10.99
N GLY A 106 26.56 -24.61 11.26
CA GLY A 106 27.76 -24.90 12.03
C GLY A 106 28.63 -23.68 12.30
N TYR A 107 28.02 -22.50 12.51
CA TYR A 107 28.73 -21.29 12.81
C TYR A 107 29.62 -21.40 14.04
N ASP A 108 30.43 -20.36 14.25
CA ASP A 108 31.26 -20.22 15.43
C ASP A 108 31.48 -18.74 15.73
N ARG A 109 31.60 -18.39 17.00
CA ARG A 109 31.69 -17.00 17.44
C ARG A 109 32.59 -16.92 18.67
N SER A 110 33.89 -16.67 18.44
CA SER A 110 34.88 -16.54 19.50
C SER A 110 35.96 -15.53 19.11
N ALA B 1 -16.51 -4.21 -5.99
CA ALA B 1 -15.81 -2.96 -6.33
C ALA B 1 -16.82 -1.83 -6.56
N ASP B 2 -16.73 -0.78 -5.75
CA ASP B 2 -17.63 0.38 -5.83
C ASP B 2 -16.90 1.64 -5.37
N THR B 3 -15.58 1.65 -5.47
CA THR B 3 -14.74 2.74 -4.99
C THR B 3 -13.45 2.82 -5.81
N GLU B 4 -12.76 3.95 -5.71
CA GLU B 4 -11.52 4.17 -6.44
C GLU B 4 -10.31 3.67 -5.66
N MET B 5 -10.45 3.42 -4.35
CA MET B 5 -9.37 2.79 -3.59
C MET B 5 -9.26 1.32 -3.95
N GLU B 6 -10.34 0.78 -4.55
CA GLU B 6 -10.35 -0.57 -5.08
C GLU B 6 -9.74 -0.55 -6.49
N GLU B 7 -9.09 0.57 -6.83
CA GLU B 7 -8.37 0.80 -8.07
C GLU B 7 -7.08 1.55 -7.69
N VAL B 8 -6.15 1.72 -8.63
CA VAL B 8 -4.82 2.17 -8.23
C VAL B 8 -4.64 3.69 -8.24
N ASP B 9 -4.96 4.37 -9.34
CA ASP B 9 -4.71 5.80 -9.46
C ASP B 9 -6.01 6.61 -9.31
N SER A 1 3.09 10.60 -21.34
CA SER A 1 3.50 9.23 -21.00
C SER A 1 4.87 9.20 -20.35
N GLN A 2 4.93 9.53 -19.05
CA GLN A 2 6.17 9.54 -18.29
C GLN A 2 5.96 9.12 -16.83
N PHE A 3 4.73 8.71 -16.48
CA PHE A 3 4.39 8.36 -15.10
C PHE A 3 3.12 7.53 -15.15
N GLU A 4 2.23 7.95 -16.04
CA GLU A 4 0.97 7.32 -16.32
C GLU A 4 1.10 5.83 -16.63
N LYS A 5 2.13 5.43 -17.36
CA LYS A 5 2.21 4.05 -17.81
C LYS A 5 2.67 3.19 -16.65
N GLN A 6 3.62 3.70 -15.87
CA GLN A 6 4.07 3.08 -14.64
C GLN A 6 2.92 2.98 -13.64
N LYS A 7 1.81 3.67 -13.92
CA LYS A 7 0.67 3.74 -13.03
C LYS A 7 -0.50 2.90 -13.51
N GLU A 8 -0.49 2.48 -14.79
CA GLU A 8 -1.47 1.50 -15.25
C GLU A 8 -0.82 0.25 -15.86
N GLN A 9 0.51 0.16 -15.93
CA GLN A 9 1.18 -1.08 -16.26
C GLN A 9 1.20 -2.02 -15.06
N GLY A 10 1.75 -1.60 -13.92
CA GLY A 10 1.78 -2.43 -12.71
C GLY A 10 0.36 -2.63 -12.19
N ASN A 11 -0.55 -1.73 -12.55
CA ASN A 11 -1.97 -1.84 -12.28
C ASN A 11 -2.49 -3.17 -12.81
N SER A 12 -2.13 -3.49 -14.07
CA SER A 12 -2.56 -4.72 -14.70
C SER A 12 -1.79 -5.91 -14.15
N LEU A 13 -0.86 -5.68 -13.21
CA LEU A 13 -0.18 -6.73 -12.48
C LEU A 13 -0.75 -6.82 -11.06
N PHE A 14 -1.21 -5.70 -10.52
CA PHE A 14 -1.79 -5.63 -9.18
C PHE A 14 -3.12 -6.37 -9.14
N LYS A 15 -3.78 -6.50 -10.29
CA LYS A 15 -5.10 -7.10 -10.35
C LYS A 15 -5.05 -8.54 -10.89
N GLN A 16 -3.86 -9.15 -10.88
CA GLN A 16 -3.62 -10.50 -11.36
C GLN A 16 -3.09 -11.41 -10.26
N GLY A 17 -2.81 -10.86 -9.07
CA GLY A 17 -2.24 -11.65 -7.98
C GLY A 17 -0.91 -11.12 -7.50
N LEU A 18 -0.14 -10.63 -8.46
CA LEU A 18 1.24 -10.28 -8.25
C LEU A 18 1.35 -8.84 -7.81
N TYR A 19 0.87 -8.61 -6.59
CA TYR A 19 0.84 -7.31 -5.96
C TYR A 19 2.23 -6.71 -5.89
N ARG A 20 3.27 -7.52 -5.68
CA ARG A 20 4.61 -7.00 -5.50
C ARG A 20 5.18 -6.58 -6.84
N GLU A 21 5.01 -7.42 -7.85
CA GLU A 21 5.51 -7.11 -9.19
C GLU A 21 4.83 -5.84 -9.71
N ALA A 22 3.64 -5.57 -9.19
CA ALA A 22 2.90 -4.37 -9.51
C ALA A 22 3.53 -3.15 -8.84
N VAL A 23 4.00 -3.29 -7.59
CA VAL A 23 4.57 -2.20 -6.84
C VAL A 23 5.94 -1.90 -7.38
N HIS A 24 6.53 -2.96 -7.92
CA HIS A 24 7.84 -2.97 -8.52
C HIS A 24 7.88 -2.09 -9.78
N CYS A 25 6.75 -1.51 -10.15
CA CYS A 25 6.65 -0.56 -11.26
C CYS A 25 6.00 0.73 -10.75
N TYR A 26 5.15 0.60 -9.73
CA TYR A 26 4.60 1.70 -8.95
C TYR A 26 5.70 2.48 -8.26
N ASP A 27 6.78 1.80 -7.85
CA ASP A 27 7.85 2.42 -7.10
C ASP A 27 8.52 3.50 -7.94
N GLN A 28 8.46 3.38 -9.28
CA GLN A 28 9.01 4.41 -10.14
C GLN A 28 8.10 5.63 -10.22
N LEU A 29 6.84 5.52 -9.79
CA LEU A 29 5.97 6.69 -9.70
C LEU A 29 6.54 7.62 -8.65
N ILE A 30 7.02 7.02 -7.56
CA ILE A 30 7.55 7.78 -6.45
C ILE A 30 8.98 8.20 -6.72
N THR A 31 9.77 7.36 -7.39
CA THR A 31 11.13 7.78 -7.69
C THR A 31 11.13 8.84 -8.79
N ALA A 32 10.12 8.84 -9.67
CA ALA A 32 10.05 9.86 -10.71
C ALA A 32 9.38 11.11 -10.16
N GLN A 33 8.52 10.95 -9.16
CA GLN A 33 7.79 12.03 -8.53
C GLN A 33 7.64 11.72 -7.04
N PRO A 34 8.74 11.83 -6.32
CA PRO A 34 8.81 11.46 -4.91
C PRO A 34 8.01 12.44 -4.07
N GLN A 35 7.61 13.51 -4.74
CA GLN A 35 6.65 14.48 -4.24
C GLN A 35 5.30 14.34 -4.94
N ASN A 36 4.78 13.10 -5.00
CA ASN A 36 3.49 12.80 -5.56
C ASN A 36 2.85 11.69 -4.73
N PRO A 37 1.55 11.80 -4.43
CA PRO A 37 0.85 10.85 -3.58
C PRO A 37 0.39 9.59 -4.29
N VAL A 38 -0.07 9.71 -5.55
CA VAL A 38 -0.63 8.55 -6.20
C VAL A 38 0.43 7.46 -6.31
N GLY A 39 1.68 7.92 -6.37
CA GLY A 39 2.86 7.07 -6.32
C GLY A 39 2.78 6.16 -5.11
N TYR A 40 2.55 6.76 -3.93
CA TYR A 40 2.50 6.03 -2.69
C TYR A 40 1.20 5.24 -2.63
N SER A 41 0.14 5.74 -3.28
CA SER A 41 -1.17 5.13 -3.22
C SER A 41 -1.20 3.79 -3.94
N ASN A 42 -0.53 3.69 -5.10
CA ASN A 42 -0.46 2.44 -5.84
C ASN A 42 0.34 1.40 -5.05
N LYS A 43 1.59 1.74 -4.70
CA LYS A 43 2.49 0.89 -3.91
C LYS A 43 1.82 0.52 -2.59
N ALA A 44 1.04 1.44 -2.00
CA ALA A 44 0.41 1.20 -0.71
C ALA A 44 -0.73 0.18 -0.81
N MET A 45 -1.61 0.33 -1.80
CA MET A 45 -2.76 -0.56 -1.92
C MET A 45 -2.30 -2.00 -2.14
N ALA A 46 -1.11 -2.17 -2.74
CA ALA A 46 -0.55 -3.49 -2.95
C ALA A 46 0.08 -4.05 -1.68
N LEU A 47 0.64 -3.18 -0.82
CA LEU A 47 1.20 -3.63 0.45
C LEU A 47 0.10 -4.16 1.36
N ILE A 48 -1.14 -3.72 1.17
CA ILE A 48 -2.26 -4.28 1.92
C ILE A 48 -2.55 -5.68 1.40
N LYS A 49 -2.62 -5.81 0.08
CA LYS A 49 -2.82 -7.08 -0.58
C LYS A 49 -1.67 -8.06 -0.31
N LEU A 50 -0.54 -7.59 0.25
CA LEU A 50 0.56 -8.42 0.64
C LEU A 50 0.57 -8.55 2.18
N GLY A 51 -0.10 -7.60 2.85
CA GLY A 51 -0.27 -7.52 4.29
C GLY A 51 0.92 -6.87 4.96
N GLU A 52 1.76 -6.19 4.17
CA GLU A 52 2.86 -5.36 4.64
C GLU A 52 2.34 -3.98 4.97
N TYR A 53 1.12 -3.98 5.51
CA TYR A 53 0.47 -2.84 6.11
C TYR A 53 1.46 -1.96 6.87
N THR A 54 2.38 -2.55 7.64
CA THR A 54 3.32 -1.80 8.46
C THR A 54 3.99 -0.73 7.63
N GLN A 55 4.24 -1.09 6.38
CA GLN A 55 4.84 -0.24 5.37
C GLN A 55 3.79 0.61 4.68
N ALA A 56 2.63 0.01 4.38
CA ALA A 56 1.52 0.69 3.75
C ALA A 56 1.04 1.90 4.54
N ILE A 57 1.05 1.79 5.87
CA ILE A 57 0.64 2.86 6.77
C ILE A 57 1.56 4.05 6.55
N GLN A 58 2.84 3.78 6.29
CA GLN A 58 3.82 4.82 6.02
C GLN A 58 3.59 5.44 4.65
N MET A 59 3.22 4.62 3.65
CA MET A 59 2.99 5.09 2.30
C MET A 59 1.77 6.01 2.25
N CYS A 60 0.68 5.62 2.91
CA CYS A 60 -0.56 6.38 2.80
C CYS A 60 -0.37 7.78 3.38
N GLN A 61 0.11 7.87 4.61
CA GLN A 61 0.39 9.16 5.23
C GLN A 61 1.50 9.97 4.53
N GLN A 62 2.43 9.32 3.83
CA GLN A 62 3.38 10.05 2.98
C GLN A 62 2.65 10.70 1.81
N GLY A 63 1.72 9.98 1.18
CA GLY A 63 0.99 10.56 0.06
C GLY A 63 0.35 11.90 0.44
N LEU A 64 -0.14 12.00 1.68
CA LEU A 64 -0.81 13.18 2.21
C LEU A 64 0.09 14.41 2.27
N ARG A 65 1.38 14.26 1.97
CA ARG A 65 2.36 15.33 2.05
C ARG A 65 2.36 16.12 0.76
N TYR A 66 1.80 15.48 -0.27
CA TYR A 66 1.84 15.96 -1.64
C TYR A 66 0.49 16.25 -2.27
N THR A 67 -0.63 15.97 -1.59
CA THR A 67 -1.97 16.15 -2.14
C THR A 67 -2.43 17.60 -2.17
N SER A 68 -1.49 18.54 -2.26
CA SER A 68 -1.75 19.98 -2.27
C SER A 68 -2.50 20.48 -3.51
N THR A 69 -2.95 19.58 -4.38
CA THR A 69 -3.61 19.94 -5.64
C THR A 69 -4.79 19.02 -5.94
N ALA A 70 -5.69 19.49 -6.81
CA ALA A 70 -6.93 18.80 -7.13
C ALA A 70 -6.75 17.58 -8.06
N GLU A 71 -5.57 17.41 -8.66
CA GLU A 71 -5.27 16.19 -9.40
C GLU A 71 -4.97 15.05 -8.44
N HIS A 72 -4.84 15.36 -7.15
CA HIS A 72 -4.44 14.41 -6.12
C HIS A 72 -5.52 14.24 -5.07
N VAL A 73 -6.65 14.93 -5.22
CA VAL A 73 -7.72 14.92 -4.23
C VAL A 73 -8.34 13.54 -4.07
N ALA A 74 -8.36 12.75 -5.15
CA ALA A 74 -8.92 11.42 -5.08
C ALA A 74 -8.04 10.56 -4.19
N ILE A 75 -6.72 10.80 -4.26
CA ILE A 75 -5.79 10.00 -3.52
C ILE A 75 -5.69 10.43 -2.08
N ARG A 76 -5.98 11.71 -1.86
CA ARG A 76 -6.13 12.25 -0.52
C ARG A 76 -7.24 11.49 0.20
N SER A 77 -8.09 10.83 -0.58
CA SER A 77 -9.12 9.95 -0.07
C SER A 77 -8.66 8.49 -0.16
N LYS A 78 -7.73 8.19 -1.07
CA LYS A 78 -7.27 6.81 -1.21
C LYS A 78 -6.29 6.41 -0.14
N LEU A 79 -5.33 7.27 0.20
CA LEU A 79 -4.33 6.94 1.21
C LEU A 79 -5.04 6.56 2.51
N GLN A 80 -6.08 7.31 2.86
CA GLN A 80 -6.79 7.23 4.12
C GLN A 80 -7.61 5.95 4.22
N TYR A 81 -7.92 5.35 3.07
CA TYR A 81 -8.71 4.14 3.03
C TYR A 81 -7.91 2.89 3.41
N ARG A 82 -6.60 2.86 3.14
CA ARG A 82 -5.80 1.71 3.53
C ARG A 82 -5.07 2.05 4.81
N LEU A 83 -4.93 3.35 5.07
CA LEU A 83 -4.36 3.85 6.29
C LEU A 83 -5.27 3.51 7.46
N GLU A 84 -6.54 3.23 7.16
CA GLU A 84 -7.52 2.86 8.18
C GLU A 84 -7.61 1.34 8.35
N LEU A 85 -7.03 0.57 7.42
CA LEU A 85 -7.17 -0.88 7.44
C LEU A 85 -5.86 -1.59 7.76
N ALA A 86 -4.75 -1.12 7.19
CA ALA A 86 -3.44 -1.69 7.33
C ALA A 86 -3.05 -1.72 8.80
N GLN A 87 -2.95 -0.56 9.46
CA GLN A 87 -2.59 -0.51 10.86
C GLN A 87 -3.58 -1.26 11.75
N GLY A 88 -4.80 -1.44 11.26
CA GLY A 88 -5.83 -2.18 11.95
C GLY A 88 -5.65 -3.69 11.74
N ALA A 89 -4.55 -4.07 11.09
CA ALA A 89 -4.15 -5.44 10.84
C ALA A 89 -2.67 -5.63 11.19
N VAL A 90 -2.03 -4.58 11.73
CA VAL A 90 -0.60 -4.55 12.08
C VAL A 90 -0.37 -4.32 13.55
N GLY A 91 -1.16 -3.38 14.07
CA GLY A 91 -1.00 -2.87 15.42
C GLY A 91 -2.28 -3.01 16.25
N SER A 92 -3.30 -3.64 15.68
CA SER A 92 -4.55 -3.92 16.39
C SER A 92 -4.36 -4.98 17.46
N VAL A 93 -5.42 -5.27 18.21
CA VAL A 93 -5.37 -6.30 19.25
C VAL A 93 -5.26 -7.68 18.67
N GLN A 94 -5.80 -7.79 17.48
CA GLN A 94 -5.96 -8.97 16.66
C GLN A 94 -6.15 -10.32 17.37
N ILE A 95 -6.60 -10.32 18.63
CA ILE A 95 -6.98 -11.52 19.36
C ILE A 95 -8.28 -11.37 20.17
N PRO A 96 -9.15 -10.35 19.94
CA PRO A 96 -10.36 -10.18 20.72
C PRO A 96 -11.41 -11.21 20.30
N VAL A 97 -12.60 -11.13 20.91
CA VAL A 97 -13.71 -12.03 20.62
C VAL A 97 -14.96 -11.20 20.37
N VAL A 98 -14.78 -10.18 19.53
CA VAL A 98 -15.78 -9.22 19.11
C VAL A 98 -16.82 -9.82 18.16
N GLU A 99 -16.98 -11.13 18.26
CA GLU A 99 -17.87 -11.94 17.44
C GLU A 99 -19.32 -11.49 17.55
N VAL A 100 -20.03 -11.54 16.43
CA VAL A 100 -21.46 -11.33 16.34
C VAL A 100 -22.02 -12.33 15.35
N ASP A 101 -23.15 -12.95 15.69
CA ASP A 101 -23.79 -13.95 14.85
C ASP A 101 -25.30 -13.97 15.12
N GLU A 102 -25.80 -12.85 15.65
CA GLU A 102 -27.19 -12.67 16.00
C GLU A 102 -27.63 -11.22 15.87
N LEU A 103 -28.76 -10.90 16.48
CA LEU A 103 -29.40 -9.62 16.56
C LEU A 103 -28.52 -8.56 17.23
N PRO A 104 -29.08 -7.36 17.40
CA PRO A 104 -28.45 -6.18 17.95
C PRO A 104 -28.48 -6.18 19.48
N GLU A 105 -27.73 -5.27 20.09
CA GLU A 105 -27.54 -5.21 21.54
C GLU A 105 -28.73 -4.65 22.32
N GLY A 106 -29.92 -4.59 21.70
CA GLY A 106 -31.09 -4.03 22.34
C GLY A 106 -32.39 -4.46 21.64
N TYR A 107 -32.35 -5.62 20.98
CA TYR A 107 -33.46 -6.11 20.18
C TYR A 107 -34.73 -6.36 20.98
N ASP A 108 -34.54 -6.79 22.23
CA ASP A 108 -35.55 -7.17 23.21
C ASP A 108 -36.97 -7.18 22.64
N ARG A 109 -37.37 -8.33 22.07
CA ARG A 109 -38.65 -8.50 21.39
C ARG A 109 -39.85 -8.22 22.29
N SER A 110 -39.70 -8.39 23.61
CA SER A 110 -40.79 -8.20 24.55
C SER A 110 -40.26 -7.93 25.96
N ALA B 1 -18.72 -2.95 -9.08
CA ALA B 1 -18.05 -2.61 -7.81
C ALA B 1 -18.71 -1.39 -7.16
N ASP B 2 -18.09 -0.87 -6.09
CA ASP B 2 -18.58 0.29 -5.35
C ASP B 2 -17.39 1.11 -4.85
N THR B 3 -16.24 0.97 -5.52
CA THR B 3 -15.00 1.59 -5.11
C THR B 3 -14.10 1.96 -6.28
N GLU B 4 -13.19 2.88 -5.97
CA GLU B 4 -11.99 3.16 -6.72
C GLU B 4 -10.83 3.06 -5.72
N MET B 5 -11.18 2.74 -4.46
CA MET B 5 -10.28 2.63 -3.33
C MET B 5 -9.44 1.37 -3.46
N GLU B 6 -10.11 0.29 -3.86
CA GLU B 6 -9.55 -1.05 -3.95
C GLU B 6 -8.94 -1.26 -5.34
N GLU B 7 -9.16 -0.29 -6.23
CA GLU B 7 -8.48 -0.23 -7.54
C GLU B 7 -7.07 0.34 -7.32
N VAL B 8 -6.57 1.13 -8.28
CA VAL B 8 -5.22 1.70 -8.16
C VAL B 8 -5.27 3.22 -8.34
N ASP B 9 -4.11 3.87 -8.50
CA ASP B 9 -3.94 5.31 -8.46
C ASP B 9 -4.86 5.97 -7.42
N SER A 1 11.40 10.32 -20.55
CA SER A 1 10.65 10.61 -19.31
C SER A 1 9.24 10.03 -19.39
N GLN A 2 8.85 9.31 -18.34
CA GLN A 2 7.52 8.69 -18.26
C GLN A 2 7.10 8.53 -16.80
N PHE A 3 5.84 8.17 -16.59
CA PHE A 3 5.29 7.95 -15.25
C PHE A 3 4.02 7.15 -15.42
N GLU A 4 3.28 7.53 -16.46
CA GLU A 4 2.05 6.89 -16.83
C GLU A 4 2.23 5.40 -17.05
N LYS A 5 3.26 4.96 -17.79
CA LYS A 5 3.30 3.56 -18.12
C LYS A 5 3.66 2.76 -16.88
N GLN A 6 4.55 3.32 -16.08
CA GLN A 6 4.98 2.74 -14.81
C GLN A 6 3.81 2.63 -13.83
N LYS A 7 2.68 3.26 -14.17
CA LYS A 7 1.48 3.29 -13.33
C LYS A 7 0.38 2.46 -13.95
N GLU A 8 0.26 2.53 -15.27
CA GLU A 8 -0.74 1.83 -16.07
C GLU A 8 -0.34 0.38 -16.31
N GLN A 9 0.96 0.09 -16.30
CA GLN A 9 1.44 -1.28 -16.44
C GLN A 9 1.16 -2.08 -15.18
N GLY A 10 1.50 -1.53 -14.01
CA GLY A 10 1.26 -2.21 -12.74
C GLY A 10 -0.24 -2.17 -12.41
N ASN A 11 -0.98 -1.30 -13.12
CA ASN A 11 -2.41 -1.10 -12.94
C ASN A 11 -3.19 -2.38 -13.17
N SER A 12 -2.56 -3.37 -13.83
CA SER A 12 -3.21 -4.66 -14.01
C SER A 12 -2.48 -5.76 -13.25
N LEU A 13 -1.15 -5.67 -13.11
CA LEU A 13 -0.39 -6.60 -12.30
C LEU A 13 -0.94 -6.67 -10.87
N PHE A 14 -1.41 -5.53 -10.36
CA PHE A 14 -1.98 -5.46 -9.02
C PHE A 14 -3.31 -6.20 -8.97
N LYS A 15 -4.06 -6.17 -10.06
CA LYS A 15 -5.39 -6.76 -10.09
C LYS A 15 -5.36 -8.26 -10.43
N GLN A 16 -4.19 -8.80 -10.78
CA GLN A 16 -4.04 -10.18 -11.21
C GLN A 16 -3.68 -11.11 -10.05
N GLY A 17 -3.05 -10.57 -9.00
CA GLY A 17 -2.60 -11.41 -7.89
C GLY A 17 -1.22 -11.04 -7.41
N LEU A 18 -0.46 -10.41 -8.30
CA LEU A 18 0.95 -10.20 -8.11
C LEU A 18 1.20 -8.76 -7.73
N TYR A 19 0.62 -8.44 -6.58
CA TYR A 19 0.67 -7.13 -5.97
C TYR A 19 2.07 -6.59 -5.95
N ARG A 20 3.07 -7.42 -5.66
CA ARG A 20 4.45 -6.97 -5.50
C ARG A 20 5.00 -6.58 -6.85
N GLU A 21 4.71 -7.38 -7.89
CA GLU A 21 5.17 -7.07 -9.24
C GLU A 21 4.55 -5.76 -9.71
N ALA A 22 3.41 -5.39 -9.12
CA ALA A 22 2.74 -4.15 -9.45
C ALA A 22 3.50 -2.97 -8.81
N VAL A 23 3.98 -3.14 -7.58
CA VAL A 23 4.67 -2.12 -6.81
C VAL A 23 6.02 -1.88 -7.42
N HIS A 24 6.53 -2.96 -7.98
CA HIS A 24 7.82 -3.05 -8.60
C HIS A 24 7.96 -2.10 -9.79
N CYS A 25 6.86 -1.47 -10.19
CA CYS A 25 6.84 -0.45 -11.24
C CYS A 25 6.25 0.83 -10.67
N TYR A 26 5.37 0.69 -9.68
CA TYR A 26 4.84 1.77 -8.87
C TYR A 26 5.96 2.52 -8.17
N ASP A 27 7.02 1.80 -7.78
CA ASP A 27 8.13 2.36 -7.04
C ASP A 27 8.84 3.44 -7.86
N GLN A 28 8.80 3.32 -9.19
CA GLN A 28 9.40 4.32 -10.05
C GLN A 28 8.51 5.54 -10.19
N LEU A 29 7.23 5.48 -9.77
CA LEU A 29 6.37 6.65 -9.74
C LEU A 29 6.87 7.58 -8.65
N ILE A 30 7.31 6.99 -7.54
CA ILE A 30 7.82 7.79 -6.43
C ILE A 30 9.22 8.28 -6.78
N THR A 31 10.02 7.48 -7.45
CA THR A 31 11.36 7.92 -7.79
C THR A 31 11.33 8.94 -8.94
N ALA A 32 10.32 8.89 -9.79
CA ALA A 32 10.20 9.86 -10.87
C ALA A 32 9.49 11.12 -10.36
N GLN A 33 8.63 10.95 -9.36
CA GLN A 33 7.87 12.02 -8.78
C GLN A 33 7.66 11.73 -7.29
N PRO A 34 8.74 11.88 -6.52
CA PRO A 34 8.76 11.56 -5.10
C PRO A 34 7.88 12.49 -4.31
N GLN A 35 7.47 13.55 -5.01
CA GLN A 35 6.44 14.46 -4.56
C GLN A 35 5.12 14.26 -5.30
N ASN A 36 4.71 12.99 -5.42
CA ASN A 36 3.42 12.59 -6.00
C ASN A 36 2.85 11.48 -5.14
N PRO A 37 1.55 11.53 -4.85
CA PRO A 37 0.90 10.53 -4.02
C PRO A 37 0.64 9.21 -4.72
N VAL A 38 0.05 9.16 -5.93
CA VAL A 38 -0.22 7.90 -6.61
C VAL A 38 0.93 6.91 -6.48
N GLY A 39 2.13 7.47 -6.46
CA GLY A 39 3.36 6.72 -6.27
C GLY A 39 3.26 5.88 -5.01
N TYR A 40 3.05 6.54 -3.87
CA TYR A 40 2.83 5.88 -2.60
C TYR A 40 1.52 5.12 -2.63
N SER A 41 0.53 5.65 -3.34
CA SER A 41 -0.85 5.15 -3.28
C SER A 41 -0.98 3.76 -3.89
N ASN A 42 -0.21 3.49 -4.94
CA ASN A 42 -0.30 2.22 -5.64
C ASN A 42 0.60 1.19 -4.96
N LYS A 43 1.84 1.60 -4.64
CA LYS A 43 2.77 0.79 -3.87
C LYS A 43 2.17 0.48 -2.50
N ALA A 44 1.27 1.32 -1.99
CA ALA A 44 0.64 1.10 -0.70
C ALA A 44 -0.53 0.13 -0.81
N MET A 45 -1.41 0.33 -1.79
CA MET A 45 -2.56 -0.55 -1.96
C MET A 45 -2.13 -2.00 -2.14
N ALA A 46 -0.98 -2.21 -2.77
CA ALA A 46 -0.43 -3.53 -2.95
C ALA A 46 0.06 -4.11 -1.62
N LEU A 47 0.64 -3.28 -0.76
CA LEU A 47 1.12 -3.72 0.54
C LEU A 47 -0.03 -4.16 1.44
N ILE A 48 -1.27 -3.73 1.18
CA ILE A 48 -2.40 -4.25 1.93
C ILE A 48 -2.73 -5.64 1.42
N LYS A 49 -2.83 -5.78 0.10
CA LYS A 49 -3.08 -7.05 -0.55
C LYS A 49 -1.92 -8.04 -0.32
N LEU A 50 -0.78 -7.57 0.20
CA LEU A 50 0.33 -8.43 0.58
C LEU A 50 0.32 -8.60 2.10
N GLY A 51 -0.26 -7.61 2.79
CA GLY A 51 -0.44 -7.57 4.23
C GLY A 51 0.79 -6.98 4.94
N GLU A 52 1.64 -6.29 4.18
CA GLU A 52 2.77 -5.53 4.68
C GLU A 52 2.33 -4.12 4.99
N TYR A 53 1.09 -4.05 5.46
CA TYR A 53 0.47 -2.91 6.06
C TYR A 53 1.45 -2.02 6.81
N THR A 54 2.37 -2.61 7.59
CA THR A 54 3.30 -1.86 8.42
C THR A 54 3.99 -0.80 7.59
N GLN A 55 4.25 -1.17 6.33
CA GLN A 55 4.89 -0.33 5.33
C GLN A 55 3.86 0.54 4.63
N ALA A 56 2.69 -0.04 4.34
CA ALA A 56 1.59 0.66 3.70
C ALA A 56 1.13 1.89 4.49
N ILE A 57 1.12 1.78 5.82
CA ILE A 57 0.71 2.84 6.72
C ILE A 57 1.63 4.03 6.52
N GLN A 58 2.92 3.78 6.26
CA GLN A 58 3.89 4.82 6.05
C GLN A 58 3.72 5.47 4.67
N MET A 59 3.35 4.68 3.68
CA MET A 59 3.13 5.18 2.32
C MET A 59 1.93 6.10 2.25
N CYS A 60 0.83 5.72 2.91
CA CYS A 60 -0.41 6.47 2.79
C CYS A 60 -0.27 7.86 3.41
N GLN A 61 0.14 7.93 4.68
CA GLN A 61 0.41 9.22 5.30
C GLN A 61 1.42 10.07 4.52
N GLN A 62 2.31 9.47 3.74
CA GLN A 62 3.21 10.18 2.84
C GLN A 62 2.45 10.80 1.66
N GLY A 63 1.56 10.05 1.02
CA GLY A 63 0.78 10.58 -0.09
C GLY A 63 0.15 11.94 0.25
N LEU A 64 -0.29 12.11 1.50
CA LEU A 64 -0.98 13.33 1.97
C LEU A 64 -0.06 14.54 2.05
N ARG A 65 1.24 14.37 1.74
CA ARG A 65 2.21 15.44 1.81
C ARG A 65 2.18 16.23 0.51
N TYR A 66 1.56 15.60 -0.48
CA TYR A 66 1.54 16.07 -1.84
C TYR A 66 0.13 16.35 -2.39
N THR A 67 -0.92 16.00 -1.63
CA THR A 67 -2.30 16.17 -2.06
C THR A 67 -2.80 17.61 -1.89
N SER A 68 -1.87 18.57 -1.90
CA SER A 68 -2.18 19.99 -1.74
C SER A 68 -3.00 20.59 -2.87
N THR A 69 -3.46 19.77 -3.82
CA THR A 69 -4.19 20.23 -5.00
C THR A 69 -5.35 19.28 -5.35
N ALA A 70 -6.34 19.79 -6.07
CA ALA A 70 -7.57 19.08 -6.41
C ALA A 70 -7.37 18.02 -7.49
N GLU A 71 -6.20 17.92 -8.11
CA GLU A 71 -5.91 16.80 -9.00
C GLU A 71 -5.57 15.56 -8.18
N HIS A 72 -5.34 15.75 -6.87
CA HIS A 72 -4.93 14.70 -5.97
C HIS A 72 -5.97 14.49 -4.86
N VAL A 73 -7.18 15.04 -5.01
CA VAL A 73 -8.23 14.83 -4.04
C VAL A 73 -8.72 13.38 -4.07
N ALA A 74 -8.67 12.77 -5.25
CA ALA A 74 -9.05 11.38 -5.45
C ALA A 74 -8.27 10.49 -4.50
N ILE A 75 -6.98 10.77 -4.47
CA ILE A 75 -5.94 10.10 -3.74
C ILE A 75 -6.04 10.39 -2.26
N ARG A 76 -6.40 11.63 -1.94
CA ARG A 76 -6.56 12.09 -0.57
C ARG A 76 -7.66 11.28 0.13
N SER A 77 -8.46 10.59 -0.68
CA SER A 77 -9.52 9.71 -0.22
C SER A 77 -9.04 8.26 -0.14
N LYS A 78 -7.87 7.96 -0.72
CA LYS A 78 -7.32 6.61 -0.72
C LYS A 78 -6.31 6.46 0.40
N LEU A 79 -5.47 7.48 0.62
CA LEU A 79 -4.44 7.49 1.64
C LEU A 79 -5.05 7.40 3.05
N GLN A 80 -6.38 7.42 3.13
CA GLN A 80 -7.16 7.28 4.34
C GLN A 80 -7.88 5.94 4.46
N TYR A 81 -8.06 5.22 3.34
CA TYR A 81 -8.77 3.94 3.34
C TYR A 81 -7.85 2.77 3.68
N ARG A 82 -6.78 2.62 2.92
CA ARG A 82 -5.88 1.49 3.10
C ARG A 82 -4.88 1.84 4.19
N LEU A 83 -4.95 3.09 4.66
CA LEU A 83 -4.24 3.56 5.84
C LEU A 83 -4.98 3.13 7.10
N GLU A 84 -6.30 2.97 7.04
CA GLU A 84 -7.09 2.71 8.24
C GLU A 84 -7.27 1.23 8.52
N LEU A 85 -6.98 0.38 7.55
CA LEU A 85 -7.17 -1.06 7.71
C LEU A 85 -5.84 -1.77 7.94
N ALA A 86 -4.78 -1.29 7.26
CA ALA A 86 -3.44 -1.79 7.37
C ALA A 86 -3.02 -1.79 8.84
N GLN A 87 -2.91 -0.61 9.46
CA GLN A 87 -2.52 -0.53 10.86
C GLN A 87 -3.51 -1.23 11.79
N GLY A 88 -4.72 -1.47 11.29
CA GLY A 88 -5.74 -2.17 12.04
C GLY A 88 -5.58 -3.69 11.87
N ALA A 89 -4.51 -4.09 11.20
CA ALA A 89 -4.15 -5.49 10.98
C ALA A 89 -2.67 -5.70 11.32
N VAL A 90 -1.98 -4.64 11.77
CA VAL A 90 -0.54 -4.64 12.02
C VAL A 90 -0.22 -4.64 13.50
N GLY A 91 1.00 -5.11 13.80
CA GLY A 91 1.50 -5.18 15.15
C GLY A 91 0.76 -6.21 16.00
N SER A 92 -0.17 -6.95 15.39
CA SER A 92 -0.95 -7.98 16.08
C SER A 92 -0.07 -9.13 16.58
N VAL A 93 -0.67 -10.00 17.39
CA VAL A 93 -0.03 -11.12 18.06
C VAL A 93 1.25 -10.73 18.79
N GLN A 94 1.10 -10.56 20.10
CA GLN A 94 2.15 -10.16 21.02
C GLN A 94 2.97 -11.36 21.51
N ILE A 95 2.65 -12.57 21.03
CA ILE A 95 3.28 -13.81 21.49
C ILE A 95 3.57 -14.77 20.33
N PRO A 96 4.17 -14.29 19.22
CA PRO A 96 4.44 -15.11 18.06
C PRO A 96 5.55 -16.11 18.34
N VAL A 97 5.68 -17.12 17.47
CA VAL A 97 6.74 -18.12 17.56
C VAL A 97 8.04 -17.54 17.02
N VAL A 98 8.53 -16.49 17.68
CA VAL A 98 9.73 -15.74 17.35
C VAL A 98 11.02 -16.56 17.52
N GLU A 99 10.87 -17.87 17.44
CA GLU A 99 11.89 -18.89 17.56
C GLU A 99 13.01 -18.68 16.55
N VAL A 100 14.22 -19.05 16.96
CA VAL A 100 15.42 -19.03 16.13
C VAL A 100 16.23 -20.28 16.42
N ASP A 101 16.66 -20.97 15.37
CA ASP A 101 17.38 -22.24 15.49
C ASP A 101 18.25 -22.47 14.26
N GLU A 102 18.71 -21.38 13.65
CA GLU A 102 19.52 -21.42 12.43
C GLU A 102 20.48 -20.23 12.42
N LEU A 103 21.00 -19.94 11.23
CA LEU A 103 21.88 -18.83 10.94
C LEU A 103 21.30 -17.50 11.44
N PRO A 104 22.17 -16.48 11.53
CA PRO A 104 21.86 -15.12 11.98
C PRO A 104 20.66 -14.52 11.23
N GLU A 105 20.16 -13.40 11.74
CA GLU A 105 18.94 -12.75 11.25
C GLU A 105 19.07 -12.15 9.84
N GLY A 106 20.14 -12.49 9.11
CA GLY A 106 20.36 -11.95 7.78
C GLY A 106 21.68 -12.41 7.16
N TYR A 107 22.26 -13.51 7.64
CA TYR A 107 23.54 -13.99 7.19
C TYR A 107 23.49 -14.57 5.78
N ASP A 108 22.29 -14.95 5.36
CA ASP A 108 21.94 -15.55 4.07
C ASP A 108 23.13 -16.22 3.37
N ARG A 109 23.34 -17.50 3.68
CA ARG A 109 24.45 -18.30 3.18
C ARG A 109 24.54 -18.32 1.65
N SER A 110 23.41 -18.11 0.95
CA SER A 110 23.35 -18.20 -0.50
C SER A 110 22.36 -17.20 -1.07
N ALA B 1 -19.88 -2.55 -5.06
CA ALA B 1 -18.49 -2.18 -5.35
C ALA B 1 -18.43 -0.88 -6.14
N ASP B 2 -17.88 0.17 -5.52
CA ASP B 2 -17.81 1.51 -6.12
C ASP B 2 -16.51 2.19 -5.73
N THR B 3 -15.47 1.39 -5.47
CA THR B 3 -14.18 1.88 -5.02
C THR B 3 -13.43 2.66 -6.10
N GLU B 4 -12.34 3.29 -5.65
CA GLU B 4 -11.33 3.90 -6.51
C GLU B 4 -9.94 3.66 -5.94
N MET B 5 -9.83 3.42 -4.63
CA MET B 5 -8.62 2.97 -3.98
C MET B 5 -8.16 1.63 -4.52
N GLU B 6 -9.10 0.83 -5.03
CA GLU B 6 -8.81 -0.50 -5.51
C GLU B 6 -8.75 -0.49 -7.05
N GLU B 7 -8.48 0.71 -7.59
CA GLU B 7 -8.26 0.98 -9.00
C GLU B 7 -6.97 1.80 -9.14
N VAL B 8 -6.07 1.59 -8.18
CA VAL B 8 -4.75 2.19 -8.05
C VAL B 8 -4.75 3.73 -8.02
N ASP B 9 -4.19 4.41 -9.01
CA ASP B 9 -3.96 5.85 -8.98
C ASP B 9 -5.27 6.64 -8.91
N SER A 1 8.27 13.38 -21.06
CA SER A 1 8.30 12.67 -19.77
C SER A 1 7.40 11.44 -19.78
N GLN A 2 7.45 10.63 -18.73
CA GLN A 2 6.63 9.42 -18.61
C GLN A 2 6.37 9.14 -17.12
N PHE A 3 5.20 8.58 -16.81
CA PHE A 3 4.82 8.27 -15.43
C PHE A 3 3.64 7.34 -15.50
N GLU A 4 2.75 7.65 -16.45
CA GLU A 4 1.56 6.90 -16.73
C GLU A 4 1.85 5.44 -16.98
N LYS A 5 2.91 5.10 -17.74
CA LYS A 5 3.05 3.71 -18.10
C LYS A 5 3.58 2.93 -16.91
N GLN A 6 4.46 3.58 -16.15
CA GLN A 6 5.02 3.04 -14.93
C GLN A 6 3.92 2.81 -13.89
N LYS A 7 2.73 3.37 -14.15
CA LYS A 7 1.61 3.30 -13.24
C LYS A 7 0.60 2.30 -13.76
N GLU A 8 0.28 2.40 -15.04
CA GLU A 8 -0.72 1.58 -15.71
C GLU A 8 -0.21 0.19 -16.03
N GLN A 9 1.11 0.05 -16.19
CA GLN A 9 1.68 -1.27 -16.40
C GLN A 9 1.47 -2.15 -15.18
N GLY A 10 1.68 -1.59 -13.98
CA GLY A 10 1.48 -2.33 -12.74
C GLY A 10 0.02 -2.27 -12.30
N ASN A 11 -0.75 -1.31 -12.82
CA ASN A 11 -2.15 -1.12 -12.50
C ASN A 11 -2.92 -2.39 -12.81
N SER A 12 -2.50 -3.17 -13.82
CA SER A 12 -3.16 -4.42 -14.12
C SER A 12 -2.57 -5.56 -13.30
N LEU A 13 -1.24 -5.59 -13.13
CA LEU A 13 -0.55 -6.61 -12.35
C LEU A 13 -1.04 -6.68 -10.91
N PHE A 14 -1.45 -5.54 -10.36
CA PHE A 14 -1.99 -5.48 -9.01
C PHE A 14 -3.32 -6.20 -8.91
N LYS A 15 -4.06 -6.27 -10.02
CA LYS A 15 -5.39 -6.84 -10.02
C LYS A 15 -5.37 -8.33 -10.34
N GLN A 16 -4.19 -8.91 -10.60
CA GLN A 16 -4.05 -10.28 -11.07
C GLN A 16 -3.57 -11.23 -9.98
N GLY A 17 -3.03 -10.71 -8.89
CA GLY A 17 -2.50 -11.58 -7.84
C GLY A 17 -1.10 -11.20 -7.40
N LEU A 18 -0.41 -10.49 -8.27
CA LEU A 18 1.00 -10.25 -8.14
C LEU A 18 1.26 -8.80 -7.80
N TYR A 19 0.73 -8.47 -6.63
CA TYR A 19 0.79 -7.16 -6.02
C TYR A 19 2.20 -6.60 -6.04
N ARG A 20 3.21 -7.44 -5.83
CA ARG A 20 4.59 -6.96 -5.77
C ARG A 20 5.05 -6.61 -7.18
N GLU A 21 4.67 -7.42 -8.15
CA GLU A 21 5.00 -7.17 -9.54
C GLU A 21 4.25 -5.94 -10.02
N ALA A 22 3.35 -5.41 -9.17
CA ALA A 22 2.69 -4.16 -9.45
C ALA A 22 3.49 -3.01 -8.83
N VAL A 23 3.87 -3.15 -7.54
CA VAL A 23 4.58 -2.12 -6.79
C VAL A 23 5.96 -1.87 -7.32
N HIS A 24 6.62 -2.94 -7.75
CA HIS A 24 7.99 -2.84 -8.23
C HIS A 24 8.11 -2.03 -9.52
N CYS A 25 6.98 -1.49 -10.00
CA CYS A 25 6.93 -0.56 -11.11
C CYS A 25 6.28 0.75 -10.65
N TYR A 26 5.35 0.63 -9.69
CA TYR A 26 4.76 1.76 -8.96
C TYR A 26 5.84 2.53 -8.22
N ASP A 27 6.92 1.84 -7.81
CA ASP A 27 8.00 2.44 -7.08
C ASP A 27 8.68 3.53 -7.90
N GLN A 28 8.66 3.41 -9.24
CA GLN A 28 9.24 4.43 -10.07
C GLN A 28 8.33 5.67 -10.18
N LEU A 29 7.07 5.57 -9.77
CA LEU A 29 6.20 6.74 -9.72
C LEU A 29 6.71 7.69 -8.65
N ILE A 30 7.23 7.10 -7.57
CA ILE A 30 7.78 7.90 -6.49
C ILE A 30 9.18 8.39 -6.87
N THR A 31 9.96 7.61 -7.60
CA THR A 31 11.27 8.10 -7.99
C THR A 31 11.16 9.11 -9.14
N ALA A 32 10.12 9.02 -9.96
CA ALA A 32 9.94 9.97 -11.05
C ALA A 32 9.23 11.22 -10.53
N GLN A 33 8.42 11.04 -9.48
CA GLN A 33 7.68 12.10 -8.85
C GLN A 33 7.56 11.81 -7.37
N PRO A 34 8.67 12.01 -6.66
CA PRO A 34 8.78 11.72 -5.25
C PRO A 34 7.94 12.68 -4.43
N GLN A 35 7.46 13.68 -5.14
CA GLN A 35 6.45 14.60 -4.67
C GLN A 35 5.07 14.33 -5.28
N ASN A 36 4.71 13.05 -5.36
CA ASN A 36 3.40 12.64 -5.85
C ASN A 36 2.85 11.50 -4.99
N PRO A 37 1.53 11.51 -4.80
CA PRO A 37 0.85 10.60 -3.90
C PRO A 37 0.43 9.29 -4.55
N VAL A 38 -0.11 9.25 -5.78
CA VAL A 38 -0.35 7.98 -6.44
C VAL A 38 0.84 7.04 -6.35
N GLY A 39 2.02 7.65 -6.35
CA GLY A 39 3.26 6.92 -6.19
C GLY A 39 3.16 6.04 -4.95
N TYR A 40 2.83 6.64 -3.82
CA TYR A 40 2.62 5.93 -2.57
C TYR A 40 1.32 5.14 -2.62
N SER A 41 0.34 5.58 -3.41
CA SER A 41 -1.01 5.03 -3.35
C SER A 41 -1.13 3.68 -4.03
N ASN A 42 -0.49 3.52 -5.18
CA ASN A 42 -0.52 2.27 -5.92
C ASN A 42 0.34 1.25 -5.16
N LYS A 43 1.55 1.67 -4.78
CA LYS A 43 2.49 0.88 -3.99
C LYS A 43 1.86 0.50 -2.66
N ALA A 44 1.03 1.37 -2.09
CA ALA A 44 0.44 1.11 -0.78
C ALA A 44 -0.72 0.12 -0.88
N MET A 45 -1.63 0.29 -1.84
CA MET A 45 -2.77 -0.60 -1.94
C MET A 45 -2.30 -2.04 -2.18
N ALA A 46 -1.12 -2.20 -2.78
CA ALA A 46 -0.53 -3.50 -3.01
C ALA A 46 0.08 -4.06 -1.71
N LEU A 47 0.68 -3.19 -0.88
CA LEU A 47 1.24 -3.64 0.39
C LEU A 47 0.13 -4.16 1.32
N ILE A 48 -1.12 -3.73 1.12
CA ILE A 48 -2.23 -4.29 1.87
C ILE A 48 -2.51 -5.69 1.37
N LYS A 49 -2.62 -5.84 0.05
CA LYS A 49 -2.81 -7.13 -0.59
C LYS A 49 -1.63 -8.07 -0.40
N LEU A 50 -0.50 -7.57 0.14
CA LEU A 50 0.64 -8.38 0.53
C LEU A 50 0.65 -8.52 2.05
N GLY A 51 -0.03 -7.60 2.74
CA GLY A 51 -0.20 -7.55 4.18
C GLY A 51 0.99 -6.90 4.88
N GLU A 52 1.81 -6.19 4.10
CA GLU A 52 2.92 -5.38 4.60
C GLU A 52 2.41 -3.99 4.94
N TYR A 53 1.20 -4.00 5.46
CA TYR A 53 0.55 -2.87 6.06
C TYR A 53 1.50 -1.95 6.83
N THR A 54 2.44 -2.52 7.60
CA THR A 54 3.32 -1.69 8.43
C THR A 54 3.98 -0.64 7.56
N GLN A 55 4.28 -1.04 6.33
CA GLN A 55 4.88 -0.22 5.31
C GLN A 55 3.83 0.64 4.62
N ALA A 56 2.67 0.05 4.35
CA ALA A 56 1.54 0.72 3.73
C ALA A 56 1.05 1.92 4.54
N ILE A 57 1.01 1.79 5.87
CA ILE A 57 0.56 2.85 6.77
C ILE A 57 1.43 4.06 6.53
N GLN A 58 2.74 3.84 6.35
CA GLN A 58 3.68 4.91 6.09
C GLN A 58 3.38 5.55 4.73
N MET A 59 3.17 4.70 3.73
CA MET A 59 2.92 5.15 2.37
C MET A 59 1.69 6.05 2.32
N CYS A 60 0.61 5.66 2.98
CA CYS A 60 -0.63 6.41 2.91
C CYS A 60 -0.45 7.81 3.49
N GLN A 61 -0.02 7.94 4.76
CA GLN A 61 0.22 9.25 5.32
C GLN A 61 1.32 10.05 4.61
N GLN A 62 2.27 9.39 3.93
CA GLN A 62 3.21 10.10 3.06
C GLN A 62 2.45 10.69 1.87
N GLY A 63 1.54 9.95 1.24
CA GLY A 63 0.76 10.49 0.15
C GLY A 63 0.12 11.84 0.50
N LEU A 64 -0.30 12.03 1.76
CA LEU A 64 -0.93 13.27 2.21
C LEU A 64 -0.01 14.48 2.14
N ARG A 65 1.28 14.26 1.87
CA ARG A 65 2.28 15.31 1.80
C ARG A 65 2.25 15.94 0.41
N TYR A 66 1.64 15.19 -0.52
CA TYR A 66 1.62 15.47 -1.93
C TYR A 66 0.23 15.72 -2.51
N THR A 67 -0.83 15.53 -1.73
CA THR A 67 -2.20 15.77 -2.19
C THR A 67 -2.60 17.23 -2.04
N SER A 68 -1.62 18.13 -1.98
CA SER A 68 -1.81 19.56 -1.82
C SER A 68 -2.55 20.23 -2.98
N THR A 69 -3.02 19.44 -3.96
CA THR A 69 -3.70 19.96 -5.14
C THR A 69 -4.91 19.10 -5.50
N ALA A 70 -5.88 19.69 -6.21
CA ALA A 70 -7.15 19.06 -6.52
C ALA A 70 -7.05 17.98 -7.60
N GLU A 71 -5.89 17.81 -8.25
CA GLU A 71 -5.69 16.67 -9.13
C GLU A 71 -5.39 15.42 -8.31
N HIS A 72 -5.11 15.60 -7.02
CA HIS A 72 -4.70 14.53 -6.14
C HIS A 72 -5.71 14.34 -4.99
N VAL A 73 -6.81 15.08 -5.00
CA VAL A 73 -7.86 14.90 -4.01
C VAL A 73 -8.39 13.48 -4.03
N ALA A 74 -8.31 12.86 -5.21
CA ALA A 74 -8.72 11.48 -5.44
C ALA A 74 -7.98 10.55 -4.51
N ILE A 75 -6.68 10.83 -4.36
CA ILE A 75 -5.74 10.04 -3.63
C ILE A 75 -5.81 10.36 -2.15
N ARG A 76 -6.13 11.62 -1.85
CA ARG A 76 -6.32 12.08 -0.48
C ARG A 76 -7.48 11.31 0.17
N SER A 77 -8.29 10.66 -0.66
CA SER A 77 -9.40 9.84 -0.23
C SER A 77 -8.97 8.38 -0.06
N LYS A 78 -7.82 8.01 -0.63
CA LYS A 78 -7.33 6.64 -0.58
C LYS A 78 -6.28 6.48 0.51
N LEU A 79 -5.47 7.51 0.72
CA LEU A 79 -4.45 7.54 1.77
C LEU A 79 -5.07 7.46 3.16
N GLN A 80 -6.39 7.47 3.23
CA GLN A 80 -7.18 7.39 4.43
C GLN A 80 -7.90 6.06 4.60
N TYR A 81 -8.00 5.27 3.53
CA TYR A 81 -8.73 4.00 3.56
C TYR A 81 -7.81 2.81 3.81
N ARG A 82 -6.62 2.78 3.22
CA ARG A 82 -5.72 1.67 3.53
C ARG A 82 -4.99 2.00 4.83
N LEU A 83 -4.96 3.30 5.13
CA LEU A 83 -4.39 3.83 6.34
C LEU A 83 -5.25 3.47 7.54
N GLU A 84 -6.49 3.02 7.27
CA GLU A 84 -7.40 2.64 8.33
C GLU A 84 -7.60 1.14 8.39
N LEU A 85 -7.05 0.40 7.42
CA LEU A 85 -7.18 -1.04 7.39
C LEU A 85 -5.84 -1.72 7.69
N ALA A 86 -4.73 -1.19 7.16
CA ALA A 86 -3.40 -1.71 7.31
C ALA A 86 -3.04 -1.75 8.78
N GLN A 87 -2.96 -0.60 9.45
CA GLN A 87 -2.61 -0.54 10.86
C GLN A 87 -3.62 -1.28 11.73
N GLY A 88 -4.82 -1.50 11.20
CA GLY A 88 -5.86 -2.24 11.90
C GLY A 88 -5.68 -3.74 11.67
N ALA A 89 -4.58 -4.11 11.01
CA ALA A 89 -4.18 -5.48 10.74
C ALA A 89 -2.70 -5.69 11.11
N VAL A 90 -2.06 -4.65 11.65
CA VAL A 90 -0.63 -4.65 11.96
C VAL A 90 -0.36 -4.71 13.45
N GLY A 91 0.82 -5.21 13.78
CA GLY A 91 1.26 -5.35 15.14
C GLY A 91 0.53 -6.50 15.87
N SER A 92 -0.35 -7.20 15.14
CA SER A 92 -1.14 -8.30 15.68
C SER A 92 -0.32 -9.57 15.89
N VAL A 93 1.00 -9.43 15.94
CA VAL A 93 1.91 -10.52 16.19
C VAL A 93 3.02 -10.05 17.12
N GLN A 94 2.91 -10.46 18.38
CA GLN A 94 3.87 -10.16 19.42
C GLN A 94 5.01 -11.17 19.47
N ILE A 95 5.02 -12.13 18.52
CA ILE A 95 6.03 -13.19 18.48
C ILE A 95 6.43 -13.50 17.03
N PRO A 96 6.80 -12.48 16.24
CA PRO A 96 7.20 -12.66 14.85
C PRO A 96 8.60 -13.27 14.78
N VAL A 97 9.05 -13.61 13.58
CA VAL A 97 10.38 -14.19 13.39
C VAL A 97 11.46 -13.15 13.64
N VAL A 98 11.90 -13.04 14.90
CA VAL A 98 13.00 -12.19 15.31
C VAL A 98 13.95 -13.03 16.14
N GLU A 99 14.95 -13.62 15.47
CA GLU A 99 15.87 -14.56 16.08
C GLU A 99 17.27 -14.40 15.46
N VAL A 100 18.20 -15.22 15.93
CA VAL A 100 19.56 -15.27 15.39
C VAL A 100 19.91 -16.72 15.08
N ASP A 101 20.59 -16.95 13.96
CA ASP A 101 20.86 -18.29 13.49
C ASP A 101 22.20 -18.35 12.75
N GLU A 102 23.11 -17.44 13.12
CA GLU A 102 24.42 -17.31 12.52
C GLU A 102 25.41 -16.73 13.53
N LEU A 103 26.69 -17.03 13.30
CA LEU A 103 27.84 -16.61 14.07
C LEU A 103 27.70 -16.82 15.61
N PRO A 104 28.80 -16.60 16.34
CA PRO A 104 28.99 -16.70 17.78
C PRO A 104 28.04 -15.87 18.64
N GLU A 105 28.48 -15.58 19.87
CA GLU A 105 27.77 -14.74 20.83
C GLU A 105 28.67 -13.55 21.19
N GLY A 106 29.64 -13.24 20.33
CA GLY A 106 30.59 -12.14 20.53
C GLY A 106 30.75 -11.30 19.27
N TYR A 107 30.48 -11.87 18.08
CA TYR A 107 30.39 -11.12 16.85
C TYR A 107 29.25 -10.11 16.91
N ASP A 108 29.20 -9.20 15.93
CA ASP A 108 28.12 -8.24 15.78
C ASP A 108 27.86 -8.02 14.28
N ARG A 109 26.73 -7.41 13.93
CA ARG A 109 26.30 -7.26 12.54
C ARG A 109 26.02 -5.79 12.20
N SER A 110 26.06 -4.91 13.19
CA SER A 110 25.79 -3.49 13.01
C SER A 110 26.52 -2.65 14.06
N ALA B 1 -18.23 -3.09 -8.48
CA ALA B 1 -17.35 -2.56 -7.42
C ALA B 1 -18.02 -1.45 -6.64
N ASP B 2 -17.39 -0.99 -5.55
CA ASP B 2 -17.91 0.06 -4.69
C ASP B 2 -16.75 0.87 -4.09
N THR B 3 -15.62 0.91 -4.81
CA THR B 3 -14.39 1.53 -4.34
C THR B 3 -13.65 2.23 -5.47
N GLU B 4 -12.60 2.96 -5.08
CA GLU B 4 -11.63 3.54 -5.99
C GLU B 4 -10.21 3.39 -5.40
N MET B 5 -10.11 3.22 -4.08
CA MET B 5 -8.87 2.89 -3.39
C MET B 5 -8.35 1.53 -3.86
N GLU B 6 -9.26 0.63 -4.20
CA GLU B 6 -8.93 -0.73 -4.63
C GLU B 6 -8.90 -0.77 -6.15
N GLU B 7 -8.68 0.40 -6.76
CA GLU B 7 -8.58 0.59 -8.19
C GLU B 7 -7.38 1.51 -8.47
N VAL B 8 -6.33 1.32 -7.67
CA VAL B 8 -5.05 2.04 -7.73
C VAL B 8 -5.22 3.57 -7.78
N ASP B 9 -4.27 4.26 -8.42
CA ASP B 9 -4.23 5.72 -8.56
C ASP B 9 -5.61 6.32 -8.83
N SER A 1 10.16 11.89 -20.73
CA SER A 1 9.86 11.18 -19.48
C SER A 1 8.46 10.58 -19.51
N GLN A 2 8.13 9.77 -18.50
CA GLN A 2 6.82 9.12 -18.39
C GLN A 2 6.49 8.84 -16.92
N PHE A 3 5.25 8.41 -16.67
CA PHE A 3 4.78 8.09 -15.33
C PHE A 3 3.55 7.22 -15.48
N GLU A 4 2.74 7.59 -16.46
CA GLU A 4 1.53 6.91 -16.84
C GLU A 4 1.77 5.44 -17.13
N LYS A 5 2.85 5.07 -17.83
CA LYS A 5 3.03 3.71 -18.25
C LYS A 5 3.50 2.87 -17.09
N GLN A 6 4.40 3.44 -16.29
CA GLN A 6 4.90 2.85 -15.07
C GLN A 6 3.74 2.63 -14.11
N LYS A 7 2.64 3.37 -14.33
CA LYS A 7 1.45 3.30 -13.53
C LYS A 7 0.48 2.28 -14.10
N GLU A 8 -0.02 2.46 -15.33
CA GLU A 8 -0.99 1.53 -15.87
C GLU A 8 -0.38 0.17 -16.26
N GLN A 9 0.95 0.03 -16.30
CA GLN A 9 1.56 -1.29 -16.42
C GLN A 9 1.28 -2.13 -15.16
N GLY A 10 1.78 -1.69 -14.01
CA GLY A 10 1.65 -2.45 -12.76
C GLY A 10 0.20 -2.45 -12.29
N ASN A 11 -0.56 -1.45 -12.74
CA ASN A 11 -1.99 -1.29 -12.52
C ASN A 11 -2.76 -2.56 -12.82
N SER A 12 -2.31 -3.37 -13.78
CA SER A 12 -2.97 -4.63 -14.07
C SER A 12 -2.32 -5.77 -13.28
N LEU A 13 -1.00 -5.75 -13.11
CA LEU A 13 -0.28 -6.76 -12.35
C LEU A 13 -0.80 -6.87 -10.91
N PHE A 14 -1.26 -5.74 -10.36
CA PHE A 14 -1.83 -5.69 -9.02
C PHE A 14 -3.19 -6.38 -8.99
N LYS A 15 -3.88 -6.42 -10.12
CA LYS A 15 -5.22 -7.00 -10.20
C LYS A 15 -5.18 -8.49 -10.50
N GLN A 16 -3.98 -9.06 -10.72
CA GLN A 16 -3.81 -10.43 -11.15
C GLN A 16 -3.36 -11.36 -10.04
N GLY A 17 -2.86 -10.82 -8.93
CA GLY A 17 -2.36 -11.66 -7.84
C GLY A 17 -0.99 -11.26 -7.37
N LEU A 18 -0.27 -10.56 -8.24
CA LEU A 18 1.14 -10.33 -8.07
C LEU A 18 1.39 -8.88 -7.73
N TYR A 19 0.84 -8.54 -6.56
CA TYR A 19 0.87 -7.22 -5.97
C TYR A 19 2.27 -6.66 -5.95
N ARG A 20 3.29 -7.49 -5.73
CA ARG A 20 4.67 -7.01 -5.64
C ARG A 20 5.17 -6.68 -7.03
N GLU A 21 4.83 -7.52 -8.00
CA GLU A 21 5.20 -7.28 -9.39
C GLU A 21 4.46 -6.06 -9.91
N ALA A 22 3.55 -5.51 -9.10
CA ALA A 22 2.89 -4.26 -9.41
C ALA A 22 3.67 -3.12 -8.76
N VAL A 23 4.00 -3.24 -7.47
CA VAL A 23 4.70 -2.21 -6.72
C VAL A 23 6.09 -1.96 -7.21
N HIS A 24 6.76 -3.04 -7.62
CA HIS A 24 8.13 -2.95 -8.07
C HIS A 24 8.26 -2.18 -9.38
N CYS A 25 7.14 -1.63 -9.89
CA CYS A 25 7.10 -0.71 -11.01
C CYS A 25 6.38 0.57 -10.60
N TYR A 26 5.50 0.47 -9.59
CA TYR A 26 4.89 1.61 -8.92
C TYR A 26 5.97 2.42 -8.21
N ASP A 27 7.02 1.75 -7.75
CA ASP A 27 8.10 2.38 -7.00
C ASP A 27 8.78 3.46 -7.85
N GLN A 28 8.72 3.32 -9.18
CA GLN A 28 9.27 4.35 -10.05
C GLN A 28 8.34 5.56 -10.18
N LEU A 29 7.06 5.44 -9.83
CA LEU A 29 6.16 6.59 -9.80
C LEU A 29 6.64 7.55 -8.72
N ILE A 30 7.16 6.99 -7.62
CA ILE A 30 7.68 7.81 -6.54
C ILE A 30 9.06 8.33 -6.90
N THR A 31 9.89 7.54 -7.57
CA THR A 31 11.21 8.03 -7.93
C THR A 31 11.13 9.05 -9.06
N ALA A 32 10.10 8.97 -9.91
CA ALA A 32 9.93 9.93 -11.00
C ALA A 32 9.18 11.16 -10.50
N GLN A 33 8.34 10.97 -9.48
CA GLN A 33 7.56 12.02 -8.87
C GLN A 33 7.42 11.74 -7.37
N PRO A 34 8.50 11.94 -6.65
CA PRO A 34 8.60 11.63 -5.23
C PRO A 34 7.74 12.56 -4.41
N GLN A 35 7.23 13.56 -5.10
CA GLN A 35 6.20 14.46 -4.62
C GLN A 35 4.86 14.21 -5.30
N ASN A 36 4.47 12.95 -5.41
CA ASN A 36 3.18 12.56 -5.96
C ASN A 36 2.60 11.44 -5.10
N PRO A 37 1.31 11.52 -4.76
CA PRO A 37 0.62 10.52 -3.96
C PRO A 37 0.41 9.18 -4.64
N VAL A 38 -0.16 9.12 -5.84
CA VAL A 38 -0.39 7.86 -6.53
C VAL A 38 0.81 6.93 -6.48
N GLY A 39 1.99 7.53 -6.50
CA GLY A 39 3.24 6.80 -6.34
C GLY A 39 3.16 5.94 -5.09
N TYR A 40 2.91 6.56 -3.95
CA TYR A 40 2.74 5.88 -2.69
C TYR A 40 1.44 5.08 -2.68
N SER A 41 0.43 5.52 -3.43
CA SER A 41 -0.91 4.95 -3.32
C SER A 41 -1.03 3.61 -4.04
N ASN A 42 -0.37 3.46 -5.18
CA ASN A 42 -0.37 2.19 -5.90
C ASN A 42 0.45 1.18 -5.10
N LYS A 43 1.65 1.60 -4.70
CA LYS A 43 2.55 0.80 -3.87
C LYS A 43 1.85 0.46 -2.56
N ALA A 44 1.01 1.37 -2.05
CA ALA A 44 0.32 1.16 -0.78
C ALA A 44 -0.84 0.18 -0.90
N MET A 45 -1.68 0.34 -1.91
CA MET A 45 -2.83 -0.54 -2.07
C MET A 45 -2.37 -1.98 -2.26
N ALA A 46 -1.19 -2.15 -2.87
CA ALA A 46 -0.60 -3.46 -3.07
C ALA A 46 -0.07 -4.01 -1.75
N LEU A 47 0.52 -3.16 -0.90
CA LEU A 47 1.03 -3.59 0.39
C LEU A 47 -0.08 -4.11 1.29
N ILE A 48 -1.33 -3.65 1.12
CA ILE A 48 -2.44 -4.22 1.87
C ILE A 48 -2.71 -5.63 1.38
N LYS A 49 -2.78 -5.79 0.05
CA LYS A 49 -2.92 -7.09 -0.58
C LYS A 49 -1.72 -8.00 -0.33
N LEU A 50 -0.64 -7.48 0.26
CA LEU A 50 0.53 -8.23 0.65
C LEU A 50 0.53 -8.38 2.18
N GLY A 51 -0.34 -7.61 2.84
CA GLY A 51 -0.48 -7.54 4.29
C GLY A 51 0.75 -6.92 4.93
N GLU A 52 1.51 -6.19 4.11
CA GLU A 52 2.66 -5.40 4.51
C GLU A 52 2.19 -4.00 4.83
N TYR A 53 0.98 -3.97 5.36
CA TYR A 53 0.36 -2.84 5.98
C TYR A 53 1.35 -1.97 6.73
N THR A 54 2.29 -2.59 7.48
CA THR A 54 3.25 -1.85 8.31
C THR A 54 3.92 -0.77 7.48
N GLN A 55 4.13 -1.10 6.21
CA GLN A 55 4.73 -0.23 5.22
C GLN A 55 3.67 0.63 4.55
N ALA A 56 2.51 0.05 4.27
CA ALA A 56 1.39 0.76 3.66
C ALA A 56 0.98 1.98 4.48
N ILE A 57 1.02 1.85 5.80
CA ILE A 57 0.67 2.92 6.73
C ILE A 57 1.62 4.09 6.52
N GLN A 58 2.89 3.79 6.19
CA GLN A 58 3.88 4.81 5.93
C GLN A 58 3.66 5.46 4.57
N MET A 59 3.23 4.67 3.59
CA MET A 59 2.97 5.15 2.24
C MET A 59 1.82 6.15 2.22
N CYS A 60 0.73 5.85 2.94
CA CYS A 60 -0.47 6.66 2.88
C CYS A 60 -0.24 8.03 3.51
N GLN A 61 0.25 8.07 4.75
CA GLN A 61 0.61 9.33 5.38
C GLN A 61 1.66 10.12 4.58
N GLN A 62 2.49 9.46 3.77
CA GLN A 62 3.36 10.13 2.81
C GLN A 62 2.56 10.74 1.66
N GLY A 63 1.64 9.98 1.05
CA GLY A 63 0.80 10.52 0.00
C GLY A 63 0.19 11.86 0.40
N LEU A 64 -0.22 11.98 1.66
CA LEU A 64 -0.84 13.17 2.24
C LEU A 64 0.08 14.41 2.24
N ARG A 65 1.35 14.26 1.85
CA ARG A 65 2.32 15.34 1.88
C ARG A 65 2.20 16.15 0.61
N TYR A 66 1.56 15.53 -0.38
CA TYR A 66 1.47 16.03 -1.73
C TYR A 66 0.05 16.34 -2.19
N THR A 67 -0.96 15.94 -1.42
CA THR A 67 -2.37 16.14 -1.78
C THR A 67 -2.83 17.59 -1.57
N SER A 68 -1.87 18.53 -1.53
CA SER A 68 -2.13 19.95 -1.36
C SER A 68 -2.86 20.58 -2.55
N THR A 69 -3.24 19.78 -3.54
CA THR A 69 -3.88 20.25 -4.76
C THR A 69 -5.03 19.33 -5.17
N ALA A 70 -5.97 19.86 -5.96
CA ALA A 70 -7.20 19.16 -6.30
C ALA A 70 -7.00 18.05 -7.33
N GLU A 71 -5.83 17.94 -7.96
CA GLU A 71 -5.53 16.81 -8.81
C GLU A 71 -5.25 15.57 -7.97
N HIS A 72 -5.07 15.78 -6.66
CA HIS A 72 -4.67 14.74 -5.73
C HIS A 72 -5.70 14.52 -4.63
N VAL A 73 -6.81 15.24 -4.67
CA VAL A 73 -7.87 15.08 -3.67
C VAL A 73 -8.44 13.66 -3.71
N ALA A 74 -8.50 13.09 -4.92
CA ALA A 74 -8.96 11.72 -5.11
C ALA A 74 -8.11 10.76 -4.31
N ILE A 75 -6.81 11.05 -4.24
CA ILE A 75 -5.88 10.21 -3.50
C ILE A 75 -5.89 10.55 -2.03
N ARG A 76 -6.16 11.81 -1.68
CA ARG A 76 -6.28 12.19 -0.29
C ARG A 76 -7.38 11.35 0.35
N SER A 77 -8.30 10.89 -0.50
CA SER A 77 -9.36 10.00 -0.08
C SER A 77 -8.87 8.55 -0.11
N LYS A 78 -7.87 8.22 -0.93
CA LYS A 78 -7.41 6.85 -0.98
C LYS A 78 -6.44 6.55 0.14
N LEU A 79 -5.47 7.43 0.41
CA LEU A 79 -4.46 7.15 1.41
C LEU A 79 -5.15 6.73 2.71
N GLN A 80 -6.20 7.45 3.07
CA GLN A 80 -6.92 7.36 4.32
C GLN A 80 -7.76 6.09 4.40
N TYR A 81 -8.06 5.48 3.26
CA TYR A 81 -8.86 4.26 3.24
C TYR A 81 -8.05 3.00 3.52
N ARG A 82 -6.79 2.96 3.08
CA ARG A 82 -5.95 1.79 3.31
C ARG A 82 -4.92 2.13 4.38
N LEU A 83 -4.98 3.37 4.86
CA LEU A 83 -4.29 3.81 6.07
C LEU A 83 -5.12 3.41 7.28
N GLU A 84 -6.44 3.26 7.10
CA GLU A 84 -7.32 2.95 8.21
C GLU A 84 -7.47 1.43 8.43
N LEU A 85 -7.02 0.63 7.47
CA LEU A 85 -7.21 -0.81 7.54
C LEU A 85 -5.89 -1.53 7.80
N ALA A 86 -4.81 -1.08 7.16
CA ALA A 86 -3.49 -1.64 7.28
C ALA A 86 -3.08 -1.69 8.75
N GLN A 87 -2.96 -0.54 9.42
CA GLN A 87 -2.56 -0.50 10.81
C GLN A 87 -3.52 -1.26 11.72
N GLY A 88 -4.76 -1.43 11.26
CA GLY A 88 -5.78 -2.16 12.00
C GLY A 88 -5.60 -3.67 11.79
N ALA A 89 -4.54 -4.04 11.07
CA ALA A 89 -4.17 -5.41 10.80
C ALA A 89 -2.67 -5.62 11.09
N VAL A 90 -2.01 -4.59 11.66
CA VAL A 90 -0.59 -4.57 11.97
C VAL A 90 -0.32 -4.35 13.44
N GLY A 91 -1.13 -3.46 13.99
CA GLY A 91 -0.97 -2.96 15.34
C GLY A 91 -2.23 -3.16 16.19
N SER A 92 -3.15 -4.00 15.71
CA SER A 92 -4.42 -4.27 16.39
C SER A 92 -4.79 -5.74 16.27
N VAL A 93 -3.79 -6.59 16.02
CA VAL A 93 -3.95 -8.02 15.87
C VAL A 93 -2.82 -8.71 16.61
N GLN A 94 -3.11 -9.15 17.85
CA GLN A 94 -2.13 -9.74 18.74
C GLN A 94 -2.73 -10.88 19.57
N ILE A 95 -3.93 -11.31 19.17
CA ILE A 95 -4.64 -12.42 19.80
C ILE A 95 -5.34 -13.32 18.75
N PRO A 96 -4.74 -13.55 17.57
CA PRO A 96 -5.36 -14.32 16.51
C PRO A 96 -5.45 -15.81 16.89
N VAL A 97 -6.19 -16.58 16.11
CA VAL A 97 -6.33 -18.03 16.29
C VAL A 97 -5.07 -18.72 15.76
N VAL A 98 -3.93 -18.38 16.38
CA VAL A 98 -2.60 -18.83 16.02
C VAL A 98 -2.35 -20.31 16.34
N GLU A 99 -3.44 -21.08 16.36
CA GLU A 99 -3.48 -22.50 16.65
C GLU A 99 -2.50 -23.29 15.79
N VAL A 100 -1.97 -24.36 16.39
CA VAL A 100 -1.11 -25.32 15.71
C VAL A 100 -1.49 -26.73 16.16
N ASP A 101 -1.72 -27.63 15.21
CA ASP A 101 -2.16 -28.98 15.48
C ASP A 101 -1.70 -29.92 14.36
N GLU A 102 -0.58 -29.56 13.73
CA GLU A 102 0.00 -30.30 12.62
C GLU A 102 1.50 -30.10 12.58
N LEU A 103 2.16 -30.86 11.71
CA LEU A 103 3.55 -30.76 11.35
C LEU A 103 3.97 -29.34 10.98
N PRO A 104 5.28 -29.13 10.84
CA PRO A 104 5.92 -27.92 10.37
C PRO A 104 5.30 -27.42 9.07
N GLU A 105 5.54 -26.14 8.77
CA GLU A 105 4.99 -25.48 7.59
C GLU A 105 5.69 -25.90 6.30
N GLY A 106 6.46 -26.98 6.34
CA GLY A 106 7.25 -27.41 5.18
C GLY A 106 8.00 -28.71 5.43
N TYR A 107 7.41 -29.67 6.16
CA TYR A 107 8.02 -30.93 6.46
C TYR A 107 8.44 -31.69 5.21
N ASP A 108 9.28 -32.70 5.42
CA ASP A 108 9.68 -33.62 4.37
C ASP A 108 10.08 -34.96 5.01
N ARG A 109 10.15 -36.03 4.21
CA ARG A 109 10.44 -37.36 4.68
C ARG A 109 11.91 -37.53 5.10
N SER A 110 12.70 -36.46 4.99
CA SER A 110 14.12 -36.50 5.32
C SER A 110 14.57 -35.15 5.89
N ALA B 1 -18.93 -3.73 -7.90
CA ALA B 1 -18.10 -3.04 -6.90
C ALA B 1 -18.75 -1.73 -6.48
N ASP B 2 -18.11 -1.04 -5.52
CA ASP B 2 -18.60 0.24 -4.99
C ASP B 2 -17.41 1.10 -4.57
N THR B 3 -16.26 0.88 -5.21
CA THR B 3 -15.01 1.51 -4.82
C THR B 3 -14.09 1.82 -6.00
N GLU B 4 -13.21 2.76 -5.71
CA GLU B 4 -11.97 3.01 -6.43
C GLU B 4 -10.85 2.94 -5.39
N MET B 5 -11.24 2.70 -4.13
CA MET B 5 -10.39 2.59 -2.96
C MET B 5 -9.59 1.29 -3.02
N GLU B 6 -10.17 0.32 -3.72
CA GLU B 6 -9.68 -1.04 -3.82
C GLU B 6 -9.13 -1.23 -5.25
N GLU B 7 -8.76 -0.11 -5.86
CA GLU B 7 -8.14 -0.03 -7.17
C GLU B 7 -6.99 0.98 -7.06
N VAL B 8 -6.13 1.05 -8.08
CA VAL B 8 -4.91 1.84 -8.00
C VAL B 8 -5.17 3.35 -8.13
N ASP B 9 -4.08 4.13 -8.26
CA ASP B 9 -4.07 5.60 -8.19
C ASP B 9 -5.00 6.11 -7.09
N SER A 1 4.35 11.24 -21.32
CA SER A 1 4.30 9.79 -21.02
C SER A 1 5.63 9.30 -20.46
N GLN A 2 5.83 9.51 -19.15
CA GLN A 2 7.06 9.12 -18.44
C GLN A 2 6.74 8.69 -17.01
N PHE A 3 5.47 8.34 -16.73
CA PHE A 3 5.03 8.01 -15.38
C PHE A 3 3.79 7.16 -15.50
N GLU A 4 2.97 7.54 -16.47
CA GLU A 4 1.75 6.85 -16.82
C GLU A 4 1.95 5.35 -17.01
N LYS A 5 3.01 4.91 -17.71
CA LYS A 5 3.06 3.51 -18.04
C LYS A 5 3.44 2.71 -16.81
N GLN A 6 4.35 3.26 -16.01
CA GLN A 6 4.75 2.70 -14.74
C GLN A 6 3.57 2.60 -13.77
N LYS A 7 2.46 3.28 -14.10
CA LYS A 7 1.28 3.33 -13.27
C LYS A 7 0.17 2.46 -13.86
N GLU A 8 0.08 2.46 -15.19
CA GLU A 8 -0.92 1.73 -15.96
C GLU A 8 -0.51 0.29 -16.20
N GLN A 9 0.81 0.02 -16.21
CA GLN A 9 1.30 -1.34 -16.35
C GLN A 9 1.04 -2.14 -15.08
N GLY A 10 1.42 -1.58 -13.92
CA GLY A 10 1.19 -2.24 -12.64
C GLY A 10 -0.30 -2.22 -12.31
N ASN A 11 -1.06 -1.40 -13.03
CA ASN A 11 -2.49 -1.21 -12.85
C ASN A 11 -3.24 -2.52 -13.08
N SER A 12 -2.58 -3.52 -13.67
CA SER A 12 -3.20 -4.83 -13.83
C SER A 12 -2.39 -5.90 -13.12
N LEU A 13 -1.06 -5.77 -13.03
CA LEU A 13 -0.24 -6.68 -12.28
C LEU A 13 -0.70 -6.77 -10.82
N PHE A 14 -1.21 -5.65 -10.29
CA PHE A 14 -1.73 -5.59 -8.93
C PHE A 14 -3.03 -6.37 -8.84
N LYS A 15 -3.84 -6.32 -9.91
CA LYS A 15 -5.16 -6.92 -9.89
C LYS A 15 -5.13 -8.42 -10.25
N GLN A 16 -3.97 -8.96 -10.61
CA GLN A 16 -3.81 -10.33 -11.06
C GLN A 16 -3.37 -11.28 -9.96
N GLY A 17 -2.76 -10.75 -8.89
CA GLY A 17 -2.24 -11.60 -7.83
C GLY A 17 -0.84 -11.25 -7.41
N LEU A 18 -0.18 -10.48 -8.25
CA LEU A 18 1.24 -10.25 -8.14
C LEU A 18 1.50 -8.80 -7.78
N TYR A 19 1.00 -8.50 -6.59
CA TYR A 19 1.04 -7.20 -5.96
C TYR A 19 2.44 -6.61 -6.00
N ARG A 20 3.47 -7.45 -5.83
CA ARG A 20 4.83 -6.96 -5.76
C ARG A 20 5.30 -6.63 -7.17
N GLU A 21 4.95 -7.47 -8.14
CA GLU A 21 5.27 -7.21 -9.53
C GLU A 21 4.50 -5.98 -10.01
N ALA A 22 3.61 -5.46 -9.16
CA ALA A 22 2.94 -4.21 -9.41
C ALA A 22 3.70 -3.06 -8.74
N VAL A 23 4.06 -3.21 -7.45
CA VAL A 23 4.75 -2.19 -6.69
C VAL A 23 6.14 -1.92 -7.22
N HIS A 24 6.80 -2.97 -7.67
CA HIS A 24 8.15 -2.86 -8.18
C HIS A 24 8.21 -2.08 -9.50
N CYS A 25 7.06 -1.58 -9.96
CA CYS A 25 6.95 -0.66 -11.09
C CYS A 25 6.30 0.64 -10.62
N TYR A 26 5.42 0.53 -9.61
CA TYR A 26 4.85 1.65 -8.88
C TYR A 26 5.96 2.45 -8.19
N ASP A 27 7.03 1.77 -7.77
CA ASP A 27 8.12 2.40 -7.06
C ASP A 27 8.79 3.46 -7.92
N GLN A 28 8.77 3.29 -9.25
CA GLN A 28 9.34 4.30 -10.12
C GLN A 28 8.41 5.50 -10.28
N LEU A 29 7.15 5.41 -9.86
CA LEU A 29 6.28 6.58 -9.85
C LEU A 29 6.83 7.56 -8.83
N ILE A 30 7.36 7.04 -7.73
CA ILE A 30 7.93 7.87 -6.69
C ILE A 30 9.30 8.37 -7.10
N THR A 31 10.09 7.58 -7.81
CA THR A 31 11.39 8.08 -8.24
C THR A 31 11.27 9.03 -9.43
N ALA A 32 10.22 8.88 -10.25
CA ALA A 32 10.02 9.78 -11.38
C ALA A 32 9.31 11.04 -10.91
N GLN A 33 8.53 10.91 -9.83
CA GLN A 33 7.78 11.98 -9.24
C GLN A 33 7.70 11.78 -7.73
N PRO A 34 8.82 12.01 -7.05
CA PRO A 34 8.96 11.79 -5.62
C PRO A 34 8.15 12.80 -4.85
N GLN A 35 7.61 13.74 -5.62
CA GLN A 35 6.60 14.69 -5.16
C GLN A 35 5.21 14.37 -5.72
N ASN A 36 4.84 13.09 -5.72
CA ASN A 36 3.54 12.64 -6.17
C ASN A 36 3.02 11.52 -5.29
N PRO A 37 1.71 11.50 -5.08
CA PRO A 37 1.06 10.56 -4.18
C PRO A 37 0.61 9.25 -4.83
N VAL A 38 0.06 9.19 -6.05
CA VAL A 38 -0.20 7.90 -6.67
C VAL A 38 0.97 6.97 -6.54
N GLY A 39 2.16 7.57 -6.54
CA GLY A 39 3.40 6.86 -6.31
C GLY A 39 3.28 6.01 -5.06
N TYR A 40 2.95 6.64 -3.93
CA TYR A 40 2.77 5.97 -2.67
C TYR A 40 1.46 5.19 -2.66
N SER A 41 0.46 5.68 -3.41
CA SER A 41 -0.91 5.16 -3.31
C SER A 41 -1.02 3.79 -3.96
N ASN A 42 -0.27 3.57 -5.05
CA ASN A 42 -0.31 2.29 -5.74
C ASN A 42 0.53 1.27 -4.98
N LYS A 43 1.77 1.67 -4.63
CA LYS A 43 2.67 0.87 -3.81
C LYS A 43 2.02 0.55 -2.47
N ALA A 44 1.13 1.42 -1.98
CA ALA A 44 0.47 1.23 -0.70
C ALA A 44 -0.63 0.17 -0.79
N MET A 45 -1.54 0.30 -1.76
CA MET A 45 -2.66 -0.64 -1.87
C MET A 45 -2.16 -2.07 -2.08
N ALA A 46 -1.00 -2.22 -2.73
CA ALA A 46 -0.41 -3.52 -2.94
C ALA A 46 0.14 -4.09 -1.63
N LEU A 47 0.68 -3.23 -0.75
CA LEU A 47 1.23 -3.68 0.52
C LEU A 47 0.13 -4.28 1.41
N ILE A 48 -1.12 -3.84 1.25
CA ILE A 48 -2.22 -4.45 1.99
C ILE A 48 -2.45 -5.85 1.46
N LYS A 49 -2.50 -5.99 0.13
CA LYS A 49 -2.65 -7.27 -0.53
C LYS A 49 -1.42 -8.16 -0.31
N LEU A 50 -0.33 -7.60 0.26
CA LEU A 50 0.86 -8.34 0.64
C LEU A 50 0.86 -8.51 2.16
N GLY A 51 -0.04 -7.78 2.84
CA GLY A 51 -0.21 -7.80 4.28
C GLY A 51 0.94 -7.11 5.00
N GLU A 52 1.71 -6.33 4.24
CA GLU A 52 2.80 -5.50 4.69
C GLU A 52 2.23 -4.14 5.07
N TYR A 53 1.11 -4.23 5.76
CA TYR A 53 0.39 -3.13 6.33
C TYR A 53 1.33 -2.16 7.04
N THR A 54 2.34 -2.67 7.73
CA THR A 54 3.23 -1.82 8.51
C THR A 54 3.83 -0.74 7.62
N GLN A 55 4.19 -1.14 6.40
CA GLN A 55 4.78 -0.25 5.42
C GLN A 55 3.70 0.55 4.72
N ALA A 56 2.56 -0.09 4.48
CA ALA A 56 1.40 0.54 3.87
C ALA A 56 0.94 1.78 4.64
N ILE A 57 0.96 1.70 5.96
CA ILE A 57 0.56 2.80 6.83
C ILE A 57 1.48 3.99 6.55
N GLN A 58 2.77 3.73 6.31
CA GLN A 58 3.73 4.77 6.03
C GLN A 58 3.50 5.36 4.65
N MET A 59 3.10 4.53 3.67
CA MET A 59 2.85 5.00 2.31
C MET A 59 1.59 5.88 2.25
N CYS A 60 0.52 5.47 2.94
CA CYS A 60 -0.73 6.18 2.85
C CYS A 60 -0.57 7.58 3.44
N GLN A 61 -0.06 7.69 4.67
CA GLN A 61 0.19 9.00 5.25
C GLN A 61 1.21 9.86 4.49
N GLN A 62 2.15 9.26 3.75
CA GLN A 62 3.08 9.99 2.89
C GLN A 62 2.34 10.68 1.76
N GLY A 63 1.42 9.99 1.07
CA GLY A 63 0.69 10.60 -0.03
C GLY A 63 0.10 11.96 0.34
N LEU A 64 -0.31 12.14 1.60
CA LEU A 64 -0.96 13.37 2.07
C LEU A 64 0.00 14.56 2.15
N ARG A 65 1.29 14.31 1.89
CA ARG A 65 2.32 15.32 1.89
C ARG A 65 2.35 16.00 0.52
N TYR A 66 1.69 15.34 -0.42
CA TYR A 66 1.64 15.70 -1.81
C TYR A 66 0.26 16.10 -2.32
N THR A 67 -0.82 15.79 -1.58
CA THR A 67 -2.18 16.16 -1.98
C THR A 67 -2.50 17.61 -1.64
N SER A 68 -1.47 18.47 -1.59
CA SER A 68 -1.60 19.89 -1.27
C SER A 68 -2.46 20.68 -2.28
N THR A 69 -3.01 19.99 -3.27
CA THR A 69 -3.82 20.61 -4.32
C THR A 69 -4.98 19.70 -4.70
N ALA A 70 -6.08 20.29 -5.22
CA ALA A 70 -7.31 19.57 -5.53
C ALA A 70 -7.20 18.70 -6.78
N GLU A 71 -6.07 18.70 -7.49
CA GLU A 71 -5.87 17.74 -8.56
C GLU A 71 -5.67 16.34 -7.99
N HIS A 72 -5.53 16.25 -6.66
CA HIS A 72 -5.26 15.00 -5.97
C HIS A 72 -6.40 14.59 -5.04
N VAL A 73 -7.57 15.24 -5.15
CA VAL A 73 -8.73 14.85 -4.34
C VAL A 73 -9.43 13.67 -4.96
N ALA A 74 -8.68 12.60 -4.89
CA ALA A 74 -8.95 11.29 -5.46
C ALA A 74 -8.12 10.29 -4.69
N ILE A 75 -6.87 10.71 -4.53
CA ILE A 75 -5.78 10.05 -3.85
C ILE A 75 -5.88 10.28 -2.35
N ARG A 76 -6.20 11.51 -1.98
CA ARG A 76 -6.33 11.88 -0.57
C ARG A 76 -7.37 10.98 0.09
N SER A 77 -8.34 10.54 -0.70
CA SER A 77 -9.36 9.59 -0.29
C SER A 77 -8.75 8.21 0.00
N LYS A 78 -7.71 7.84 -0.73
CA LYS A 78 -7.09 6.51 -0.61
C LYS A 78 -6.11 6.48 0.55
N LEU A 79 -5.36 7.57 0.72
CA LEU A 79 -4.35 7.71 1.75
C LEU A 79 -4.96 7.65 3.16
N GLN A 80 -6.29 7.71 3.25
CA GLN A 80 -7.08 7.62 4.45
C GLN A 80 -7.85 6.32 4.62
N TYR A 81 -7.91 5.49 3.57
CA TYR A 81 -8.66 4.25 3.66
C TYR A 81 -7.79 3.05 4.00
N ARG A 82 -6.71 2.83 3.25
CA ARG A 82 -5.83 1.71 3.57
C ARG A 82 -5.06 2.06 4.84
N LEU A 83 -5.05 3.35 5.15
CA LEU A 83 -4.46 3.88 6.35
C LEU A 83 -5.33 3.56 7.56
N GLU A 84 -6.56 3.12 7.31
CA GLU A 84 -7.50 2.70 8.32
C GLU A 84 -7.86 1.22 8.22
N LEU A 85 -7.12 0.47 7.38
CA LEU A 85 -7.29 -0.98 7.32
C LEU A 85 -5.97 -1.68 7.64
N ALA A 86 -4.85 -1.15 7.16
CA ALA A 86 -3.53 -1.70 7.37
C ALA A 86 -3.20 -1.73 8.86
N GLN A 87 -3.16 -0.55 9.50
CA GLN A 87 -2.87 -0.44 10.94
C GLN A 87 -3.86 -1.18 11.81
N GLY A 88 -5.01 -1.51 11.24
CA GLY A 88 -6.06 -2.27 11.92
C GLY A 88 -5.95 -3.75 11.57
N ALA A 89 -4.83 -4.14 10.93
CA ALA A 89 -4.60 -5.50 10.47
C ALA A 89 -3.15 -5.93 10.61
N VAL A 90 -2.23 -4.96 10.72
CA VAL A 90 -0.80 -5.26 10.67
C VAL A 90 -0.41 -6.46 11.51
N GLY A 91 -0.89 -6.43 12.76
CA GLY A 91 -0.58 -7.42 13.78
C GLY A 91 -1.81 -7.80 14.60
N SER A 92 -3.00 -7.65 14.01
CA SER A 92 -4.26 -8.00 14.68
C SER A 92 -4.29 -9.50 15.03
N VAL A 93 -5.21 -9.86 15.94
CA VAL A 93 -5.35 -11.18 16.53
C VAL A 93 -4.02 -11.80 16.95
N GLN A 94 -3.75 -11.71 18.25
CA GLN A 94 -2.51 -12.18 18.83
C GLN A 94 -2.59 -13.64 19.29
N ILE A 95 -3.67 -14.34 18.97
CA ILE A 95 -3.90 -15.72 19.45
C ILE A 95 -4.38 -16.68 18.35
N PRO A 96 -3.87 -16.58 17.11
CA PRO A 96 -4.28 -17.44 16.02
C PRO A 96 -3.69 -18.84 16.20
N VAL A 97 -4.06 -19.78 15.32
CA VAL A 97 -3.53 -21.14 15.37
C VAL A 97 -2.06 -21.15 14.96
N VAL A 98 -1.18 -20.95 15.94
CA VAL A 98 0.26 -21.05 15.77
C VAL A 98 0.80 -21.89 16.91
N GLU A 99 0.93 -23.19 16.66
CA GLU A 99 1.30 -24.16 17.68
C GLU A 99 2.26 -25.20 17.11
N VAL A 100 2.65 -26.15 17.95
CA VAL A 100 3.52 -27.25 17.55
C VAL A 100 2.87 -28.55 18.01
N ASP A 101 3.03 -29.61 17.20
CA ASP A 101 2.36 -30.88 17.43
C ASP A 101 3.26 -32.05 17.02
N GLU A 102 4.57 -31.83 17.13
CA GLU A 102 5.59 -32.81 16.77
C GLU A 102 6.84 -32.56 17.62
N LEU A 103 7.95 -33.14 17.16
CA LEU A 103 9.27 -32.93 17.71
C LEU A 103 9.65 -31.45 17.78
N PRO A 104 10.78 -31.18 18.46
CA PRO A 104 11.43 -29.89 18.53
C PRO A 104 11.65 -29.28 17.15
N GLU A 105 11.90 -27.96 17.13
CA GLU A 105 12.06 -27.21 15.89
C GLU A 105 13.44 -27.44 15.26
N GLY A 106 14.17 -28.47 15.71
CA GLY A 106 15.52 -28.72 15.22
C GLY A 106 16.12 -30.01 15.78
N TYR A 107 15.32 -31.07 15.94
CA TYR A 107 15.78 -32.34 16.44
C TYR A 107 16.92 -32.94 15.64
N ASP A 108 17.54 -33.96 16.21
CA ASP A 108 18.55 -34.76 15.53
C ASP A 108 18.56 -36.16 16.14
N ARG A 109 19.01 -37.15 15.38
CA ARG A 109 19.00 -38.53 15.82
C ARG A 109 19.91 -38.72 17.04
N SER A 110 19.28 -38.95 18.19
CA SER A 110 19.93 -39.23 19.48
C SER A 110 21.24 -38.47 19.65
N ALA B 1 -18.83 -3.12 -4.03
CA ALA B 1 -18.30 -1.75 -4.03
C ALA B 1 -17.59 -1.43 -5.34
N ASP B 2 -17.29 -0.15 -5.58
CA ASP B 2 -16.62 0.30 -6.79
C ASP B 2 -15.74 1.52 -6.49
N THR B 3 -15.41 1.71 -5.21
CA THR B 3 -14.59 2.83 -4.76
C THR B 3 -13.21 2.82 -5.41
N GLU B 4 -12.67 4.02 -5.66
CA GLU B 4 -11.37 4.16 -6.31
C GLU B 4 -10.22 3.71 -5.42
N MET B 5 -10.43 3.57 -4.11
CA MET B 5 -9.40 3.03 -3.25
C MET B 5 -9.21 1.54 -3.51
N GLU B 6 -10.19 0.92 -4.19
CA GLU B 6 -10.07 -0.47 -4.60
C GLU B 6 -9.44 -0.54 -5.98
N GLU B 7 -8.88 0.60 -6.42
CA GLU B 7 -8.15 0.78 -7.66
C GLU B 7 -6.82 1.46 -7.31
N VAL B 8 -5.98 1.75 -8.30
CA VAL B 8 -4.61 2.15 -7.99
C VAL B 8 -4.40 3.66 -7.87
N ASP B 9 -4.41 4.41 -8.98
CA ASP B 9 -4.09 5.83 -8.97
C ASP B 9 -5.32 6.68 -8.72
N SER A 1 2.60 11.46 -20.24
CA SER A 1 2.97 10.14 -20.79
C SER A 1 4.36 9.72 -20.34
N GLN A 2 4.69 9.96 -19.07
CA GLN A 2 6.02 9.67 -18.51
C GLN A 2 5.90 9.23 -17.05
N PHE A 3 4.70 8.81 -16.64
CA PHE A 3 4.41 8.43 -15.26
C PHE A 3 3.22 7.50 -15.29
N GLU A 4 2.29 7.84 -16.17
CA GLU A 4 1.08 7.10 -16.44
C GLU A 4 1.37 5.64 -16.75
N LYS A 5 2.35 5.34 -17.62
CA LYS A 5 2.53 3.97 -18.05
C LYS A 5 3.02 3.12 -16.90
N GLN A 6 3.94 3.64 -16.10
CA GLN A 6 4.44 2.98 -14.91
C GLN A 6 3.32 2.84 -13.87
N LYS A 7 2.19 3.50 -14.10
CA LYS A 7 1.03 3.46 -13.22
C LYS A 7 -0.13 2.68 -13.84
N GLU A 8 -0.04 2.37 -15.14
CA GLU A 8 -1.07 1.66 -15.90
C GLU A 8 -0.59 0.25 -16.24
N GLN A 9 0.72 0.07 -16.34
CA GLN A 9 1.30 -1.25 -16.57
C GLN A 9 1.20 -2.12 -15.32
N GLY A 10 1.53 -1.58 -14.15
CA GLY A 10 1.42 -2.31 -12.90
C GLY A 10 -0.04 -2.32 -12.41
N ASN A 11 -0.87 -1.50 -13.06
CA ASN A 11 -2.27 -1.33 -12.73
C ASN A 11 -3.03 -2.64 -12.91
N SER A 12 -2.56 -3.51 -13.81
CA SER A 12 -3.18 -4.80 -13.99
C SER A 12 -2.45 -5.86 -13.18
N LEU A 13 -1.12 -5.75 -13.05
CA LEU A 13 -0.33 -6.67 -12.24
C LEU A 13 -0.84 -6.74 -10.80
N PHE A 14 -1.34 -5.63 -10.27
CA PHE A 14 -1.88 -5.57 -8.93
C PHE A 14 -3.17 -6.37 -8.83
N LYS A 15 -3.91 -6.43 -9.93
CA LYS A 15 -5.21 -7.08 -9.94
C LYS A 15 -5.12 -8.57 -10.28
N GLN A 16 -3.92 -9.07 -10.61
CA GLN A 16 -3.73 -10.44 -11.07
C GLN A 16 -3.27 -11.38 -9.95
N GLY A 17 -2.68 -10.83 -8.88
CA GLY A 17 -2.16 -11.66 -7.82
C GLY A 17 -0.80 -11.24 -7.34
N LEU A 18 -0.10 -10.54 -8.23
CA LEU A 18 1.31 -10.25 -8.07
C LEU A 18 1.48 -8.80 -7.69
N TYR A 19 0.90 -8.51 -6.53
CA TYR A 19 0.88 -7.21 -5.90
C TYR A 19 2.26 -6.59 -5.88
N ARG A 20 3.30 -7.41 -5.62
CA ARG A 20 4.66 -6.90 -5.47
C ARG A 20 5.16 -6.45 -6.82
N GLU A 21 4.93 -7.25 -7.87
CA GLU A 21 5.36 -6.92 -9.21
C GLU A 21 4.67 -5.64 -9.67
N ALA A 22 3.50 -5.34 -9.09
CA ALA A 22 2.77 -4.13 -9.38
C ALA A 22 3.47 -2.92 -8.75
N VAL A 23 3.97 -3.08 -7.53
CA VAL A 23 4.61 -2.02 -6.77
C VAL A 23 5.96 -1.73 -7.38
N HIS A 24 6.50 -2.82 -7.93
CA HIS A 24 7.79 -2.84 -8.58
C HIS A 24 7.83 -1.95 -9.82
N CYS A 25 6.68 -1.38 -10.20
CA CYS A 25 6.58 -0.42 -11.30
C CYS A 25 5.98 0.89 -10.75
N TYR A 26 5.15 0.76 -9.72
CA TYR A 26 4.62 1.85 -8.92
C TYR A 26 5.75 2.63 -8.27
N ASP A 27 6.83 1.94 -7.90
CA ASP A 27 7.94 2.54 -7.18
C ASP A 27 8.60 3.62 -8.03
N GLN A 28 8.53 3.49 -9.36
CA GLN A 28 9.09 4.51 -10.23
C GLN A 28 8.20 5.74 -10.32
N LEU A 29 6.93 5.65 -9.91
CA LEU A 29 6.06 6.81 -9.83
C LEU A 29 6.61 7.74 -8.78
N ILE A 30 7.14 7.16 -7.70
CA ILE A 30 7.70 7.93 -6.62
C ILE A 30 9.10 8.40 -6.99
N THR A 31 9.88 7.59 -7.69
CA THR A 31 11.20 8.05 -8.08
C THR A 31 11.13 9.08 -9.19
N ALA A 32 10.08 9.06 -10.00
CA ALA A 32 9.91 10.04 -11.06
C ALA A 32 9.24 11.30 -10.50
N GLN A 33 8.41 11.11 -9.46
CA GLN A 33 7.67 12.17 -8.83
C GLN A 33 7.57 11.86 -7.33
N PRO A 34 8.68 12.01 -6.63
CA PRO A 34 8.79 11.64 -5.23
C PRO A 34 7.96 12.56 -4.36
N GLN A 35 7.49 13.61 -5.01
CA GLN A 35 6.49 14.51 -4.46
C GLN A 35 5.13 14.31 -5.15
N ASN A 36 4.67 13.06 -5.22
CA ASN A 36 3.38 12.71 -5.77
C ASN A 36 2.77 11.58 -4.92
N PRO A 37 1.48 11.65 -4.63
CA PRO A 37 0.78 10.68 -3.81
C PRO A 37 0.45 9.36 -4.49
N VAL A 38 -0.09 9.36 -5.72
CA VAL A 38 -0.45 8.08 -6.33
C VAL A 38 0.71 7.12 -6.41
N GLY A 39 1.90 7.71 -6.46
CA GLY A 39 3.14 6.95 -6.33
C GLY A 39 3.05 6.04 -5.13
N TYR A 40 2.75 6.64 -3.97
CA TYR A 40 2.65 5.92 -2.71
C TYR A 40 1.34 5.15 -2.65
N SER A 41 0.28 5.65 -3.28
CA SER A 41 -1.06 5.11 -3.14
C SER A 41 -1.15 3.71 -3.75
N ASN A 42 -0.49 3.51 -4.89
CA ASN A 42 -0.54 2.23 -5.59
C ASN A 42 0.42 1.24 -4.92
N LYS A 43 1.64 1.70 -4.63
CA LYS A 43 2.63 0.93 -3.88
C LYS A 43 2.06 0.57 -2.50
N ALA A 44 1.14 1.38 -1.98
CA ALA A 44 0.54 1.15 -0.66
C ALA A 44 -0.56 0.10 -0.72
N MET A 45 -1.47 0.23 -1.70
CA MET A 45 -2.60 -0.69 -1.79
C MET A 45 -2.12 -2.12 -1.99
N ALA A 46 -0.97 -2.28 -2.64
CA ALA A 46 -0.39 -3.59 -2.85
C ALA A 46 0.18 -4.15 -1.55
N LEU A 47 0.71 -3.29 -0.67
CA LEU A 47 1.26 -3.75 0.61
C LEU A 47 0.17 -4.30 1.52
N ILE A 48 -1.09 -3.93 1.30
CA ILE A 48 -2.19 -4.50 2.04
C ILE A 48 -2.46 -5.91 1.52
N LYS A 49 -2.54 -6.02 0.19
CA LYS A 49 -2.72 -7.29 -0.48
C LYS A 49 -1.52 -8.23 -0.26
N LEU A 50 -0.42 -7.72 0.28
CA LEU A 50 0.75 -8.51 0.66
C LEU A 50 0.77 -8.67 2.18
N GLY A 51 0.10 -7.75 2.88
CA GLY A 51 -0.07 -7.77 4.33
C GLY A 51 1.05 -7.05 5.06
N GLU A 52 1.88 -6.31 4.31
CA GLU A 52 2.91 -5.45 4.85
C GLU A 52 2.32 -4.11 5.23
N TYR A 53 1.18 -4.21 5.91
CA TYR A 53 0.44 -3.10 6.41
C TYR A 53 1.36 -2.10 7.11
N THR A 54 2.38 -2.59 7.82
CA THR A 54 3.26 -1.73 8.59
C THR A 54 3.88 -0.67 7.69
N GLN A 55 4.26 -1.11 6.48
CA GLN A 55 4.87 -0.26 5.48
C GLN A 55 3.79 0.53 4.74
N ALA A 56 2.65 -0.11 4.51
CA ALA A 56 1.51 0.51 3.85
C ALA A 56 1.06 1.78 4.59
N ILE A 57 1.05 1.73 5.92
CA ILE A 57 0.65 2.86 6.74
C ILE A 57 1.57 4.05 6.47
N GLN A 58 2.87 3.78 6.26
CA GLN A 58 3.83 4.82 5.99
C GLN A 58 3.63 5.41 4.60
N MET A 59 3.24 4.58 3.63
CA MET A 59 3.02 5.04 2.26
C MET A 59 1.80 5.96 2.18
N CYS A 60 0.70 5.58 2.82
CA CYS A 60 -0.54 6.33 2.71
C CYS A 60 -0.34 7.75 3.25
N GLN A 61 0.13 7.85 4.49
CA GLN A 61 0.42 9.13 5.11
C GLN A 61 1.52 9.94 4.40
N GLN A 62 2.43 9.29 3.67
CA GLN A 62 3.36 10.00 2.80
C GLN A 62 2.60 10.65 1.64
N GLY A 63 1.65 9.94 1.03
CA GLY A 63 0.88 10.50 -0.06
C GLY A 63 0.28 11.84 0.33
N LEU A 64 -0.17 11.97 1.58
CA LEU A 64 -0.81 13.16 2.11
C LEU A 64 0.11 14.39 2.13
N ARG A 65 1.41 14.21 1.85
CA ARG A 65 2.39 15.27 1.94
C ARG A 65 2.35 16.10 0.68
N TYR A 66 1.75 15.49 -0.34
CA TYR A 66 1.72 15.99 -1.69
C TYR A 66 0.32 16.30 -2.20
N THR A 67 -0.73 15.92 -1.46
CA THR A 67 -2.11 16.11 -1.88
C THR A 67 -2.59 17.56 -1.70
N SER A 68 -1.64 18.51 -1.66
CA SER A 68 -1.93 19.93 -1.49
C SER A 68 -2.66 20.55 -2.68
N THR A 69 -3.04 19.74 -3.67
CA THR A 69 -3.69 20.21 -4.90
C THR A 69 -4.82 19.27 -5.32
N ALA A 70 -5.76 19.78 -6.12
CA ALA A 70 -6.97 19.07 -6.50
C ALA A 70 -6.76 17.99 -7.56
N GLU A 71 -5.54 17.87 -8.11
CA GLU A 71 -5.23 16.73 -8.97
C GLU A 71 -4.92 15.50 -8.12
N HIS A 72 -4.78 15.70 -6.82
CA HIS A 72 -4.33 14.67 -5.89
C HIS A 72 -5.39 14.34 -4.85
N VAL A 73 -6.52 15.04 -4.88
CA VAL A 73 -7.65 14.76 -4.00
C VAL A 73 -8.14 13.33 -4.19
N ALA A 74 -7.92 12.80 -5.39
CA ALA A 74 -8.33 11.47 -5.79
C ALA A 74 -7.66 10.42 -4.92
N ILE A 75 -6.41 10.71 -4.59
CA ILE A 75 -5.53 9.80 -3.92
C ILE A 75 -5.54 10.06 -2.44
N ARG A 76 -5.73 11.33 -2.08
CA ARG A 76 -5.90 11.71 -0.68
C ARG A 76 -7.06 10.94 -0.09
N SER A 77 -8.00 10.58 -0.95
CA SER A 77 -9.18 9.82 -0.59
C SER A 77 -8.86 8.33 -0.43
N LYS A 78 -7.77 7.90 -1.07
CA LYS A 78 -7.39 6.50 -1.07
C LYS A 78 -6.37 6.21 0.01
N LEU A 79 -5.43 7.13 0.26
CA LEU A 79 -4.41 6.89 1.28
C LEU A 79 -5.12 6.55 2.59
N GLN A 80 -6.15 7.33 2.89
CA GLN A 80 -6.94 7.31 4.10
C GLN A 80 -7.67 6.00 4.31
N TYR A 81 -7.92 5.27 3.21
CA TYR A 81 -8.67 4.03 3.27
C TYR A 81 -7.81 2.83 3.64
N ARG A 82 -6.55 2.79 3.21
CA ARG A 82 -5.68 1.69 3.62
C ARG A 82 -5.00 2.11 4.91
N LEU A 83 -4.99 3.42 5.15
CA LEU A 83 -4.46 4.01 6.36
C LEU A 83 -5.47 3.83 7.49
N GLU A 84 -6.60 3.18 7.17
CA GLU A 84 -7.60 2.81 8.15
C GLU A 84 -7.85 1.31 8.17
N LEU A 85 -7.18 0.57 7.28
CA LEU A 85 -7.31 -0.88 7.23
C LEU A 85 -6.01 -1.59 7.60
N ALA A 86 -4.87 -1.07 7.12
CA ALA A 86 -3.55 -1.63 7.35
C ALA A 86 -3.23 -1.61 8.84
N GLN A 87 -3.19 -0.43 9.45
CA GLN A 87 -2.92 -0.25 10.88
C GLN A 87 -3.93 -0.97 11.76
N GLY A 88 -5.08 -1.34 11.18
CA GLY A 88 -6.11 -2.08 11.87
C GLY A 88 -6.00 -3.57 11.55
N ALA A 89 -4.88 -3.97 10.94
CA ALA A 89 -4.63 -5.34 10.52
C ALA A 89 -3.18 -5.75 10.69
N VAL A 90 -2.26 -4.79 10.81
CA VAL A 90 -0.84 -5.09 10.78
C VAL A 90 -0.47 -6.28 11.66
N GLY A 91 -0.94 -6.19 12.90
CA GLY A 91 -0.63 -7.14 13.96
C GLY A 91 -1.78 -7.28 14.96
N SER A 92 -3.00 -6.92 14.54
CA SER A 92 -4.18 -7.01 15.38
C SER A 92 -4.48 -8.45 15.79
N VAL A 93 -5.48 -8.62 16.67
CA VAL A 93 -5.86 -9.92 17.23
C VAL A 93 -4.64 -10.62 17.79
N GLN A 94 -4.21 -10.14 18.97
CA GLN A 94 -2.99 -10.56 19.62
C GLN A 94 -3.26 -11.02 21.05
N ILE A 95 -4.55 -11.17 21.39
CA ILE A 95 -4.99 -11.66 22.69
C ILE A 95 -6.27 -12.52 22.55
N PRO A 96 -6.38 -13.35 21.50
CA PRO A 96 -7.56 -14.20 21.30
C PRO A 96 -7.54 -15.36 22.30
N VAL A 97 -8.56 -16.22 22.24
CA VAL A 97 -8.66 -17.37 23.13
C VAL A 97 -7.54 -18.38 22.83
N VAL A 98 -6.40 -18.19 23.48
CA VAL A 98 -5.28 -19.11 23.45
C VAL A 98 -4.87 -19.39 24.89
N GLU A 99 -5.38 -20.49 25.44
CA GLU A 99 -5.21 -20.86 26.82
C GLU A 99 -5.01 -22.37 26.96
N VAL A 100 -4.90 -22.83 28.21
CA VAL A 100 -4.75 -24.25 28.51
C VAL A 100 -5.79 -24.64 29.55
N ASP A 101 -6.38 -25.82 29.38
CA ASP A 101 -7.48 -26.28 30.21
C ASP A 101 -7.46 -27.80 30.36
N GLU A 102 -6.26 -28.38 30.33
CA GLU A 102 -6.06 -29.82 30.40
C GLU A 102 -4.81 -30.17 31.20
N LEU A 103 -4.06 -29.12 31.45
CA LEU A 103 -2.74 -29.11 32.03
C LEU A 103 -2.52 -27.82 32.82
N PRO A 104 -1.40 -27.77 33.53
CA PRO A 104 -0.87 -26.60 34.22
C PRO A 104 -0.82 -25.38 33.32
N GLU A 105 -0.73 -24.19 33.93
CA GLU A 105 -0.72 -22.93 33.20
C GLU A 105 0.61 -22.64 32.51
N GLY A 106 1.47 -23.65 32.38
CA GLY A 106 2.80 -23.47 31.82
C GLY A 106 3.59 -24.77 31.70
N TYR A 107 2.93 -25.87 31.33
CA TYR A 107 3.56 -27.16 31.15
C TYR A 107 4.70 -27.15 30.13
N ASP A 108 5.46 -28.24 30.10
CA ASP A 108 6.52 -28.45 29.15
C ASP A 108 6.68 -29.94 28.88
N ARG A 109 7.26 -30.29 27.73
CA ARG A 109 7.39 -31.69 27.31
C ARG A 109 8.72 -31.94 26.61
N SER A 110 9.53 -30.90 26.41
CA SER A 110 10.83 -31.00 25.75
C SER A 110 11.76 -29.90 26.24
N ALA B 1 -18.52 -2.99 -8.42
CA ALA B 1 -17.54 -2.59 -7.38
C ALA B 1 -18.13 -1.50 -6.48
N ASP B 2 -17.38 -1.10 -5.46
CA ASP B 2 -17.79 -0.09 -4.50
C ASP B 2 -16.57 0.69 -4.00
N THR B 3 -15.51 0.72 -4.81
CA THR B 3 -14.24 1.33 -4.44
C THR B 3 -13.57 2.02 -5.63
N GLU B 4 -12.53 2.77 -5.29
CA GLU B 4 -11.58 3.33 -6.25
C GLU B 4 -10.15 3.19 -5.69
N MET B 5 -10.02 3.12 -4.36
CA MET B 5 -8.77 2.79 -3.68
C MET B 5 -8.25 1.42 -4.10
N GLU B 6 -9.13 0.59 -4.66
CA GLU B 6 -8.79 -0.77 -5.06
C GLU B 6 -8.75 -0.85 -6.59
N GLU B 7 -8.61 0.31 -7.24
CA GLU B 7 -8.48 0.48 -8.68
C GLU B 7 -7.24 1.33 -8.96
N VAL B 8 -6.28 1.25 -8.02
CA VAL B 8 -5.00 1.93 -8.00
C VAL B 8 -5.11 3.46 -8.13
N ASP B 9 -4.68 4.07 -9.24
CA ASP B 9 -4.56 5.50 -9.39
C ASP B 9 -5.92 6.20 -9.25
N SER A 1 3.37 10.11 -21.14
CA SER A 1 4.03 8.80 -20.99
C SER A 1 5.37 8.92 -20.31
N GLN A 2 5.35 9.21 -19.00
CA GLN A 2 6.56 9.34 -18.19
C GLN A 2 6.28 8.95 -16.74
N PHE A 3 5.04 8.52 -16.44
CA PHE A 3 4.63 8.20 -15.08
C PHE A 3 3.40 7.31 -15.18
N GLU A 4 2.57 7.63 -16.18
CA GLU A 4 1.36 6.95 -16.49
C GLU A 4 1.55 5.46 -16.73
N LYS A 5 2.61 5.06 -17.44
CA LYS A 5 2.71 3.67 -17.83
C LYS A 5 3.12 2.84 -16.63
N GLN A 6 4.01 3.40 -15.82
CA GLN A 6 4.39 2.83 -14.55
C GLN A 6 3.20 2.74 -13.59
N LYS A 7 2.09 3.41 -13.93
CA LYS A 7 0.87 3.44 -13.14
C LYS A 7 -0.25 2.65 -13.80
N GLU A 8 -0.10 2.32 -15.08
CA GLU A 8 -1.09 1.61 -15.87
C GLU A 8 -0.63 0.19 -16.20
N GLN A 9 0.69 -0.02 -16.14
CA GLN A 9 1.25 -1.35 -16.29
C GLN A 9 1.00 -2.17 -15.02
N GLY A 10 1.43 -1.66 -13.86
CA GLY A 10 1.21 -2.32 -12.59
C GLY A 10 -0.29 -2.40 -12.29
N ASN A 11 -1.08 -1.59 -12.99
CA ASN A 11 -2.53 -1.50 -12.87
C ASN A 11 -3.19 -2.82 -13.27
N SER A 12 -2.41 -3.77 -13.78
CA SER A 12 -2.93 -5.12 -14.04
C SER A 12 -2.07 -6.18 -13.36
N LEU A 13 -0.78 -5.92 -13.11
CA LEU A 13 0.05 -6.84 -12.35
C LEU A 13 -0.51 -6.93 -10.92
N PHE A 14 -1.10 -5.84 -10.42
CA PHE A 14 -1.70 -5.80 -9.10
C PHE A 14 -2.96 -6.64 -9.07
N LYS A 15 -3.70 -6.66 -10.17
CA LYS A 15 -4.98 -7.35 -10.22
C LYS A 15 -4.84 -8.85 -10.53
N GLN A 16 -3.63 -9.31 -10.83
CA GLN A 16 -3.36 -10.69 -11.22
C GLN A 16 -2.98 -11.55 -10.03
N GLY A 17 -2.47 -10.94 -8.96
CA GLY A 17 -2.01 -11.70 -7.81
C GLY A 17 -0.65 -11.26 -7.30
N LEU A 18 0.06 -10.54 -8.17
CA LEU A 18 1.46 -10.25 -7.97
C LEU A 18 1.64 -8.78 -7.64
N TYR A 19 1.00 -8.46 -6.53
CA TYR A 19 0.98 -7.15 -5.92
C TYR A 19 2.36 -6.55 -5.86
N ARG A 20 3.38 -7.36 -5.54
CA ARG A 20 4.73 -6.86 -5.37
C ARG A 20 5.32 -6.52 -6.73
N GLU A 21 5.09 -7.37 -7.73
CA GLU A 21 5.58 -7.10 -9.07
C GLU A 21 4.90 -5.85 -9.62
N ALA A 22 3.71 -5.54 -9.09
CA ALA A 22 2.99 -4.33 -9.44
C ALA A 22 3.61 -3.11 -8.78
N VAL A 23 4.08 -3.24 -7.53
CA VAL A 23 4.67 -2.15 -6.80
C VAL A 23 6.03 -1.86 -7.36
N HIS A 24 6.60 -2.90 -7.93
CA HIS A 24 7.90 -2.92 -8.54
C HIS A 24 7.99 -1.97 -9.73
N CYS A 25 6.87 -1.36 -10.12
CA CYS A 25 6.81 -0.36 -11.16
C CYS A 25 6.14 0.90 -10.61
N TYR A 26 5.28 0.71 -9.61
CA TYR A 26 4.69 1.78 -8.81
C TYR A 26 5.80 2.56 -8.10
N ASP A 27 6.89 1.89 -7.72
CA ASP A 27 7.98 2.50 -6.98
C ASP A 27 8.66 3.56 -7.84
N GLN A 28 8.64 3.40 -9.16
CA GLN A 28 9.21 4.40 -10.04
C GLN A 28 8.29 5.62 -10.15
N LEU A 29 7.02 5.53 -9.72
CA LEU A 29 6.16 6.70 -9.66
C LEU A 29 6.72 7.65 -8.61
N ILE A 30 7.23 7.09 -7.52
CA ILE A 30 7.78 7.90 -6.45
C ILE A 30 9.18 8.37 -6.83
N THR A 31 9.95 7.56 -7.54
CA THR A 31 11.28 8.02 -7.93
C THR A 31 11.21 9.04 -9.07
N ALA A 32 10.16 8.99 -9.88
CA ALA A 32 9.98 9.95 -10.95
C ALA A 32 9.25 11.19 -10.44
N GLN A 33 8.42 10.99 -9.41
CA GLN A 33 7.64 12.04 -8.79
C GLN A 33 7.53 11.76 -7.29
N PRO A 34 8.64 11.96 -6.59
CA PRO A 34 8.78 11.63 -5.17
C PRO A 34 7.93 12.55 -4.32
N GLN A 35 7.42 13.56 -4.99
CA GLN A 35 6.40 14.45 -4.46
C GLN A 35 5.05 14.26 -5.15
N ASN A 36 4.59 13.01 -5.22
CA ASN A 36 3.30 12.68 -5.81
C ASN A 36 2.63 11.57 -4.99
N PRO A 37 1.33 11.68 -4.70
CA PRO A 37 0.56 10.72 -3.94
C PRO A 37 0.29 9.40 -4.62
N VAL A 38 -0.18 9.36 -5.89
CA VAL A 38 -0.40 8.06 -6.51
C VAL A 38 0.81 7.14 -6.45
N GLY A 39 1.97 7.75 -6.38
CA GLY A 39 3.20 7.00 -6.17
C GLY A 39 3.02 6.07 -4.98
N TYR A 40 2.43 6.61 -3.91
CA TYR A 40 2.14 5.93 -2.67
C TYR A 40 0.72 5.36 -2.61
N SER A 41 -0.09 5.52 -3.65
CA SER A 41 -1.49 5.10 -3.62
C SER A 41 -1.65 3.66 -4.09
N ASN A 42 -0.74 3.21 -4.94
CA ASN A 42 -0.81 1.88 -5.53
C ASN A 42 0.27 0.97 -4.94
N LYS A 43 1.47 1.52 -4.68
CA LYS A 43 2.50 0.85 -3.89
C LYS A 43 1.90 0.56 -2.51
N ALA A 44 0.91 1.35 -2.07
CA ALA A 44 0.26 1.09 -0.80
C ALA A 44 -0.83 0.02 -0.92
N MET A 45 -1.76 0.20 -1.86
CA MET A 45 -2.83 -0.78 -2.06
C MET A 45 -2.28 -2.19 -2.22
N ALA A 46 -1.11 -2.32 -2.87
CA ALA A 46 -0.49 -3.61 -3.04
C ALA A 46 0.01 -4.15 -1.70
N LEU A 47 0.58 -3.28 -0.85
CA LEU A 47 1.05 -3.68 0.46
C LEU A 47 -0.10 -4.19 1.34
N ILE A 48 -1.33 -3.75 1.10
CA ILE A 48 -2.48 -4.30 1.82
C ILE A 48 -2.73 -5.73 1.35
N LYS A 49 -2.76 -5.92 0.02
CA LYS A 49 -2.94 -7.23 -0.56
C LYS A 49 -1.74 -8.16 -0.30
N LEU A 50 -0.63 -7.61 0.19
CA LEU A 50 0.55 -8.36 0.61
C LEU A 50 0.48 -8.51 2.13
N GLY A 51 -0.39 -7.73 2.76
CA GLY A 51 -0.58 -7.67 4.20
C GLY A 51 0.63 -7.06 4.89
N GLU A 52 1.43 -6.34 4.11
CA GLU A 52 2.59 -5.58 4.56
C GLU A 52 2.13 -4.20 4.93
N TYR A 53 1.07 -4.23 5.73
CA TYR A 53 0.39 -3.07 6.23
C TYR A 53 1.32 -2.08 6.91
N THR A 54 2.41 -2.55 7.53
CA THR A 54 3.25 -1.63 8.30
C THR A 54 3.72 -0.50 7.41
N GLN A 55 3.87 -0.85 6.14
CA GLN A 55 4.51 -0.06 5.12
C GLN A 55 3.44 0.64 4.31
N ALA A 56 2.32 -0.05 4.16
CA ALA A 56 1.12 0.54 3.59
C ALA A 56 0.72 1.79 4.37
N ILE A 57 0.81 1.73 5.70
CA ILE A 57 0.51 2.85 6.56
C ILE A 57 1.51 3.97 6.29
N GLN A 58 2.78 3.60 6.04
CA GLN A 58 3.80 4.60 5.78
C GLN A 58 3.60 5.27 4.43
N MET A 59 3.14 4.50 3.45
CA MET A 59 2.88 5.02 2.11
C MET A 59 1.78 6.07 2.15
N CYS A 60 0.66 5.75 2.83
CA CYS A 60 -0.51 6.60 2.77
C CYS A 60 -0.24 7.96 3.41
N GLN A 61 0.22 7.98 4.66
CA GLN A 61 0.56 9.21 5.34
C GLN A 61 1.59 10.05 4.54
N GLN A 62 2.46 9.41 3.75
CA GLN A 62 3.38 10.12 2.85
C GLN A 62 2.63 10.75 1.69
N GLY A 63 1.69 10.05 1.07
CA GLY A 63 0.94 10.61 -0.03
C GLY A 63 0.34 11.98 0.34
N LEU A 64 -0.10 12.14 1.59
CA LEU A 64 -0.73 13.36 2.09
C LEU A 64 0.24 14.54 2.20
N ARG A 65 1.52 14.35 1.85
CA ARG A 65 2.52 15.39 1.90
C ARG A 65 2.45 16.20 0.63
N TYR A 66 1.77 15.61 -0.35
CA TYR A 66 1.70 16.11 -1.70
C TYR A 66 0.28 16.45 -2.18
N THR A 67 -0.76 16.08 -1.43
CA THR A 67 -2.15 16.28 -1.84
C THR A 67 -2.61 17.74 -1.71
N SER A 68 -1.66 18.69 -1.72
CA SER A 68 -1.94 20.11 -1.61
C SER A 68 -2.70 20.70 -2.80
N THR A 69 -3.13 19.85 -3.74
CA THR A 69 -3.80 20.29 -4.96
C THR A 69 -4.95 19.35 -5.33
N ALA A 70 -5.87 19.85 -6.16
CA ALA A 70 -7.09 19.13 -6.52
C ALA A 70 -6.88 18.03 -7.57
N GLU A 71 -5.67 17.88 -8.12
CA GLU A 71 -5.37 16.72 -8.95
C GLU A 71 -5.05 15.52 -8.07
N HIS A 72 -4.92 15.75 -6.76
CA HIS A 72 -4.48 14.75 -5.80
C HIS A 72 -5.54 14.44 -4.77
N VAL A 73 -6.69 15.13 -4.83
CA VAL A 73 -7.82 14.89 -3.95
C VAL A 73 -8.30 13.43 -4.09
N ALA A 74 -8.08 12.87 -5.27
CA ALA A 74 -8.45 11.50 -5.60
C ALA A 74 -7.74 10.49 -4.71
N ILE A 75 -6.51 10.85 -4.35
CA ILE A 75 -5.61 9.96 -3.66
C ILE A 75 -5.64 10.26 -2.18
N ARG A 76 -5.86 11.54 -1.87
CA ARG A 76 -6.08 11.98 -0.49
C ARG A 76 -7.24 11.18 0.11
N SER A 77 -8.09 10.65 -0.76
CA SER A 77 -9.25 9.86 -0.37
C SER A 77 -8.85 8.42 -0.08
N LYS A 78 -7.72 7.97 -0.64
CA LYS A 78 -7.27 6.59 -0.49
C LYS A 78 -6.23 6.49 0.61
N LEU A 79 -5.40 7.53 0.75
CA LEU A 79 -4.39 7.63 1.79
C LEU A 79 -5.04 7.71 3.18
N GLN A 80 -6.37 7.73 3.22
CA GLN A 80 -7.18 7.69 4.40
C GLN A 80 -7.96 6.39 4.56
N TYR A 81 -8.00 5.56 3.51
CA TYR A 81 -8.71 4.29 3.55
C TYR A 81 -7.77 3.12 3.80
N ARG A 82 -6.85 2.88 2.86
CA ARG A 82 -5.93 1.76 3.01
C ARG A 82 -4.83 2.12 4.00
N LEU A 83 -4.87 3.36 4.50
CA LEU A 83 -4.08 3.80 5.63
C LEU A 83 -4.62 3.16 6.90
N GLU A 84 -5.95 3.12 7.04
CA GLU A 84 -6.61 2.77 8.28
C GLU A 84 -6.75 1.27 8.46
N LEU A 85 -7.08 0.58 7.37
CA LEU A 85 -7.31 -0.85 7.41
C LEU A 85 -6.01 -1.60 7.68
N ALA A 86 -4.91 -1.10 7.14
CA ALA A 86 -3.60 -1.67 7.28
C ALA A 86 -3.17 -1.68 8.75
N GLN A 87 -3.12 -0.51 9.40
CA GLN A 87 -2.74 -0.37 10.81
C GLN A 87 -3.68 -1.11 11.75
N GLY A 88 -4.87 -1.47 11.25
CA GLY A 88 -5.85 -2.24 11.99
C GLY A 88 -5.73 -3.72 11.63
N ALA A 89 -4.66 -4.08 10.92
CA ALA A 89 -4.43 -5.43 10.45
C ALA A 89 -2.95 -5.85 10.52
N VAL A 90 -2.03 -4.88 10.62
CA VAL A 90 -0.59 -5.17 10.59
C VAL A 90 -0.21 -6.37 11.46
N GLY A 91 -0.69 -6.31 12.69
CA GLY A 91 -0.40 -7.28 13.74
C GLY A 91 -1.63 -8.11 14.11
N SER A 92 -2.67 -8.06 13.27
CA SER A 92 -3.96 -8.72 13.46
C SER A 92 -4.61 -8.51 14.82
N VAL A 93 -5.80 -9.10 15.00
CA VAL A 93 -6.61 -8.94 16.21
C VAL A 93 -6.19 -9.97 17.26
N GLN A 94 -5.11 -9.63 17.98
CA GLN A 94 -4.58 -10.43 19.07
C GLN A 94 -4.35 -9.59 20.32
N ILE A 95 -5.02 -8.43 20.39
CA ILE A 95 -5.04 -7.55 21.55
C ILE A 95 -6.44 -6.98 21.82
N PRO A 96 -7.53 -7.73 21.58
CA PRO A 96 -8.88 -7.24 21.80
C PRO A 96 -9.20 -7.19 23.28
N VAL A 97 -10.43 -6.82 23.62
CA VAL A 97 -10.91 -6.75 25.00
C VAL A 97 -12.21 -7.53 25.11
N VAL A 98 -12.16 -8.76 24.61
CA VAL A 98 -13.23 -9.73 24.56
C VAL A 98 -13.58 -10.31 25.93
N GLU A 99 -13.31 -9.52 26.96
CA GLU A 99 -13.50 -9.86 28.36
C GLU A 99 -14.94 -10.27 28.66
N VAL A 100 -15.08 -11.22 29.57
CA VAL A 100 -16.35 -11.66 30.12
C VAL A 100 -16.18 -11.89 31.62
N ASP A 101 -17.13 -11.39 32.41
CA ASP A 101 -17.07 -11.49 33.87
C ASP A 101 -18.48 -11.46 34.44
N GLU A 102 -19.44 -11.90 33.63
CA GLU A 102 -20.85 -11.94 33.98
C GLU A 102 -21.54 -13.15 33.35
N LEU A 103 -22.88 -13.09 33.28
CA LEU A 103 -23.73 -14.15 32.75
C LEU A 103 -23.35 -14.61 31.34
N PRO A 104 -23.92 -15.75 30.95
CA PRO A 104 -23.86 -16.32 29.61
C PRO A 104 -24.25 -15.32 28.53
N GLU A 105 -23.93 -15.64 27.27
CA GLU A 105 -24.15 -14.76 26.14
C GLU A 105 -25.62 -14.64 25.73
N GLY A 106 -26.54 -15.09 26.57
CA GLY A 106 -27.96 -15.08 26.24
C GLY A 106 -28.82 -15.71 27.34
N TYR A 107 -28.46 -15.51 28.61
CA TYR A 107 -29.14 -16.10 29.74
C TYR A 107 -30.65 -15.97 29.72
N ASP A 108 -31.11 -14.75 29.39
CA ASP A 108 -32.49 -14.31 29.37
C ASP A 108 -33.42 -15.17 30.21
N ARG A 109 -33.42 -14.92 31.53
CA ARG A 109 -34.24 -15.63 32.50
C ARG A 109 -35.71 -15.66 32.07
N SER A 110 -36.16 -16.82 31.59
CA SER A 110 -37.54 -17.06 31.20
C SER A 110 -38.51 -16.79 32.36
N ALA B 1 -16.57 -4.00 -4.10
CA ALA B 1 -17.14 -2.76 -3.55
C ALA B 1 -17.53 -1.81 -4.68
N ASP B 2 -17.55 -0.49 -4.40
CA ASP B 2 -17.98 0.53 -5.35
C ASP B 2 -17.11 1.78 -5.22
N THR B 3 -15.82 1.59 -4.96
CA THR B 3 -14.90 2.68 -4.69
C THR B 3 -13.56 2.45 -5.38
N GLU B 4 -12.92 3.56 -5.79
CA GLU B 4 -11.65 3.55 -6.49
C GLU B 4 -10.49 3.21 -5.57
N MET B 5 -10.71 3.17 -4.25
CA MET B 5 -9.69 2.67 -3.33
C MET B 5 -9.61 1.15 -3.42
N GLU B 6 -10.57 0.52 -4.11
CA GLU B 6 -10.51 -0.90 -4.36
C GLU B 6 -9.84 -1.13 -5.72
N GLU B 7 -9.17 -0.09 -6.21
CA GLU B 7 -8.45 -0.04 -7.48
C GLU B 7 -7.16 0.75 -7.24
N VAL B 8 -6.31 0.87 -8.28
CA VAL B 8 -5.03 1.57 -8.12
C VAL B 8 -5.21 3.07 -8.38
N ASP B 9 -4.08 3.80 -8.49
CA ASP B 9 -4.05 5.25 -8.56
C ASP B 9 -5.07 5.87 -7.62
N SER A 1 9.86 11.66 -21.38
CA SER A 1 9.60 11.13 -20.03
C SER A 1 8.28 10.36 -19.98
N GLN A 2 8.05 9.66 -18.87
CA GLN A 2 6.82 8.88 -18.68
C GLN A 2 6.52 8.73 -17.19
N PHE A 3 5.34 8.21 -16.87
CA PHE A 3 4.92 7.98 -15.49
C PHE A 3 3.73 7.04 -15.55
N GLU A 4 2.88 7.30 -16.55
CA GLU A 4 1.70 6.54 -16.82
C GLU A 4 2.02 5.06 -16.99
N LYS A 5 2.97 4.68 -17.85
CA LYS A 5 3.11 3.28 -18.13
C LYS A 5 3.58 2.52 -16.89
N GLN A 6 4.49 3.13 -16.13
CA GLN A 6 4.98 2.55 -14.89
C GLN A 6 3.88 2.48 -13.84
N LYS A 7 2.72 3.09 -14.11
CA LYS A 7 1.58 3.05 -13.21
C LYS A 7 0.53 2.10 -13.75
N GLU A 8 0.27 2.21 -15.04
CA GLU A 8 -0.75 1.46 -15.78
C GLU A 8 -0.31 0.02 -16.03
N GLN A 9 0.99 -0.21 -16.13
CA GLN A 9 1.47 -1.58 -16.23
C GLN A 9 1.16 -2.31 -14.93
N GLY A 10 1.42 -1.67 -13.79
CA GLY A 10 1.13 -2.24 -12.48
C GLY A 10 -0.39 -2.25 -12.24
N ASN A 11 -1.11 -1.33 -12.90
CA ASN A 11 -2.56 -1.22 -12.89
C ASN A 11 -3.23 -2.45 -13.47
N SER A 12 -2.44 -3.48 -13.81
CA SER A 12 -2.98 -4.79 -14.13
C SER A 12 -2.25 -5.88 -13.35
N LEU A 13 -0.94 -5.75 -13.15
CA LEU A 13 -0.19 -6.70 -12.33
C LEU A 13 -0.79 -6.80 -10.92
N PHE A 14 -1.27 -5.68 -10.39
CA PHE A 14 -1.88 -5.62 -9.07
C PHE A 14 -3.22 -6.34 -9.07
N LYS A 15 -3.87 -6.39 -10.23
CA LYS A 15 -5.19 -6.97 -10.37
C LYS A 15 -5.13 -8.45 -10.75
N GLN A 16 -3.92 -8.99 -11.02
CA GLN A 16 -3.72 -10.36 -11.44
C GLN A 16 -3.35 -11.28 -10.28
N GLY A 17 -2.80 -10.73 -9.20
CA GLY A 17 -2.35 -11.55 -8.08
C GLY A 17 -1.00 -11.16 -7.54
N LEU A 18 -0.23 -10.48 -8.38
CA LEU A 18 1.17 -10.25 -8.15
C LEU A 18 1.39 -8.80 -7.77
N TYR A 19 0.82 -8.48 -6.61
CA TYR A 19 0.83 -7.17 -6.00
C TYR A 19 2.23 -6.59 -5.98
N ARG A 20 3.24 -7.41 -5.66
CA ARG A 20 4.60 -6.93 -5.51
C ARG A 20 5.14 -6.53 -6.88
N GLU A 21 4.88 -7.36 -7.89
CA GLU A 21 5.34 -7.07 -9.25
C GLU A 21 4.70 -5.78 -9.74
N ALA A 22 3.54 -5.43 -9.17
CA ALA A 22 2.84 -4.19 -9.50
C ALA A 22 3.55 -3.00 -8.84
N VAL A 23 4.00 -3.17 -7.59
CA VAL A 23 4.64 -2.12 -6.84
C VAL A 23 6.02 -1.86 -7.39
N HIS A 24 6.55 -2.93 -7.95
CA HIS A 24 7.86 -2.97 -8.55
C HIS A 24 7.97 -2.02 -9.75
N CYS A 25 6.85 -1.41 -10.13
CA CYS A 25 6.81 -0.40 -11.18
C CYS A 25 6.19 0.88 -10.61
N TYR A 26 5.31 0.73 -9.62
CA TYR A 26 4.75 1.80 -8.82
C TYR A 26 5.85 2.57 -8.11
N ASP A 27 6.91 1.87 -7.71
CA ASP A 27 8.00 2.47 -6.96
C ASP A 27 8.72 3.53 -7.79
N GLN A 28 8.69 3.39 -9.13
CA GLN A 28 9.28 4.39 -9.98
C GLN A 28 8.38 5.62 -10.14
N LEU A 29 7.10 5.53 -9.74
CA LEU A 29 6.24 6.71 -9.74
C LEU A 29 6.74 7.67 -8.67
N ILE A 30 7.24 7.11 -7.57
CA ILE A 30 7.78 7.93 -6.50
C ILE A 30 9.18 8.42 -6.89
N THR A 31 9.95 7.62 -7.60
CA THR A 31 11.28 8.07 -7.98
C THR A 31 11.22 9.05 -9.16
N ALA A 32 10.19 8.96 -10.01
CA ALA A 32 10.04 9.88 -11.11
C ALA A 32 9.32 11.15 -10.64
N GLN A 33 8.49 10.99 -9.60
CA GLN A 33 7.73 12.08 -9.02
C GLN A 33 7.60 11.84 -7.52
N PRO A 34 8.70 12.04 -6.81
CA PRO A 34 8.80 11.79 -5.38
C PRO A 34 7.97 12.80 -4.61
N GLN A 35 7.49 13.78 -5.37
CA GLN A 35 6.49 14.73 -4.95
C GLN A 35 5.11 14.44 -5.54
N ASN A 36 4.73 13.15 -5.59
CA ASN A 36 3.43 12.73 -6.06
C ASN A 36 2.89 11.61 -5.18
N PRO A 37 1.57 11.58 -5.01
CA PRO A 37 0.90 10.72 -4.08
C PRO A 37 0.47 9.38 -4.68
N VAL A 38 -0.06 9.30 -5.90
CA VAL A 38 -0.30 8.00 -6.51
C VAL A 38 0.89 7.07 -6.36
N GLY A 39 2.08 7.68 -6.39
CA GLY A 39 3.33 6.94 -6.21
C GLY A 39 3.22 6.08 -4.95
N TYR A 40 2.91 6.72 -3.82
CA TYR A 40 2.69 6.03 -2.56
C TYR A 40 1.40 5.23 -2.62
N SER A 41 0.41 5.71 -3.37
CA SER A 41 -0.95 5.16 -3.34
C SER A 41 -1.05 3.82 -4.03
N ASN A 42 -0.27 3.61 -5.10
CA ASN A 42 -0.31 2.36 -5.84
C ASN A 42 0.49 1.31 -5.06
N LYS A 43 1.71 1.66 -4.67
CA LYS A 43 2.59 0.83 -3.85
C LYS A 43 1.87 0.50 -2.54
N ALA A 44 1.04 1.42 -2.03
CA ALA A 44 0.33 1.21 -0.76
C ALA A 44 -0.80 0.20 -0.92
N MET A 45 -1.71 0.41 -1.89
CA MET A 45 -2.82 -0.50 -2.07
C MET A 45 -2.34 -1.94 -2.28
N ALA A 46 -1.16 -2.10 -2.87
CA ALA A 46 -0.57 -3.42 -3.07
C ALA A 46 -0.02 -3.99 -1.76
N LEU A 47 0.58 -3.15 -0.92
CA LEU A 47 1.10 -3.61 0.37
C LEU A 47 -0.01 -4.16 1.26
N ILE A 48 -1.25 -3.70 1.08
CA ILE A 48 -2.37 -4.25 1.83
C ILE A 48 -2.66 -5.66 1.32
N LYS A 49 -2.73 -5.81 0.00
CA LYS A 49 -2.89 -7.09 -0.64
C LYS A 49 -1.69 -8.02 -0.40
N LEU A 50 -0.60 -7.49 0.20
CA LEU A 50 0.57 -8.25 0.60
C LEU A 50 0.57 -8.40 2.12
N GLY A 51 -0.30 -7.64 2.80
CA GLY A 51 -0.45 -7.60 4.24
C GLY A 51 0.75 -6.97 4.92
N GLU A 52 1.58 -6.27 4.12
CA GLU A 52 2.72 -5.50 4.55
C GLU A 52 2.24 -4.12 4.97
N TYR A 53 1.13 -4.17 5.69
CA TYR A 53 0.46 -3.03 6.26
C TYR A 53 1.44 -2.11 6.98
N THR A 54 2.45 -2.67 7.66
CA THR A 54 3.37 -1.84 8.42
C THR A 54 3.98 -0.79 7.52
N GLN A 55 4.26 -1.18 6.28
CA GLN A 55 4.85 -0.32 5.27
C GLN A 55 3.77 0.52 4.61
N ALA A 56 2.60 -0.09 4.38
CA ALA A 56 1.46 0.57 3.79
C ALA A 56 1.03 1.81 4.57
N ILE A 57 1.08 1.73 5.90
CA ILE A 57 0.70 2.83 6.77
C ILE A 57 1.63 4.02 6.50
N GLN A 58 2.91 3.73 6.24
CA GLN A 58 3.88 4.76 5.95
C GLN A 58 3.63 5.40 4.59
N MET A 59 3.17 4.61 3.62
CA MET A 59 2.89 5.11 2.28
C MET A 59 1.69 6.04 2.30
N CYS A 60 0.61 5.63 2.96
CA CYS A 60 -0.65 6.38 2.92
C CYS A 60 -0.46 7.76 3.55
N GLN A 61 0.06 7.83 4.77
CA GLN A 61 0.30 9.12 5.40
C GLN A 61 1.30 10.01 4.64
N GLN A 62 2.26 9.44 3.90
CA GLN A 62 3.17 10.22 3.06
C GLN A 62 2.43 10.81 1.87
N GLY A 63 1.55 10.06 1.21
CA GLY A 63 0.79 10.59 0.09
C GLY A 63 0.16 11.95 0.41
N LEU A 64 -0.24 12.17 1.67
CA LEU A 64 -0.91 13.39 2.11
C LEU A 64 0.00 14.61 2.11
N ARG A 65 1.29 14.40 1.83
CA ARG A 65 2.29 15.44 1.74
C ARG A 65 2.30 15.97 0.31
N TYR A 66 1.66 15.19 -0.55
CA TYR A 66 1.59 15.37 -1.98
C TYR A 66 0.15 15.49 -2.52
N THR A 67 -0.81 15.92 -1.69
CA THR A 67 -2.20 16.05 -2.11
C THR A 67 -2.71 17.46 -1.83
N SER A 68 -1.80 18.44 -1.77
CA SER A 68 -2.12 19.84 -1.53
C SER A 68 -2.93 20.49 -2.66
N THR A 69 -3.36 19.71 -3.64
CA THR A 69 -4.08 20.19 -4.81
C THR A 69 -5.25 19.28 -5.17
N ALA A 70 -6.24 19.82 -5.87
CA ALA A 70 -7.48 19.12 -6.19
C ALA A 70 -7.34 18.10 -7.32
N GLU A 71 -6.18 18.01 -7.99
CA GLU A 71 -5.94 16.93 -8.93
C GLU A 71 -5.61 15.65 -8.18
N HIS A 72 -5.30 15.77 -6.88
CA HIS A 72 -4.82 14.67 -6.07
C HIS A 72 -5.75 14.41 -4.89
N VAL A 73 -6.90 15.08 -4.85
CA VAL A 73 -7.92 14.84 -3.84
C VAL A 73 -8.39 13.38 -3.91
N ALA A 74 -8.33 12.81 -5.12
CA ALA A 74 -8.72 11.45 -5.40
C ALA A 74 -7.94 10.49 -4.51
N ILE A 75 -6.66 10.80 -4.38
CA ILE A 75 -5.67 10.01 -3.69
C ILE A 75 -5.70 10.30 -2.20
N ARG A 76 -5.95 11.56 -1.86
CA ARG A 76 -6.08 11.98 -0.48
C ARG A 76 -7.16 11.16 0.21
N SER A 77 -8.11 10.70 -0.59
CA SER A 77 -9.23 9.88 -0.14
C SER A 77 -8.77 8.45 0.13
N LYS A 78 -7.72 8.00 -0.56
CA LYS A 78 -7.20 6.63 -0.42
C LYS A 78 -6.19 6.56 0.71
N LEU A 79 -5.38 7.60 0.86
CA LEU A 79 -4.36 7.69 1.89
C LEU A 79 -4.95 7.68 3.30
N GLN A 80 -6.28 7.73 3.39
CA GLN A 80 -7.07 7.68 4.59
C GLN A 80 -7.87 6.39 4.75
N TYR A 81 -7.91 5.55 3.71
CA TYR A 81 -8.66 4.30 3.79
C TYR A 81 -7.76 3.12 4.08
N ARG A 82 -6.68 2.92 3.31
CA ARG A 82 -5.79 1.81 3.60
C ARG A 82 -5.01 2.12 4.87
N LEU A 83 -4.98 3.41 5.20
CA LEU A 83 -4.36 3.93 6.40
C LEU A 83 -5.21 3.59 7.62
N GLU A 84 -6.45 3.16 7.37
CA GLU A 84 -7.38 2.76 8.42
C GLU A 84 -7.75 1.29 8.30
N LEU A 85 -7.03 0.52 7.48
CA LEU A 85 -7.21 -0.92 7.42
C LEU A 85 -5.90 -1.65 7.69
N ALA A 86 -4.78 -1.12 7.17
CA ALA A 86 -3.46 -1.69 7.33
C ALA A 86 -3.09 -1.74 8.81
N GLN A 87 -3.02 -0.58 9.48
CA GLN A 87 -2.67 -0.48 10.89
C GLN A 87 -3.63 -1.22 11.80
N GLY A 88 -4.81 -1.55 11.27
CA GLY A 88 -5.82 -2.31 11.99
C GLY A 88 -5.72 -3.78 11.63
N ALA A 89 -4.65 -4.16 10.94
CA ALA A 89 -4.43 -5.52 10.46
C ALA A 89 -2.97 -5.95 10.56
N VAL A 90 -2.05 -5.00 10.70
CA VAL A 90 -0.62 -5.33 10.75
C VAL A 90 -0.31 -6.47 11.71
N GLY A 91 -0.82 -6.30 12.93
CA GLY A 91 -0.63 -7.22 14.05
C GLY A 91 -1.66 -8.34 14.06
N SER A 92 -2.24 -8.67 12.90
CA SER A 92 -3.28 -9.69 12.77
C SER A 92 -2.94 -10.70 11.69
N VAL A 93 -1.65 -10.78 11.37
CA VAL A 93 -1.11 -11.73 10.40
C VAL A 93 0.16 -12.33 10.97
N GLN A 94 0.01 -13.55 11.51
CA GLN A 94 1.07 -14.27 12.21
C GLN A 94 0.96 -15.77 11.97
N ILE A 95 0.11 -16.16 11.01
CA ILE A 95 -0.10 -17.54 10.62
C ILE A 95 -0.38 -17.64 9.10
N PRO A 96 0.35 -16.90 8.25
CA PRO A 96 0.17 -16.92 6.81
C PRO A 96 0.73 -18.24 6.26
N VAL A 97 0.68 -18.41 4.93
CA VAL A 97 1.25 -19.59 4.29
C VAL A 97 2.78 -19.60 4.43
N VAL A 98 3.28 -20.16 5.53
CA VAL A 98 4.72 -20.34 5.72
C VAL A 98 5.23 -21.40 4.75
N GLU A 99 5.45 -20.98 3.51
CA GLU A 99 5.94 -21.82 2.44
C GLU A 99 7.45 -22.05 2.60
N VAL A 100 7.91 -23.25 2.22
CA VAL A 100 9.31 -23.63 2.26
C VAL A 100 9.62 -24.44 1.01
N ASP A 101 10.76 -24.14 0.38
CA ASP A 101 11.18 -24.80 -0.84
C ASP A 101 12.70 -24.77 -0.98
N GLU A 102 13.37 -24.65 0.18
CA GLU A 102 14.82 -24.51 0.34
C GLU A 102 15.47 -23.58 -0.69
N LEU A 103 16.78 -23.76 -0.88
CA LEU A 103 17.61 -22.96 -1.77
C LEU A 103 17.13 -22.97 -3.22
N PRO A 104 17.70 -22.05 -4.00
CA PRO A 104 17.59 -21.96 -5.44
C PRO A 104 17.90 -23.28 -6.13
N GLU A 105 17.48 -23.41 -7.39
CA GLU A 105 17.67 -24.62 -8.18
C GLU A 105 19.11 -24.83 -8.66
N GLY A 106 20.05 -24.06 -8.11
CA GLY A 106 21.43 -24.10 -8.57
C GLY A 106 22.37 -23.20 -7.77
N TYR A 107 22.20 -23.13 -6.43
CA TYR A 107 23.02 -22.32 -5.57
C TYR A 107 24.50 -22.65 -5.65
N ASP A 108 25.32 -21.80 -5.03
CA ASP A 108 26.75 -22.02 -4.89
C ASP A 108 27.23 -21.34 -3.60
N ARG A 109 28.34 -21.83 -3.04
CA ARG A 109 28.85 -21.33 -1.77
C ARG A 109 30.38 -21.29 -1.74
N SER A 110 31.04 -21.65 -2.84
CA SER A 110 32.50 -21.62 -2.95
C SER A 110 33.02 -20.19 -2.90
N ALA B 1 -14.99 -4.62 -6.58
CA ALA B 1 -14.62 -3.20 -6.34
C ALA B 1 -15.86 -2.33 -6.29
N ASP B 2 -15.93 -1.44 -5.29
CA ASP B 2 -17.07 -0.54 -5.11
C ASP B 2 -16.58 0.84 -4.67
N THR B 3 -15.28 1.10 -4.85
CA THR B 3 -14.63 2.33 -4.44
C THR B 3 -13.29 2.47 -5.15
N GLU B 4 -12.80 3.71 -5.28
CA GLU B 4 -11.55 3.98 -5.97
C GLU B 4 -10.35 3.50 -5.15
N MET B 5 -10.48 3.33 -3.83
CA MET B 5 -9.41 2.77 -3.03
C MET B 5 -9.22 1.28 -3.31
N GLU B 6 -10.17 0.69 -4.04
CA GLU B 6 -10.05 -0.69 -4.51
C GLU B 6 -9.49 -0.66 -5.93
N GLU B 7 -8.90 0.48 -6.31
CA GLU B 7 -8.23 0.72 -7.59
C GLU B 7 -6.91 1.44 -7.27
N VAL B 8 -6.04 1.61 -8.26
CA VAL B 8 -4.66 1.99 -7.97
C VAL B 8 -4.38 3.48 -7.85
N ASP B 9 -4.88 4.31 -8.79
CA ASP B 9 -4.52 5.73 -8.81
C ASP B 9 -5.77 6.61 -8.78
N SER A 1 2.90 10.87 -20.95
CA SER A 1 3.51 9.57 -21.28
C SER A 1 4.94 9.51 -20.76
N GLN A 2 5.12 9.59 -19.44
CA GLN A 2 6.42 9.56 -18.80
C GLN A 2 6.29 9.09 -17.34
N PHE A 3 5.13 8.55 -16.98
CA PHE A 3 4.82 8.18 -15.59
C PHE A 3 3.67 7.19 -15.64
N GLU A 4 2.76 7.46 -16.57
CA GLU A 4 1.59 6.66 -16.83
C GLU A 4 1.94 5.20 -17.07
N LYS A 5 2.90 4.87 -17.94
CA LYS A 5 3.08 3.47 -18.26
C LYS A 5 3.62 2.71 -17.07
N GLN A 6 4.54 3.32 -16.31
CA GLN A 6 5.07 2.73 -15.11
C GLN A 6 3.99 2.59 -14.04
N LYS A 7 2.83 3.20 -14.26
CA LYS A 7 1.72 3.13 -13.32
C LYS A 7 0.71 2.11 -13.82
N GLU A 8 0.35 2.21 -15.10
CA GLU A 8 -0.67 1.43 -15.76
C GLU A 8 -0.19 0.01 -16.08
N GLN A 9 1.11 -0.15 -16.29
CA GLN A 9 1.65 -1.48 -16.49
C GLN A 9 1.43 -2.33 -15.24
N GLY A 10 1.68 -1.75 -14.06
CA GLY A 10 1.50 -2.43 -12.79
C GLY A 10 0.05 -2.38 -12.34
N ASN A 11 -0.72 -1.39 -12.85
CA ASN A 11 -2.12 -1.21 -12.55
C ASN A 11 -2.90 -2.47 -12.86
N SER A 12 -2.44 -3.28 -13.83
CA SER A 12 -3.10 -4.54 -14.12
C SER A 12 -2.48 -5.69 -13.32
N LEU A 13 -1.16 -5.69 -13.11
CA LEU A 13 -0.48 -6.68 -12.30
C LEU A 13 -1.06 -6.75 -10.89
N PHE A 14 -1.46 -5.60 -10.36
CA PHE A 14 -2.07 -5.48 -9.05
C PHE A 14 -3.40 -6.22 -9.01
N LYS A 15 -4.06 -6.38 -10.15
CA LYS A 15 -5.36 -7.00 -10.22
C LYS A 15 -5.28 -8.50 -10.51
N GLN A 16 -4.07 -9.03 -10.71
CA GLN A 16 -3.88 -10.41 -11.13
C GLN A 16 -3.46 -11.33 -10.00
N GLY A 17 -2.96 -10.77 -8.89
CA GLY A 17 -2.46 -11.59 -7.80
C GLY A 17 -1.10 -11.19 -7.30
N LEU A 18 -0.37 -10.51 -8.18
CA LEU A 18 1.03 -10.26 -7.99
C LEU A 18 1.26 -8.80 -7.66
N TYR A 19 0.65 -8.45 -6.54
CA TYR A 19 0.66 -7.13 -5.95
C TYR A 19 2.06 -6.56 -5.90
N ARG A 20 3.07 -7.38 -5.58
CA ARG A 20 4.43 -6.92 -5.41
C ARG A 20 5.05 -6.63 -6.77
N GLU A 21 4.70 -7.42 -7.78
CA GLU A 21 5.17 -7.15 -9.13
C GLU A 21 4.56 -5.85 -9.64
N ALA A 22 3.42 -5.44 -9.07
CA ALA A 22 2.76 -4.22 -9.43
C ALA A 22 3.49 -3.00 -8.84
N VAL A 23 4.02 -3.15 -7.62
CA VAL A 23 4.67 -2.09 -6.87
C VAL A 23 6.04 -1.84 -7.44
N HIS A 24 6.55 -2.91 -8.01
CA HIS A 24 7.85 -2.97 -8.61
C HIS A 24 7.99 -2.03 -9.81
N CYS A 25 6.88 -1.41 -10.21
CA CYS A 25 6.87 -0.38 -11.26
C CYS A 25 6.26 0.90 -10.68
N TYR A 26 5.37 0.75 -9.70
CA TYR A 26 4.83 1.82 -8.89
C TYR A 26 5.95 2.58 -8.20
N ASP A 27 7.02 1.87 -7.82
CA ASP A 27 8.14 2.45 -7.10
C ASP A 27 8.83 3.51 -7.94
N GLN A 28 8.79 3.37 -9.27
CA GLN A 28 9.37 4.37 -10.13
C GLN A 28 8.48 5.60 -10.26
N LEU A 29 7.21 5.54 -9.84
CA LEU A 29 6.35 6.71 -9.83
C LEU A 29 6.85 7.67 -8.76
N ILE A 30 7.32 7.12 -7.65
CA ILE A 30 7.87 7.93 -6.58
C ILE A 30 9.25 8.42 -6.96
N THR A 31 10.01 7.65 -7.73
CA THR A 31 11.33 8.09 -8.13
C THR A 31 11.27 9.06 -9.30
N ALA A 32 10.24 8.96 -10.14
CA ALA A 32 10.08 9.88 -11.25
C ALA A 32 9.36 11.14 -10.78
N GLN A 33 8.53 10.99 -9.74
CA GLN A 33 7.76 12.06 -9.15
C GLN A 33 7.66 11.84 -7.65
N PRO A 34 8.77 12.05 -6.95
CA PRO A 34 8.87 11.82 -5.52
C PRO A 34 8.02 12.82 -4.76
N GLN A 35 7.54 13.79 -5.53
CA GLN A 35 6.52 14.73 -5.10
C GLN A 35 5.14 14.40 -5.66
N ASN A 36 4.80 13.11 -5.71
CA ASN A 36 3.50 12.65 -6.15
C ASN A 36 3.00 11.51 -5.26
N PRO A 37 1.69 11.49 -5.03
CA PRO A 37 1.07 10.57 -4.11
C PRO A 37 0.62 9.25 -4.73
N VAL A 38 0.05 9.19 -5.94
CA VAL A 38 -0.23 7.88 -6.53
C VAL A 38 0.94 6.94 -6.38
N GLY A 39 2.13 7.52 -6.44
CA GLY A 39 3.38 6.80 -6.25
C GLY A 39 3.32 5.98 -4.98
N TYR A 40 3.00 6.62 -3.86
CA TYR A 40 2.82 5.95 -2.59
C TYR A 40 1.50 5.19 -2.58
N SER A 41 0.50 5.68 -3.31
CA SER A 41 -0.87 5.19 -3.20
C SER A 41 -1.04 3.78 -3.76
N ASN A 42 -0.33 3.44 -4.83
CA ASN A 42 -0.49 2.13 -5.43
C ASN A 42 0.56 1.16 -4.87
N LYS A 43 1.77 1.65 -4.60
CA LYS A 43 2.79 0.90 -3.87
C LYS A 43 2.24 0.60 -2.47
N ALA A 44 1.25 1.37 -2.01
CA ALA A 44 0.62 1.13 -0.71
C ALA A 44 -0.55 0.17 -0.82
N MET A 45 -1.42 0.37 -1.81
CA MET A 45 -2.58 -0.50 -1.98
C MET A 45 -2.14 -1.95 -2.16
N ALA A 46 -0.98 -2.16 -2.78
CA ALA A 46 -0.44 -3.49 -2.95
C ALA A 46 0.04 -4.05 -1.62
N LEU A 47 0.62 -3.21 -0.76
CA LEU A 47 1.10 -3.67 0.53
C LEU A 47 -0.05 -4.11 1.43
N ILE A 48 -1.28 -3.66 1.17
CA ILE A 48 -2.43 -4.19 1.90
C ILE A 48 -2.73 -5.58 1.37
N LYS A 49 -2.82 -5.70 0.03
CA LYS A 49 -3.04 -6.95 -0.64
C LYS A 49 -1.91 -7.97 -0.41
N LEU A 50 -0.77 -7.52 0.13
CA LEU A 50 0.33 -8.38 0.53
C LEU A 50 0.31 -8.57 2.04
N GLY A 51 -0.29 -7.59 2.73
CA GLY A 51 -0.47 -7.56 4.17
C GLY A 51 0.75 -6.97 4.89
N GLU A 52 1.60 -6.27 4.13
CA GLU A 52 2.73 -5.51 4.65
C GLU A 52 2.28 -4.11 4.96
N TYR A 53 1.04 -4.06 5.41
CA TYR A 53 0.40 -2.91 6.02
C TYR A 53 1.37 -2.04 6.80
N THR A 54 2.27 -2.64 7.59
CA THR A 54 3.21 -1.89 8.43
C THR A 54 3.90 -0.82 7.62
N GLN A 55 4.18 -1.18 6.38
CA GLN A 55 4.82 -0.33 5.40
C GLN A 55 3.80 0.55 4.69
N ALA A 56 2.64 -0.04 4.37
CA ALA A 56 1.54 0.67 3.72
C ALA A 56 1.09 1.89 4.50
N ILE A 57 1.03 1.76 5.83
CA ILE A 57 0.61 2.82 6.73
C ILE A 57 1.53 4.02 6.55
N GLN A 58 2.82 3.76 6.31
CA GLN A 58 3.79 4.82 6.12
C GLN A 58 3.63 5.48 4.75
N MET A 59 3.28 4.68 3.73
CA MET A 59 3.08 5.18 2.37
C MET A 59 1.86 6.08 2.29
N CYS A 60 0.75 5.69 2.93
CA CYS A 60 -0.50 6.43 2.80
C CYS A 60 -0.36 7.80 3.45
N GLN A 61 0.03 7.86 4.71
CA GLN A 61 0.29 9.13 5.36
C GLN A 61 1.33 10.00 4.62
N GLN A 62 2.25 9.40 3.86
CA GLN A 62 3.15 10.14 2.98
C GLN A 62 2.38 10.76 1.83
N GLY A 63 1.50 10.01 1.15
CA GLY A 63 0.71 10.57 0.07
C GLY A 63 0.06 11.91 0.43
N LEU A 64 -0.37 12.08 1.69
CA LEU A 64 -1.05 13.29 2.15
C LEU A 64 -0.14 14.52 2.19
N ARG A 65 1.15 14.33 1.91
CA ARG A 65 2.13 15.40 1.92
C ARG A 65 2.15 16.06 0.55
N TYR A 66 1.54 15.36 -0.39
CA TYR A 66 1.51 15.71 -1.80
C TYR A 66 0.10 16.04 -2.32
N THR A 67 -0.95 15.84 -1.49
CA THR A 67 -2.33 16.11 -1.90
C THR A 67 -2.70 17.58 -1.69
N SER A 68 -1.70 18.48 -1.73
CA SER A 68 -1.89 19.91 -1.55
C SER A 68 -2.72 20.58 -2.65
N THR A 69 -3.25 19.79 -3.59
CA THR A 69 -4.00 20.30 -4.74
C THR A 69 -5.19 19.40 -5.07
N ALA A 70 -6.21 19.97 -5.73
CA ALA A 70 -7.46 19.29 -6.03
C ALA A 70 -7.34 18.26 -7.16
N GLU A 71 -6.19 18.14 -7.81
CA GLU A 71 -5.97 17.04 -8.73
C GLU A 71 -5.64 15.77 -7.96
N HIS A 72 -5.33 15.93 -6.67
CA HIS A 72 -4.90 14.84 -5.80
C HIS A 72 -5.89 14.63 -4.65
N VAL A 73 -7.08 15.23 -4.73
CA VAL A 73 -8.12 14.97 -3.75
C VAL A 73 -8.62 13.53 -3.88
N ALA A 74 -8.57 13.00 -5.10
CA ALA A 74 -8.96 11.63 -5.40
C ALA A 74 -8.19 10.66 -4.53
N ILE A 75 -6.90 10.94 -4.46
CA ILE A 75 -5.87 10.22 -3.76
C ILE A 75 -5.97 10.43 -2.27
N ARG A 76 -6.29 11.66 -1.87
CA ARG A 76 -6.43 11.99 -0.46
C ARG A 76 -7.47 11.08 0.17
N SER A 77 -8.45 10.68 -0.63
CA SER A 77 -9.50 9.75 -0.23
C SER A 77 -8.94 8.34 -0.07
N LYS A 78 -7.86 8.01 -0.78
CA LYS A 78 -7.28 6.67 -0.75
C LYS A 78 -6.28 6.55 0.39
N LEU A 79 -5.49 7.60 0.61
CA LEU A 79 -4.47 7.64 1.66
C LEU A 79 -5.09 7.51 3.05
N GLN A 80 -6.41 7.55 3.14
CA GLN A 80 -7.20 7.39 4.34
C GLN A 80 -7.91 6.04 4.41
N TYR A 81 -8.12 5.36 3.28
CA TYR A 81 -8.82 4.08 3.25
C TYR A 81 -7.92 2.94 3.66
N ARG A 82 -6.90 2.66 2.85
CA ARG A 82 -6.02 1.52 3.08
C ARG A 82 -5.03 1.86 4.18
N LEU A 83 -5.11 3.10 4.66
CA LEU A 83 -4.41 3.55 5.85
C LEU A 83 -5.15 3.12 7.11
N GLU A 84 -6.48 2.94 7.02
CA GLU A 84 -7.28 2.67 8.19
C GLU A 84 -7.41 1.18 8.48
N LEU A 85 -7.07 0.32 7.52
CA LEU A 85 -7.25 -1.10 7.67
C LEU A 85 -5.92 -1.81 7.89
N ALA A 86 -4.88 -1.32 7.22
CA ALA A 86 -3.53 -1.81 7.32
C ALA A 86 -3.11 -1.83 8.79
N GLN A 87 -3.02 -0.66 9.43
CA GLN A 87 -2.62 -0.58 10.83
C GLN A 87 -3.61 -1.31 11.74
N GLY A 88 -4.83 -1.54 11.25
CA GLY A 88 -5.86 -2.25 11.97
C GLY A 88 -5.70 -3.76 11.79
N ALA A 89 -4.62 -4.16 11.12
CA ALA A 89 -4.26 -5.55 10.88
C ALA A 89 -2.78 -5.78 11.23
N VAL A 90 -2.09 -4.73 11.69
CA VAL A 90 -0.65 -4.74 11.95
C VAL A 90 -0.32 -4.82 13.41
N GLY A 91 0.92 -5.24 13.67
CA GLY A 91 1.44 -5.42 15.01
C GLY A 91 1.01 -6.76 15.61
N SER A 92 0.14 -7.49 14.91
CA SER A 92 -0.32 -8.82 15.32
C SER A 92 0.83 -9.82 15.31
N VAL A 93 0.55 -11.05 15.78
CA VAL A 93 1.51 -12.14 15.88
C VAL A 93 2.77 -11.67 16.59
N GLN A 94 2.66 -11.57 17.90
CA GLN A 94 3.69 -10.98 18.77
C GLN A 94 4.07 -11.93 19.91
N ILE A 95 3.57 -13.17 19.85
CA ILE A 95 3.86 -14.21 20.83
C ILE A 95 3.88 -15.60 20.16
N PRO A 96 4.40 -15.74 18.93
CA PRO A 96 4.39 -17.01 18.21
C PRO A 96 5.36 -18.00 18.85
N VAL A 97 5.26 -19.28 18.43
CA VAL A 97 6.19 -20.33 18.85
C VAL A 97 7.51 -20.16 18.11
N VAL A 98 8.21 -19.05 18.39
CA VAL A 98 9.45 -18.63 17.78
C VAL A 98 10.64 -19.55 18.09
N GLU A 99 10.32 -20.80 18.40
CA GLU A 99 11.23 -21.87 18.73
C GLU A 99 12.26 -22.09 17.62
N VAL A 100 13.46 -22.50 18.02
CA VAL A 100 14.56 -22.85 17.14
C VAL A 100 15.25 -24.09 17.69
N ASP A 101 15.49 -25.08 16.82
CA ASP A 101 16.10 -26.34 17.21
C ASP A 101 16.85 -26.96 16.03
N GLU A 102 17.32 -26.09 15.13
CA GLU A 102 18.05 -26.48 13.92
C GLU A 102 19.00 -25.36 13.52
N LEU A 103 19.47 -25.41 12.27
CA LEU A 103 20.26 -24.39 11.63
C LEU A 103 19.61 -23.01 11.69
N PRO A 104 20.37 -21.99 11.29
CA PRO A 104 19.93 -20.63 11.10
C PRO A 104 18.69 -20.55 10.21
N GLU A 105 17.99 -19.41 10.29
CA GLU A 105 16.75 -19.19 9.55
C GLU A 105 17.01 -18.87 8.08
N GLY A 106 18.23 -19.14 7.60
CA GLY A 106 18.60 -18.81 6.22
C GLY A 106 19.99 -19.30 5.85
N TYR A 107 20.39 -20.49 6.33
CA TYR A 107 21.66 -21.08 6.02
C TYR A 107 21.94 -21.22 4.53
N ASP A 108 23.20 -21.44 4.20
CA ASP A 108 23.62 -21.76 2.85
C ASP A 108 24.92 -22.57 2.91
N ARG A 109 25.26 -23.27 1.82
CA ARG A 109 26.41 -24.15 1.77
C ARG A 109 27.74 -23.41 1.80
N SER A 110 27.71 -22.07 1.69
CA SER A 110 28.92 -21.25 1.68
C SER A 110 28.65 -19.87 2.27
N ALA B 1 -14.37 -4.77 -5.42
CA ALA B 1 -15.12 -3.63 -4.85
C ALA B 1 -15.64 -2.73 -5.97
N ASP B 2 -15.96 -1.47 -5.63
CA ASP B 2 -16.52 -0.50 -6.55
C ASP B 2 -16.03 0.91 -6.20
N THR B 3 -14.75 1.00 -5.83
CA THR B 3 -14.14 2.24 -5.36
C THR B 3 -12.79 2.47 -6.04
N GLU B 4 -12.45 3.75 -6.23
CA GLU B 4 -11.25 4.16 -6.94
C GLU B 4 -9.98 3.82 -6.16
N MET B 5 -10.09 3.54 -4.86
CA MET B 5 -8.95 3.06 -4.09
C MET B 5 -8.55 1.66 -4.54
N GLU B 6 -9.43 0.99 -5.28
CA GLU B 6 -9.16 -0.34 -5.80
C GLU B 6 -8.82 -0.25 -7.29
N GLU B 7 -8.46 0.96 -7.74
CA GLU B 7 -8.04 1.25 -9.11
C GLU B 7 -6.69 1.98 -9.07
N VAL B 8 -5.92 1.66 -8.03
CA VAL B 8 -4.54 2.01 -7.74
C VAL B 8 -4.16 3.50 -7.66
N ASP B 9 -4.48 4.31 -8.67
CA ASP B 9 -4.04 5.71 -8.69
C ASP B 9 -5.22 6.67 -8.64
N SER A 1 11.21 10.53 -20.83
CA SER A 1 10.64 10.49 -19.47
C SER A 1 9.20 10.03 -19.51
N GLN A 2 8.80 9.17 -18.57
CA GLN A 2 7.45 8.63 -18.47
C GLN A 2 7.06 8.45 -17.01
N PHE A 3 5.79 8.10 -16.77
CA PHE A 3 5.28 7.87 -15.42
C PHE A 3 4.03 7.03 -15.57
N GLU A 4 3.26 7.39 -16.59
CA GLU A 4 2.05 6.71 -16.98
C GLU A 4 2.25 5.22 -17.20
N LYS A 5 3.30 4.81 -17.91
CA LYS A 5 3.39 3.41 -18.29
C LYS A 5 3.71 2.60 -17.06
N GLN A 6 4.64 3.11 -16.24
CA GLN A 6 5.04 2.50 -14.99
C GLN A 6 3.83 2.35 -14.07
N LYS A 7 2.81 3.17 -14.32
CA LYS A 7 1.57 3.15 -13.57
C LYS A 7 0.59 2.17 -14.20
N GLU A 8 0.07 2.45 -15.40
CA GLU A 8 -0.94 1.60 -16.03
C GLU A 8 -0.43 0.20 -16.35
N GLN A 9 0.89 -0.02 -16.44
CA GLN A 9 1.38 -1.38 -16.56
C GLN A 9 1.10 -2.15 -15.28
N GLY A 10 1.33 -1.51 -14.12
CA GLY A 10 1.10 -2.13 -12.83
C GLY A 10 -0.39 -2.08 -12.47
N ASN A 11 -1.18 -1.24 -13.14
CA ASN A 11 -2.61 -1.13 -12.85
C ASN A 11 -3.28 -2.48 -13.04
N SER A 12 -2.68 -3.42 -13.80
CA SER A 12 -3.29 -4.72 -13.96
C SER A 12 -2.52 -5.80 -13.21
N LEU A 13 -1.21 -5.66 -13.07
CA LEU A 13 -0.42 -6.60 -12.28
C LEU A 13 -0.97 -6.69 -10.85
N PHE A 14 -1.35 -5.54 -10.28
CA PHE A 14 -1.86 -5.48 -8.94
C PHE A 14 -3.18 -6.23 -8.84
N LYS A 15 -3.93 -6.27 -9.94
CA LYS A 15 -5.23 -6.89 -9.94
C LYS A 15 -5.19 -8.38 -10.31
N GLN A 16 -4.01 -8.89 -10.69
CA GLN A 16 -3.84 -10.27 -11.13
C GLN A 16 -3.43 -11.18 -9.99
N GLY A 17 -2.73 -10.63 -8.99
CA GLY A 17 -2.22 -11.44 -7.89
C GLY A 17 -0.85 -11.04 -7.42
N LEU A 18 -0.10 -10.42 -8.33
CA LEU A 18 1.30 -10.17 -8.16
C LEU A 18 1.52 -8.72 -7.76
N TYR A 19 0.96 -8.43 -6.60
CA TYR A 19 0.97 -7.12 -5.96
C TYR A 19 2.37 -6.54 -5.96
N ARG A 20 3.39 -7.35 -5.66
CA ARG A 20 4.75 -6.86 -5.51
C ARG A 20 5.30 -6.51 -6.88
N GLU A 21 5.05 -7.37 -7.87
CA GLU A 21 5.49 -7.10 -9.23
C GLU A 21 4.84 -5.83 -9.74
N ALA A 22 3.64 -5.54 -9.22
CA ALA A 22 2.91 -4.33 -9.54
C ALA A 22 3.56 -3.12 -8.87
N VAL A 23 4.06 -3.27 -7.64
CA VAL A 23 4.67 -2.19 -6.90
C VAL A 23 6.04 -1.91 -7.48
N HIS A 24 6.60 -2.96 -8.06
CA HIS A 24 7.90 -2.98 -8.67
C HIS A 24 8.00 -2.03 -9.86
N CYS A 25 6.86 -1.44 -10.26
CA CYS A 25 6.80 -0.44 -11.31
C CYS A 25 6.17 0.83 -10.75
N TYR A 26 5.33 0.66 -9.72
CA TYR A 26 4.79 1.75 -8.92
C TYR A 26 5.92 2.50 -8.22
N ASP A 27 6.98 1.79 -7.83
CA ASP A 27 8.09 2.36 -7.09
C ASP A 27 8.81 3.43 -7.93
N GLN A 28 8.79 3.30 -9.26
CA GLN A 28 9.41 4.31 -10.09
C GLN A 28 8.52 5.54 -10.25
N LEU A 29 7.24 5.46 -9.86
CA LEU A 29 6.38 6.63 -9.86
C LEU A 29 6.86 7.57 -8.77
N ILE A 30 7.32 7.00 -7.66
CA ILE A 30 7.83 7.80 -6.56
C ILE A 30 9.23 8.29 -6.89
N THR A 31 10.05 7.48 -7.54
CA THR A 31 11.38 7.94 -7.88
C THR A 31 11.36 8.96 -9.01
N ALA A 32 10.35 8.91 -9.88
CA ALA A 32 10.23 9.87 -10.97
C ALA A 32 9.53 11.13 -10.47
N GLN A 33 8.66 10.97 -9.48
CA GLN A 33 7.88 12.04 -8.90
C GLN A 33 7.67 11.74 -7.41
N PRO A 34 8.74 11.90 -6.63
CA PRO A 34 8.77 11.57 -5.22
C PRO A 34 7.90 12.49 -4.43
N GLN A 35 7.47 13.54 -5.11
CA GLN A 35 6.44 14.46 -4.66
C GLN A 35 5.13 14.27 -5.41
N ASN A 36 4.71 13.00 -5.56
CA ASN A 36 3.44 12.63 -6.14
C ASN A 36 2.85 11.52 -5.28
N PRO A 37 1.54 11.59 -4.99
CA PRO A 37 0.88 10.61 -4.15
C PRO A 37 0.61 9.28 -4.83
N VAL A 38 0.03 9.23 -6.04
CA VAL A 38 -0.25 7.97 -6.69
C VAL A 38 0.87 6.95 -6.52
N GLY A 39 2.09 7.48 -6.53
CA GLY A 39 3.30 6.71 -6.34
C GLY A 39 3.20 5.86 -5.08
N TYR A 40 2.90 6.52 -3.96
CA TYR A 40 2.65 5.88 -2.69
C TYR A 40 1.28 5.21 -2.69
N SER A 41 0.35 5.71 -3.52
CA SER A 41 -1.05 5.31 -3.46
C SER A 41 -1.33 3.96 -4.13
N ASN A 42 -0.36 3.41 -4.85
CA ASN A 42 -0.53 2.10 -5.46
C ASN A 42 0.49 1.12 -4.92
N LYS A 43 1.71 1.59 -4.63
CA LYS A 43 2.70 0.84 -3.87
C LYS A 43 2.11 0.55 -2.49
N ALA A 44 1.14 1.36 -2.03
CA ALA A 44 0.50 1.14 -0.74
C ALA A 44 -0.63 0.13 -0.82
N MET A 45 -1.60 0.32 -1.74
CA MET A 45 -2.72 -0.59 -1.89
C MET A 45 -2.24 -2.02 -2.11
N ALA A 46 -1.09 -2.18 -2.75
CA ALA A 46 -0.49 -3.47 -2.98
C ALA A 46 0.06 -4.06 -1.68
N LEU A 47 0.63 -3.23 -0.81
CA LEU A 47 1.16 -3.70 0.47
C LEU A 47 0.06 -4.26 1.36
N ILE A 48 -1.18 -3.79 1.22
CA ILE A 48 -2.30 -4.36 1.97
C ILE A 48 -2.57 -5.77 1.46
N LYS A 49 -2.63 -5.92 0.13
CA LYS A 49 -2.78 -7.20 -0.52
C LYS A 49 -1.56 -8.11 -0.32
N LEU A 50 -0.49 -7.58 0.26
CA LEU A 50 0.70 -8.32 0.64
C LEU A 50 0.70 -8.49 2.17
N GLY A 51 -0.18 -7.75 2.84
CA GLY A 51 -0.35 -7.76 4.29
C GLY A 51 0.83 -7.09 4.98
N GLU A 52 1.61 -6.34 4.21
CA GLU A 52 2.72 -5.53 4.66
C GLU A 52 2.19 -4.17 5.04
N TYR A 53 1.07 -4.22 5.74
CA TYR A 53 0.39 -3.09 6.30
C TYR A 53 1.35 -2.15 7.00
N THR A 54 2.37 -2.69 7.68
CA THR A 54 3.29 -1.86 8.43
C THR A 54 3.91 -0.80 7.55
N GLN A 55 4.25 -1.21 6.33
CA GLN A 55 4.86 -0.33 5.34
C GLN A 55 3.77 0.49 4.65
N ALA A 56 2.62 -0.12 4.42
CA ALA A 56 1.48 0.53 3.81
C ALA A 56 1.04 1.77 4.58
N ILE A 57 1.08 1.70 5.91
CA ILE A 57 0.70 2.81 6.77
C ILE A 57 1.63 3.99 6.50
N GLN A 58 2.92 3.71 6.21
CA GLN A 58 3.89 4.74 5.93
C GLN A 58 3.65 5.35 4.55
N MET A 59 3.22 4.52 3.59
CA MET A 59 2.95 4.99 2.23
C MET A 59 1.70 5.86 2.19
N CYS A 60 0.63 5.44 2.87
CA CYS A 60 -0.64 6.15 2.77
C CYS A 60 -0.48 7.56 3.34
N GLN A 61 0.08 7.68 4.55
CA GLN A 61 0.32 9.00 5.12
C GLN A 61 1.30 9.87 4.32
N GLN A 62 2.24 9.28 3.58
CA GLN A 62 3.16 10.00 2.71
C GLN A 62 2.42 10.69 1.57
N GLY A 63 1.46 10.01 0.92
CA GLY A 63 0.72 10.63 -0.16
C GLY A 63 0.16 12.01 0.25
N LEU A 64 -0.22 12.17 1.51
CA LEU A 64 -0.84 13.38 2.03
C LEU A 64 0.12 14.56 2.13
N ARG A 65 1.39 14.35 1.78
CA ARG A 65 2.42 15.36 1.83
C ARG A 65 2.36 16.15 0.53
N TYR A 66 1.67 15.56 -0.44
CA TYR A 66 1.59 16.06 -1.80
C TYR A 66 0.16 16.35 -2.28
N THR A 67 -0.87 15.99 -1.53
CA THR A 67 -2.27 16.21 -1.92
C THR A 67 -2.71 17.65 -1.70
N SER A 68 -1.77 18.60 -1.76
CA SER A 68 -2.03 20.03 -1.57
C SER A 68 -2.93 20.66 -2.63
N THR A 69 -3.46 19.85 -3.55
CA THR A 69 -4.28 20.34 -4.66
C THR A 69 -5.45 19.39 -4.97
N ALA A 70 -6.49 19.93 -5.63
CA ALA A 70 -7.73 19.21 -5.91
C ALA A 70 -7.59 18.19 -7.05
N GLU A 71 -6.44 18.12 -7.73
CA GLU A 71 -6.19 17.04 -8.67
C GLU A 71 -5.79 15.78 -7.90
N HIS A 72 -5.51 15.93 -6.61
CA HIS A 72 -5.04 14.85 -5.76
C HIS A 72 -6.03 14.57 -4.62
N VAL A 73 -7.25 15.09 -4.71
CA VAL A 73 -8.28 14.80 -3.72
C VAL A 73 -8.75 13.35 -3.82
N ALA A 74 -8.74 12.82 -5.05
CA ALA A 74 -9.11 11.44 -5.33
C ALA A 74 -8.27 10.48 -4.50
N ILE A 75 -6.99 10.83 -4.46
CA ILE A 75 -5.91 10.16 -3.81
C ILE A 75 -5.94 10.38 -2.31
N ARG A 76 -6.27 11.60 -1.90
CA ARG A 76 -6.35 11.94 -0.49
C ARG A 76 -7.35 11.02 0.20
N SER A 77 -8.34 10.56 -0.56
CA SER A 77 -9.33 9.61 -0.10
C SER A 77 -8.72 8.22 0.09
N LYS A 78 -7.67 7.88 -0.67
CA LYS A 78 -7.02 6.58 -0.57
C LYS A 78 -6.03 6.53 0.58
N LEU A 79 -5.28 7.62 0.74
CA LEU A 79 -4.25 7.77 1.75
C LEU A 79 -4.83 7.66 3.15
N GLN A 80 -6.15 7.69 3.27
CA GLN A 80 -6.91 7.54 4.50
C GLN A 80 -7.60 6.17 4.62
N TYR A 81 -7.91 5.52 3.50
CA TYR A 81 -8.71 4.29 3.52
C TYR A 81 -7.88 3.04 3.77
N ARG A 82 -6.65 2.97 3.25
CA ARG A 82 -5.81 1.82 3.55
C ARG A 82 -5.01 2.13 4.80
N LEU A 83 -4.97 3.42 5.13
CA LEU A 83 -4.36 3.94 6.33
C LEU A 83 -5.26 3.66 7.52
N GLU A 84 -6.50 3.24 7.26
CA GLU A 84 -7.44 2.88 8.30
C GLU A 84 -7.72 1.39 8.35
N LEU A 85 -7.13 0.63 7.41
CA LEU A 85 -7.29 -0.81 7.38
C LEU A 85 -5.99 -1.54 7.70
N ALA A 86 -4.85 -1.04 7.19
CA ALA A 86 -3.54 -1.62 7.37
C ALA A 86 -3.17 -1.64 8.86
N GLN A 87 -3.10 -0.47 9.49
CA GLN A 87 -2.78 -0.33 10.91
C GLN A 87 -3.78 -1.04 11.82
N GLY A 88 -4.95 -1.37 11.27
CA GLY A 88 -5.98 -2.09 11.98
C GLY A 88 -5.90 -3.58 11.66
N ALA A 89 -4.80 -3.99 11.00
CA ALA A 89 -4.59 -5.36 10.56
C ALA A 89 -3.14 -5.81 10.69
N VAL A 90 -2.21 -4.86 10.74
CA VAL A 90 -0.78 -5.18 10.65
C VAL A 90 -0.38 -6.42 11.42
N GLY A 91 -0.79 -6.43 12.69
CA GLY A 91 -0.47 -7.47 13.64
C GLY A 91 -1.72 -8.16 14.19
N SER A 92 -2.87 -7.92 13.55
CA SER A 92 -4.16 -8.46 13.96
C SER A 92 -4.51 -8.13 15.42
N VAL A 93 -5.63 -8.67 15.90
CA VAL A 93 -6.21 -8.48 17.23
C VAL A 93 -6.19 -7.04 17.68
N GLN A 94 -7.32 -6.37 17.48
CA GLN A 94 -7.50 -4.99 17.87
C GLN A 94 -8.04 -4.86 19.29
N ILE A 95 -8.15 -5.97 20.01
CA ILE A 95 -8.73 -6.02 21.36
C ILE A 95 -7.93 -6.95 22.30
N PRO A 96 -6.59 -6.84 22.33
CA PRO A 96 -5.74 -7.68 23.14
C PRO A 96 -5.82 -7.26 24.61
N VAL A 97 -5.01 -7.91 25.45
CA VAL A 97 -4.90 -7.59 26.87
C VAL A 97 -3.42 -7.42 27.19
N VAL A 98 -2.81 -6.43 26.54
CA VAL A 98 -1.43 -6.01 26.67
C VAL A 98 -1.13 -5.36 28.02
N GLU A 99 -1.88 -5.79 29.04
CA GLU A 99 -1.87 -5.22 30.37
C GLU A 99 -1.87 -6.32 31.44
N VAL A 100 -1.86 -5.90 32.71
CA VAL A 100 -1.93 -6.82 33.84
C VAL A 100 -3.01 -6.33 34.79
N ASP A 101 -3.82 -7.26 35.30
CA ASP A 101 -4.97 -6.93 36.13
C ASP A 101 -5.23 -8.07 37.12
N GLU A 102 -4.18 -8.81 37.46
CA GLU A 102 -4.25 -9.98 38.33
C GLU A 102 -3.17 -10.02 39.39
N LEU A 103 -2.30 -9.03 39.29
CA LEU A 103 -1.13 -8.82 40.11
C LEU A 103 -0.95 -7.33 40.38
N PRO A 104 -0.11 -7.00 41.38
CA PRO A 104 0.21 -5.66 41.83
C PRO A 104 0.63 -4.73 40.70
N GLU A 105 0.59 -3.43 40.98
CA GLU A 105 0.86 -2.37 40.00
C GLU A 105 2.32 -2.32 39.53
N GLY A 106 3.10 -3.37 39.81
CA GLY A 106 4.51 -3.40 39.45
C GLY A 106 5.17 -4.76 39.64
N TYR A 107 4.38 -5.83 39.90
CA TYR A 107 4.89 -7.16 40.11
C TYR A 107 5.49 -7.74 38.82
N ASP A 108 6.19 -8.87 38.94
CA ASP A 108 6.77 -9.57 37.81
C ASP A 108 6.78 -11.08 38.08
N ARG A 109 6.75 -11.88 37.01
CA ARG A 109 6.67 -13.33 37.12
C ARG A 109 7.42 -14.03 35.99
N SER A 110 8.14 -13.28 35.15
CA SER A 110 8.89 -13.84 34.03
C SER A 110 10.09 -12.95 33.70
N ALA B 1 -19.20 0.71 -7.62
CA ALA B 1 -18.08 0.70 -6.66
C ALA B 1 -17.57 2.12 -6.41
N ASP B 2 -16.93 2.72 -7.41
CA ASP B 2 -16.43 4.09 -7.33
C ASP B 2 -15.57 4.35 -6.09
N THR B 3 -14.86 3.31 -5.64
CA THR B 3 -14.03 3.36 -4.45
C THR B 3 -12.76 4.14 -4.68
N GLU B 4 -12.15 3.98 -5.85
CA GLU B 4 -10.83 4.48 -6.19
C GLU B 4 -9.75 3.76 -5.38
N MET B 5 -9.95 3.56 -4.08
CA MET B 5 -9.01 2.86 -3.23
C MET B 5 -8.95 1.37 -3.54
N GLU B 6 -9.93 0.88 -4.31
CA GLU B 6 -9.92 -0.51 -4.76
C GLU B 6 -9.41 -0.55 -6.20
N GLU B 7 -8.85 0.59 -6.64
CA GLU B 7 -8.12 0.80 -7.88
C GLU B 7 -6.72 1.28 -7.45
N VAL B 8 -5.94 1.96 -8.30
CA VAL B 8 -4.55 2.22 -7.92
C VAL B 8 -4.14 3.68 -7.90
N ASP B 9 -4.50 4.47 -8.91
CA ASP B 9 -4.08 5.87 -8.97
C ASP B 9 -5.29 6.81 -8.98
N SER A 1 9.82 11.03 -21.02
CA SER A 1 9.25 11.29 -19.69
C SER A 1 7.84 10.72 -19.59
N GLN A 2 7.57 9.95 -18.53
CA GLN A 2 6.27 9.34 -18.29
C GLN A 2 6.05 9.11 -16.80
N PHE A 3 4.85 8.68 -16.43
CA PHE A 3 4.49 8.38 -15.05
C PHE A 3 3.23 7.53 -15.08
N GLU A 4 2.35 7.91 -16.00
CA GLU A 4 1.10 7.24 -16.27
C GLU A 4 1.27 5.74 -16.51
N LYS A 5 2.17 5.34 -17.41
CA LYS A 5 2.26 3.94 -17.78
C LYS A 5 2.78 3.12 -16.61
N GLN A 6 3.77 3.64 -15.89
CA GLN A 6 4.30 2.99 -14.70
C GLN A 6 3.25 2.99 -13.59
N LYS A 7 2.12 3.66 -13.81
CA LYS A 7 1.01 3.75 -12.88
C LYS A 7 -0.20 2.94 -13.34
N GLU A 8 -0.39 2.77 -14.65
CA GLU A 8 -1.50 1.96 -15.14
C GLU A 8 -1.04 0.65 -15.77
N GLN A 9 0.26 0.37 -15.80
CA GLN A 9 0.71 -0.99 -16.09
C GLN A 9 0.49 -1.85 -14.86
N GLY A 10 0.93 -1.38 -13.68
CA GLY A 10 0.74 -2.10 -12.43
C GLY A 10 -0.76 -2.23 -12.12
N ASN A 11 -1.57 -1.32 -12.66
CA ASN A 11 -3.02 -1.30 -12.63
C ASN A 11 -3.60 -2.49 -13.39
N SER A 12 -2.74 -3.40 -13.83
CA SER A 12 -3.16 -4.66 -14.41
C SER A 12 -2.24 -5.81 -13.98
N LEU A 13 -1.30 -5.53 -13.05
CA LEU A 13 -0.52 -6.56 -12.37
C LEU A 13 -1.04 -6.71 -10.95
N PHE A 14 -1.36 -5.60 -10.29
CA PHE A 14 -1.90 -5.58 -8.93
C PHE A 14 -3.21 -6.34 -8.88
N LYS A 15 -3.94 -6.30 -9.98
CA LYS A 15 -5.25 -6.91 -10.06
C LYS A 15 -5.18 -8.41 -10.40
N GLN A 16 -3.97 -8.96 -10.60
CA GLN A 16 -3.77 -10.32 -11.06
C GLN A 16 -3.29 -11.25 -9.96
N GLY A 17 -2.73 -10.70 -8.88
CA GLY A 17 -2.16 -11.53 -7.84
C GLY A 17 -0.79 -11.08 -7.40
N LEU A 18 -0.10 -10.40 -8.30
CA LEU A 18 1.31 -10.12 -8.14
C LEU A 18 1.51 -8.67 -7.77
N TYR A 19 0.95 -8.37 -6.60
CA TYR A 19 0.96 -7.08 -5.97
C TYR A 19 2.34 -6.47 -5.97
N ARG A 20 3.38 -7.26 -5.69
CA ARG A 20 4.73 -6.75 -5.57
C ARG A 20 5.27 -6.40 -6.94
N GLU A 21 5.00 -7.25 -7.93
CA GLU A 21 5.43 -6.97 -9.30
C GLU A 21 4.74 -5.69 -9.79
N ALA A 22 3.56 -5.44 -9.25
CA ALA A 22 2.81 -4.23 -9.56
C ALA A 22 3.45 -3.02 -8.90
N VAL A 23 3.98 -3.15 -7.68
CA VAL A 23 4.61 -2.08 -6.96
C VAL A 23 5.96 -1.78 -7.55
N HIS A 24 6.49 -2.83 -8.16
CA HIS A 24 7.77 -2.83 -8.82
C HIS A 24 7.79 -1.87 -10.02
N CYS A 25 6.65 -1.27 -10.34
CA CYS A 25 6.51 -0.24 -11.35
C CYS A 25 5.94 1.03 -10.72
N TYR A 26 5.15 0.84 -9.66
CA TYR A 26 4.64 1.92 -8.82
C TYR A 26 5.78 2.66 -8.13
N ASP A 27 6.85 1.96 -7.80
CA ASP A 27 7.98 2.52 -7.07
C ASP A 27 8.65 3.61 -7.89
N GLN A 28 8.59 3.52 -9.23
CA GLN A 28 9.16 4.55 -10.07
C GLN A 28 8.28 5.78 -10.13
N LEU A 29 7.00 5.68 -9.73
CA LEU A 29 6.15 6.86 -9.64
C LEU A 29 6.72 7.78 -8.58
N ILE A 30 7.25 7.17 -7.51
CA ILE A 30 7.83 7.94 -6.42
C ILE A 30 9.23 8.39 -6.79
N THR A 31 10.00 7.57 -7.49
CA THR A 31 11.34 8.04 -7.88
C THR A 31 11.26 9.09 -8.98
N ALA A 32 10.21 9.08 -9.80
CA ALA A 32 10.05 10.07 -10.84
C ALA A 32 9.38 11.33 -10.27
N GLN A 33 8.55 11.13 -9.24
CA GLN A 33 7.83 12.18 -8.59
C GLN A 33 7.70 11.85 -7.11
N PRO A 34 8.81 11.98 -6.39
CA PRO A 34 8.93 11.60 -4.99
C PRO A 34 8.10 12.51 -4.12
N GLN A 35 7.64 13.57 -4.75
CA GLN A 35 6.63 14.46 -4.21
C GLN A 35 5.28 14.29 -4.92
N ASN A 36 4.80 13.04 -4.98
CA ASN A 36 3.50 12.72 -5.55
C ASN A 36 2.86 11.60 -4.72
N PRO A 37 1.56 11.70 -4.45
CA PRO A 37 0.83 10.74 -3.64
C PRO A 37 0.52 9.40 -4.30
N VAL A 38 0.00 9.38 -5.54
CA VAL A 38 -0.35 8.09 -6.13
C VAL A 38 0.82 7.13 -6.19
N GLY A 39 2.00 7.74 -6.24
CA GLY A 39 3.25 7.00 -6.12
C GLY A 39 3.16 6.07 -4.92
N TYR A 40 2.84 6.64 -3.76
CA TYR A 40 2.72 5.93 -2.52
C TYR A 40 1.43 5.11 -2.49
N SER A 41 0.38 5.62 -3.13
CA SER A 41 -0.95 5.04 -2.98
C SER A 41 -1.06 3.68 -3.66
N ASN A 42 -0.43 3.52 -4.83
CA ASN A 42 -0.50 2.26 -5.55
C ASN A 42 0.43 1.24 -4.88
N LYS A 43 1.66 1.67 -4.56
CA LYS A 43 2.61 0.87 -3.80
C LYS A 43 2.00 0.52 -2.45
N ALA A 44 1.10 1.36 -1.92
CA ALA A 44 0.48 1.12 -0.63
C ALA A 44 -0.64 0.09 -0.71
N MET A 45 -1.60 0.25 -1.63
CA MET A 45 -2.70 -0.71 -1.76
C MET A 45 -2.16 -2.12 -2.00
N ALA A 46 -1.01 -2.24 -2.64
CA ALA A 46 -0.39 -3.53 -2.87
C ALA A 46 0.16 -4.11 -1.58
N LEU A 47 0.69 -3.27 -0.68
CA LEU A 47 1.22 -3.74 0.59
C LEU A 47 0.10 -4.27 1.49
N ILE A 48 -1.15 -3.86 1.27
CA ILE A 48 -2.27 -4.44 2.00
C ILE A 48 -2.51 -5.85 1.48
N LYS A 49 -2.59 -5.99 0.16
CA LYS A 49 -2.77 -7.28 -0.48
C LYS A 49 -1.58 -8.21 -0.27
N LEU A 50 -0.44 -7.67 0.20
CA LEU A 50 0.72 -8.46 0.58
C LEU A 50 0.72 -8.65 2.10
N GLY A 51 0.04 -7.73 2.79
CA GLY A 51 -0.17 -7.75 4.22
C GLY A 51 0.97 -7.05 4.98
N GLU A 52 1.80 -6.32 4.26
CA GLU A 52 2.85 -5.48 4.81
C GLU A 52 2.26 -4.14 5.17
N TYR A 53 1.11 -4.22 5.83
CA TYR A 53 0.37 -3.12 6.36
C TYR A 53 1.29 -2.15 7.08
N THR A 54 2.30 -2.66 7.80
CA THR A 54 3.19 -1.81 8.58
C THR A 54 3.80 -0.73 7.69
N GLN A 55 4.15 -1.13 6.47
CA GLN A 55 4.75 -0.25 5.49
C GLN A 55 3.66 0.56 4.78
N ALA A 56 2.54 -0.09 4.51
CA ALA A 56 1.39 0.52 3.88
C ALA A 56 0.93 1.77 4.62
N ILE A 57 0.92 1.70 5.95
CA ILE A 57 0.50 2.80 6.81
C ILE A 57 1.42 4.00 6.57
N GLN A 58 2.72 3.73 6.37
CA GLN A 58 3.69 4.78 6.14
C GLN A 58 3.52 5.40 4.76
N MET A 59 3.21 4.56 3.75
CA MET A 59 3.03 5.04 2.38
C MET A 59 1.85 6.02 2.31
N CYS A 60 0.73 5.64 2.93
CA CYS A 60 -0.49 6.42 2.80
C CYS A 60 -0.28 7.82 3.36
N GLN A 61 0.07 7.92 4.64
CA GLN A 61 0.34 9.20 5.27
C GLN A 61 1.44 10.02 4.57
N GLN A 62 2.39 9.37 3.89
CA GLN A 62 3.37 10.07 3.07
C GLN A 62 2.69 10.74 1.88
N GLY A 63 1.77 10.04 1.22
CA GLY A 63 1.11 10.61 0.06
C GLY A 63 0.48 11.96 0.38
N LEU A 64 -0.02 12.13 1.60
CA LEU A 64 -0.70 13.35 2.05
C LEU A 64 0.26 14.53 2.23
N ARG A 65 1.56 14.32 2.00
CA ARG A 65 2.57 15.35 2.11
C ARG A 65 2.58 16.17 0.83
N TYR A 66 1.98 15.57 -0.19
CA TYR A 66 2.00 16.07 -1.55
C TYR A 66 0.62 16.45 -2.10
N THR A 67 -0.46 16.00 -1.48
CA THR A 67 -1.80 16.32 -1.97
C THR A 67 -2.08 17.81 -1.76
N SER A 68 -2.48 18.51 -2.82
CA SER A 68 -2.72 19.95 -2.75
C SER A 68 -3.59 20.46 -3.90
N THR A 69 -3.92 19.57 -4.83
CA THR A 69 -4.62 19.93 -6.06
C THR A 69 -5.54 18.78 -6.50
N ALA A 70 -6.45 19.05 -7.43
CA ALA A 70 -7.47 18.11 -7.87
C ALA A 70 -6.91 16.94 -8.67
N GLU A 71 -5.61 16.93 -9.00
CA GLU A 71 -4.98 15.77 -9.59
C GLU A 71 -4.61 14.77 -8.51
N HIS A 72 -4.68 15.18 -7.25
CA HIS A 72 -4.26 14.37 -6.12
C HIS A 72 -5.43 14.06 -5.18
N VAL A 73 -6.60 14.67 -5.43
CA VAL A 73 -7.79 14.44 -4.60
C VAL A 73 -8.18 12.97 -4.61
N ALA A 74 -7.89 12.30 -5.73
CA ALA A 74 -8.21 10.91 -5.96
C ALA A 74 -7.50 10.00 -4.98
N ILE A 75 -6.33 10.48 -4.54
CA ILE A 75 -5.39 9.69 -3.78
C ILE A 75 -5.44 10.13 -2.34
N ARG A 76 -5.69 11.42 -2.16
CA ARG A 76 -5.95 11.98 -0.84
C ARG A 76 -7.13 11.28 -0.20
N SER A 77 -7.94 10.61 -1.04
CA SER A 77 -9.10 9.86 -0.62
C SER A 77 -8.76 8.40 -0.29
N LYS A 78 -7.61 7.92 -0.75
CA LYS A 78 -7.23 6.52 -0.57
C LYS A 78 -6.16 6.39 0.50
N LEU A 79 -5.30 7.38 0.63
CA LEU A 79 -4.29 7.43 1.68
C LEU A 79 -4.96 7.54 3.05
N GLN A 80 -6.29 7.59 3.05
CA GLN A 80 -7.15 7.59 4.21
C GLN A 80 -7.94 6.29 4.39
N TYR A 81 -7.89 5.39 3.41
CA TYR A 81 -8.61 4.12 3.49
C TYR A 81 -7.68 2.96 3.76
N ARG A 82 -6.75 2.69 2.84
CA ARG A 82 -5.83 1.58 3.01
C ARG A 82 -4.75 1.96 4.02
N LEU A 83 -4.85 3.20 4.51
CA LEU A 83 -4.09 3.67 5.66
C LEU A 83 -4.68 3.05 6.92
N GLU A 84 -6.01 3.00 7.00
CA GLU A 84 -6.71 2.67 8.22
C GLU A 84 -6.92 1.18 8.40
N LEU A 85 -7.05 0.44 7.30
CA LEU A 85 -7.31 -0.99 7.38
C LEU A 85 -6.03 -1.74 7.70
N ALA A 86 -4.90 -1.24 7.18
CA ALA A 86 -3.59 -1.78 7.38
C ALA A 86 -3.25 -1.79 8.87
N GLN A 87 -3.22 -0.61 9.51
CA GLN A 87 -2.92 -0.47 10.93
C GLN A 87 -3.92 -1.22 11.81
N GLY A 88 -5.08 -1.55 11.24
CA GLY A 88 -6.12 -2.30 11.92
C GLY A 88 -6.01 -3.79 11.60
N ALA A 89 -4.89 -4.18 10.98
CA ALA A 89 -4.64 -5.53 10.54
C ALA A 89 -3.19 -5.95 10.72
N VAL A 90 -2.27 -5.00 10.86
CA VAL A 90 -0.85 -5.31 10.84
C VAL A 90 -0.47 -6.47 11.77
N GLY A 91 -0.87 -6.32 13.02
CA GLY A 91 -0.56 -7.23 14.10
C GLY A 91 -1.38 -8.52 14.06
N SER A 92 -2.32 -8.63 13.12
CA SER A 92 -3.22 -9.78 13.01
C SER A 92 -3.96 -10.07 14.32
N VAL A 93 -4.66 -11.20 14.34
CA VAL A 93 -5.51 -11.67 15.43
C VAL A 93 -6.48 -10.60 15.91
N GLN A 94 -7.72 -10.72 15.44
CA GLN A 94 -8.80 -9.82 15.77
C GLN A 94 -9.44 -10.19 17.12
N ILE A 95 -9.01 -11.29 17.75
CA ILE A 95 -9.57 -11.76 19.01
C ILE A 95 -8.44 -12.23 19.95
N PRO A 96 -7.49 -11.34 20.27
CA PRO A 96 -6.37 -11.62 21.15
C PRO A 96 -6.84 -11.76 22.60
N VAL A 97 -5.92 -12.12 23.49
CA VAL A 97 -6.15 -12.20 24.93
C VAL A 97 -6.18 -10.79 25.51
N VAL A 98 -7.14 -9.99 25.03
CA VAL A 98 -7.34 -8.59 25.34
C VAL A 98 -7.82 -8.34 26.79
N GLU A 99 -7.46 -9.25 27.67
CA GLU A 99 -7.81 -9.26 29.07
C GLU A 99 -7.54 -7.93 29.76
N VAL A 100 -8.40 -7.61 30.73
CA VAL A 100 -8.28 -6.44 31.57
C VAL A 100 -8.61 -6.83 33.01
N ASP A 101 -7.74 -6.44 33.94
CA ASP A 101 -7.88 -6.79 35.35
C ASP A 101 -7.21 -5.73 36.22
N GLU A 102 -7.16 -4.50 35.69
CA GLU A 102 -6.51 -3.32 36.25
C GLU A 102 -5.16 -3.59 36.93
N LEU A 103 -4.74 -2.61 37.73
CA LEU A 103 -3.53 -2.57 38.52
C LEU A 103 -3.33 -3.80 39.43
N PRO A 104 -2.15 -3.86 40.06
CA PRO A 104 -1.62 -4.99 40.78
C PRO A 104 -2.03 -5.03 42.25
N GLU A 105 -1.67 -6.12 42.94
CA GLU A 105 -1.99 -6.33 44.35
C GLU A 105 -1.06 -5.56 45.30
N GLY A 106 -0.34 -4.55 44.78
CA GLY A 106 0.63 -3.80 45.55
C GLY A 106 0.98 -2.46 44.91
N TYR A 107 0.02 -1.84 44.22
CA TYR A 107 0.20 -0.58 43.51
C TYR A 107 0.49 0.56 44.50
N ASP A 108 0.93 1.70 43.96
CA ASP A 108 1.16 2.92 44.71
C ASP A 108 0.85 4.13 43.82
N ARG A 109 0.52 5.27 44.45
CA ARG A 109 0.11 6.46 43.73
C ARG A 109 0.56 7.73 44.46
N SER A 110 1.33 7.58 45.54
CA SER A 110 1.75 8.70 46.37
C SER A 110 3.12 8.47 46.99
N ALA B 1 -20.58 -1.85 -2.43
CA ALA B 1 -19.12 -2.02 -2.41
C ALA B 1 -18.56 -1.97 -3.83
N ASP B 2 -18.09 -0.79 -4.24
CA ASP B 2 -17.62 -0.54 -5.59
C ASP B 2 -16.48 0.48 -5.59
N THR B 3 -15.81 0.62 -4.45
CA THR B 3 -14.74 1.60 -4.27
C THR B 3 -13.63 1.44 -5.31
N GLU B 4 -13.07 2.59 -5.74
CA GLU B 4 -11.88 2.64 -6.57
C GLU B 4 -10.64 2.37 -5.71
N MET B 5 -10.81 2.22 -4.39
CA MET B 5 -9.74 1.83 -3.50
C MET B 5 -9.26 0.44 -3.86
N GLU B 6 -10.23 -0.39 -4.25
CA GLU B 6 -9.98 -1.77 -4.62
C GLU B 6 -9.43 -1.84 -6.05
N GLU B 7 -8.98 -0.68 -6.55
CA GLU B 7 -8.34 -0.47 -7.84
C GLU B 7 -7.15 0.46 -7.58
N VAL B 8 -6.56 1.09 -8.60
CA VAL B 8 -5.35 1.88 -8.37
C VAL B 8 -5.50 3.32 -8.89
N ASP B 9 -4.43 4.10 -8.73
CA ASP B 9 -4.35 5.54 -8.96
C ASP B 9 -5.64 6.26 -8.53
N SER A 1 4.34 10.05 -21.69
CA SER A 1 4.80 8.73 -21.21
C SER A 1 6.11 8.86 -20.43
N GLN A 2 6.01 9.11 -19.12
CA GLN A 2 7.17 9.24 -18.25
C GLN A 2 6.82 8.86 -16.81
N PHE A 3 5.57 8.44 -16.55
CA PHE A 3 5.10 8.14 -15.21
C PHE A 3 3.85 7.30 -15.33
N GLU A 4 3.05 7.66 -16.33
CA GLU A 4 1.83 7.00 -16.70
C GLU A 4 1.99 5.51 -16.94
N LYS A 5 3.07 5.06 -17.61
CA LYS A 5 3.17 3.67 -17.98
C LYS A 5 3.54 2.85 -16.76
N GLN A 6 4.42 3.40 -15.92
CA GLN A 6 4.78 2.84 -14.65
C GLN A 6 3.56 2.73 -13.73
N LYS A 7 2.47 3.41 -14.12
CA LYS A 7 1.22 3.49 -13.38
C LYS A 7 0.10 2.71 -14.07
N GLU A 8 0.37 2.18 -15.27
CA GLU A 8 -0.59 1.40 -16.06
C GLU A 8 -0.07 0.00 -16.35
N GLN A 9 1.24 -0.19 -16.27
CA GLN A 9 1.85 -1.50 -16.47
C GLN A 9 1.63 -2.40 -15.25
N GLY A 10 1.98 -1.91 -14.05
CA GLY A 10 1.76 -2.66 -12.82
C GLY A 10 0.30 -2.58 -12.41
N ASN A 11 -0.44 -1.66 -13.05
CA ASN A 11 -1.84 -1.40 -12.78
C ASN A 11 -2.67 -2.65 -13.01
N SER A 12 -2.27 -3.49 -13.97
CA SER A 12 -2.99 -4.73 -14.20
C SER A 12 -2.42 -5.84 -13.32
N LEU A 13 -1.09 -5.88 -13.13
CA LEU A 13 -0.45 -6.85 -12.28
C LEU A 13 -1.05 -6.89 -10.88
N PHE A 14 -1.30 -5.72 -10.30
CA PHE A 14 -1.84 -5.61 -8.96
C PHE A 14 -3.17 -6.32 -8.85
N LYS A 15 -3.89 -6.36 -9.98
CA LYS A 15 -5.24 -6.91 -10.00
C LYS A 15 -5.24 -8.41 -10.34
N GLN A 16 -4.06 -9.01 -10.57
CA GLN A 16 -3.96 -10.40 -11.03
C GLN A 16 -3.67 -11.36 -9.89
N GLY A 17 -3.00 -10.87 -8.84
CA GLY A 17 -2.55 -11.74 -7.78
C GLY A 17 -1.23 -11.28 -7.17
N LEU A 18 -0.47 -10.59 -8.01
CA LEU A 18 0.86 -10.17 -7.68
C LEU A 18 0.84 -8.68 -7.46
N TYR A 19 1.20 -8.26 -6.25
CA TYR A 19 1.02 -6.89 -5.87
C TYR A 19 2.37 -6.23 -5.81
N ARG A 20 3.41 -7.01 -5.47
CA ARG A 20 4.77 -6.51 -5.34
C ARG A 20 5.39 -6.44 -6.73
N GLU A 21 5.12 -7.43 -7.57
CA GLU A 21 5.53 -7.36 -8.96
C GLU A 21 4.84 -6.17 -9.62
N ALA A 22 3.74 -5.72 -9.03
CA ALA A 22 2.99 -4.56 -9.47
C ALA A 22 3.51 -3.28 -8.83
N VAL A 23 4.14 -3.36 -7.64
CA VAL A 23 4.63 -2.20 -6.95
C VAL A 23 6.03 -1.89 -7.40
N HIS A 24 6.65 -2.90 -7.99
CA HIS A 24 7.97 -2.85 -8.58
C HIS A 24 8.03 -1.90 -9.79
N CYS A 25 6.90 -1.29 -10.13
CA CYS A 25 6.81 -0.25 -11.15
C CYS A 25 6.13 0.97 -10.55
N TYR A 26 5.28 0.73 -9.56
CA TYR A 26 4.69 1.77 -8.71
C TYR A 26 5.78 2.52 -7.95
N ASP A 27 6.81 1.78 -7.52
CA ASP A 27 7.89 2.32 -6.72
C ASP A 27 8.67 3.35 -7.53
N GLN A 28 8.61 3.24 -8.86
CA GLN A 28 9.24 4.20 -9.73
C GLN A 28 8.35 5.41 -9.98
N LEU A 29 7.07 5.38 -9.60
CA LEU A 29 6.23 6.57 -9.64
C LEU A 29 6.73 7.53 -8.58
N ILE A 30 7.14 6.98 -7.43
CA ILE A 30 7.68 7.81 -6.37
C ILE A 30 9.08 8.24 -6.74
N THR A 31 9.86 7.38 -7.38
CA THR A 31 11.20 7.75 -7.76
C THR A 31 11.21 8.75 -8.92
N ALA A 32 10.15 8.77 -9.73
CA ALA A 32 10.04 9.72 -10.83
C ALA A 32 9.30 10.97 -10.39
N GLN A 33 8.51 10.86 -9.32
CA GLN A 33 7.75 11.96 -8.78
C GLN A 33 7.57 11.72 -7.28
N PRO A 34 8.66 11.86 -6.53
CA PRO A 34 8.72 11.53 -5.12
C PRO A 34 7.89 12.47 -4.28
N GLN A 35 7.43 13.50 -4.98
CA GLN A 35 6.42 14.43 -4.50
C GLN A 35 5.08 14.24 -5.23
N ASN A 36 4.62 12.99 -5.29
CA ASN A 36 3.33 12.64 -5.86
C ASN A 36 2.69 11.54 -5.02
N PRO A 37 1.38 11.64 -4.75
CA PRO A 37 0.64 10.65 -3.97
C PRO A 37 0.43 9.32 -4.66
N VAL A 38 -0.11 9.27 -5.89
CA VAL A 38 -0.33 8.01 -6.58
C VAL A 38 0.84 7.04 -6.47
N GLY A 39 2.02 7.63 -6.44
CA GLY A 39 3.26 6.89 -6.25
C GLY A 39 3.12 6.03 -5.00
N TYR A 40 2.86 6.68 -3.87
CA TYR A 40 2.62 6.00 -2.62
C TYR A 40 1.33 5.20 -2.65
N SER A 41 0.33 5.65 -3.42
CA SER A 41 -1.01 5.11 -3.37
C SER A 41 -1.15 3.77 -4.08
N ASN A 42 -0.42 3.59 -5.18
CA ASN A 42 -0.45 2.32 -5.90
C ASN A 42 0.33 1.28 -5.10
N LYS A 43 1.57 1.63 -4.73
CA LYS A 43 2.42 0.80 -3.87
C LYS A 43 1.70 0.52 -2.56
N ALA A 44 0.92 1.48 -2.05
CA ALA A 44 0.24 1.31 -0.78
C ALA A 44 -0.93 0.35 -0.93
N MET A 45 -1.82 0.59 -1.90
CA MET A 45 -2.98 -0.27 -2.05
C MET A 45 -2.53 -1.69 -2.33
N ALA A 46 -1.41 -1.83 -3.07
CA ALA A 46 -0.84 -3.12 -3.30
C ALA A 46 -0.38 -3.72 -1.98
N LEU A 47 0.50 -3.06 -1.22
CA LEU A 47 1.05 -3.56 0.04
C LEU A 47 -0.03 -4.13 0.96
N ILE A 48 -1.27 -3.62 0.92
CA ILE A 48 -2.34 -4.21 1.72
C ILE A 48 -2.63 -5.64 1.26
N LYS A 49 -2.53 -5.87 -0.04
CA LYS A 49 -2.76 -7.16 -0.65
C LYS A 49 -1.63 -8.14 -0.32
N LEU A 50 -0.44 -7.63 0.05
CA LEU A 50 0.69 -8.44 0.45
C LEU A 50 0.55 -8.64 1.97
N GLY A 51 -0.27 -7.77 2.57
CA GLY A 51 -0.46 -7.63 4.00
C GLY A 51 0.75 -6.96 4.64
N GLU A 52 1.51 -6.23 3.82
CA GLU A 52 2.67 -5.43 4.23
C GLU A 52 2.20 -4.03 4.59
N TYR A 53 1.01 -4.02 5.16
CA TYR A 53 0.41 -2.90 5.81
C TYR A 53 1.43 -2.03 6.55
N THR A 54 2.37 -2.66 7.27
CA THR A 54 3.35 -1.94 8.08
C THR A 54 4.02 -0.86 7.25
N GLN A 55 4.23 -1.20 5.98
CA GLN A 55 4.82 -0.32 5.00
C GLN A 55 3.75 0.58 4.37
N ALA A 56 2.59 0.01 4.09
CA ALA A 56 1.47 0.74 3.52
C ALA A 56 1.06 1.93 4.37
N ILE A 57 1.12 1.79 5.70
CA ILE A 57 0.77 2.84 6.64
C ILE A 57 1.71 4.03 6.44
N GLN A 58 2.98 3.75 6.11
CA GLN A 58 3.96 4.78 5.86
C GLN A 58 3.71 5.44 4.50
N MET A 59 3.26 4.67 3.51
CA MET A 59 2.97 5.20 2.19
C MET A 59 1.80 6.18 2.23
N CYS A 60 0.73 5.83 2.94
CA CYS A 60 -0.49 6.61 2.90
C CYS A 60 -0.29 7.99 3.54
N GLN A 61 0.21 8.00 4.77
CA GLN A 61 0.54 9.26 5.45
C GLN A 61 1.51 10.12 4.66
N GLN A 62 2.35 9.53 3.80
CA GLN A 62 3.20 10.28 2.88
C GLN A 62 2.40 10.85 1.72
N GLY A 63 1.51 10.08 1.10
CA GLY A 63 0.70 10.59 0.01
C GLY A 63 0.04 11.92 0.37
N LEU A 64 -0.38 12.06 1.64
CA LEU A 64 -1.02 13.27 2.16
C LEU A 64 -0.13 14.52 2.10
N ARG A 65 1.15 14.38 1.77
CA ARG A 65 2.11 15.47 1.82
C ARG A 65 2.07 16.25 0.52
N TYR A 66 1.49 15.60 -0.49
CA TYR A 66 1.48 16.07 -1.85
C TYR A 66 0.09 16.37 -2.39
N THR A 67 -0.95 16.06 -1.61
CA THR A 67 -2.34 16.25 -2.04
C THR A 67 -2.80 17.71 -1.92
N SER A 68 -1.84 18.64 -1.91
CA SER A 68 -2.10 20.08 -1.81
C SER A 68 -2.83 20.65 -3.03
N THR A 69 -3.24 19.80 -3.97
CA THR A 69 -3.89 20.21 -5.20
C THR A 69 -5.05 19.28 -5.55
N ALA A 70 -6.00 19.77 -6.36
CA ALA A 70 -7.23 19.06 -6.66
C ALA A 70 -7.04 17.91 -7.66
N GLU A 71 -5.87 17.77 -8.28
CA GLU A 71 -5.58 16.59 -9.09
C GLU A 71 -5.29 15.40 -8.19
N HIS A 72 -5.09 15.67 -6.90
CA HIS A 72 -4.66 14.68 -5.93
C HIS A 72 -5.69 14.49 -4.83
N VAL A 73 -6.80 15.22 -4.86
CA VAL A 73 -7.86 15.07 -3.87
C VAL A 73 -8.39 13.64 -3.86
N ALA A 74 -8.36 13.02 -5.04
CA ALA A 74 -8.76 11.62 -5.23
C ALA A 74 -7.99 10.71 -4.30
N ILE A 75 -6.69 10.99 -4.21
CA ILE A 75 -5.77 10.16 -3.48
C ILE A 75 -5.81 10.45 -2.00
N ARG A 76 -6.01 11.73 -1.65
CA ARG A 76 -6.14 12.11 -0.26
C ARG A 76 -7.26 11.30 0.37
N SER A 77 -8.24 10.94 -0.46
CA SER A 77 -9.37 10.13 -0.06
C SER A 77 -8.96 8.68 0.02
N LYS A 78 -8.01 8.25 -0.83
CA LYS A 78 -7.61 6.85 -0.87
C LYS A 78 -6.69 6.53 0.28
N LEU A 79 -5.68 7.35 0.54
CA LEU A 79 -4.67 7.06 1.53
C LEU A 79 -5.33 6.63 2.84
N GLN A 80 -6.38 7.36 3.22
CA GLN A 80 -7.08 7.32 4.47
C GLN A 80 -7.83 6.01 4.69
N TYR A 81 -8.15 5.29 3.61
CA TYR A 81 -8.88 4.04 3.71
C TYR A 81 -7.97 2.85 3.97
N ARG A 82 -6.82 2.81 3.30
CA ARG A 82 -5.92 1.68 3.46
C ARG A 82 -4.88 2.03 4.51
N LEU A 83 -4.91 3.28 4.96
CA LEU A 83 -4.18 3.75 6.12
C LEU A 83 -4.94 3.34 7.38
N GLU A 84 -6.23 3.06 7.27
CA GLU A 84 -7.04 2.72 8.43
C GLU A 84 -7.27 1.22 8.57
N LEU A 85 -6.91 0.44 7.54
CA LEU A 85 -7.09 -1.00 7.59
C LEU A 85 -5.76 -1.71 7.81
N ALA A 86 -4.70 -1.23 7.14
CA ALA A 86 -3.37 -1.76 7.25
C ALA A 86 -2.94 -1.81 8.71
N GLN A 87 -2.79 -0.66 9.37
CA GLN A 87 -2.36 -0.63 10.76
C GLN A 87 -3.32 -1.39 11.68
N GLY A 88 -4.55 -1.57 11.24
CA GLY A 88 -5.56 -2.31 11.98
C GLY A 88 -5.40 -3.82 11.73
N ALA A 89 -4.34 -4.20 11.02
CA ALA A 89 -3.97 -5.56 10.73
C ALA A 89 -2.47 -5.77 11.00
N VAL A 90 -1.80 -4.74 11.52
CA VAL A 90 -0.36 -4.72 11.80
C VAL A 90 -0.08 -4.52 13.27
N GLY A 91 -0.88 -3.64 13.85
CA GLY A 91 -0.76 -3.20 15.22
C GLY A 91 -1.93 -3.67 16.06
N SER A 92 -2.76 -4.57 15.52
CA SER A 92 -3.92 -5.14 16.19
C SER A 92 -3.55 -5.98 17.40
N VAL A 93 -4.56 -6.45 18.12
CA VAL A 93 -4.40 -7.31 19.29
C VAL A 93 -4.04 -8.72 18.85
N GLN A 94 -2.75 -8.91 18.64
CA GLN A 94 -2.15 -10.14 18.15
C GLN A 94 -1.26 -10.79 19.21
N ILE A 95 -1.33 -10.30 20.45
CA ILE A 95 -0.53 -10.80 21.56
C ILE A 95 -1.35 -10.79 22.87
N PRO A 96 -2.62 -11.23 22.85
CA PRO A 96 -3.46 -11.25 24.03
C PRO A 96 -2.98 -12.28 25.06
N VAL A 97 -3.57 -12.27 26.26
CA VAL A 97 -3.27 -13.22 27.32
C VAL A 97 -3.95 -14.56 27.02
N VAL A 98 -3.60 -15.12 25.87
CA VAL A 98 -4.14 -16.35 25.30
C VAL A 98 -3.68 -17.61 26.06
N GLU A 99 -3.36 -17.42 27.34
CA GLU A 99 -2.86 -18.43 28.24
C GLU A 99 -3.75 -19.67 28.27
N VAL A 100 -3.10 -20.83 28.43
CA VAL A 100 -3.73 -22.12 28.59
C VAL A 100 -2.95 -22.89 29.64
N ASP A 101 -3.65 -23.48 30.62
CA ASP A 101 -3.04 -24.21 31.72
C ASP A 101 -3.99 -25.29 32.23
N GLU A 102 -4.84 -25.80 31.33
CA GLU A 102 -5.83 -26.82 31.62
C GLU A 102 -6.01 -27.76 30.43
N LEU A 103 -6.86 -28.78 30.61
CA LEU A 103 -7.11 -29.87 29.69
C LEU A 103 -5.86 -30.51 29.06
N PRO A 104 -6.07 -31.61 28.33
CA PRO A 104 -5.09 -32.24 27.48
C PRO A 104 -4.59 -31.26 26.42
N GLU A 105 -3.58 -31.66 25.65
CA GLU A 105 -3.01 -30.82 24.61
C GLU A 105 -4.08 -30.40 23.59
N GLY A 106 -4.50 -29.13 23.64
CA GLY A 106 -5.47 -28.57 22.70
C GLY A 106 -6.71 -29.46 22.57
N TYR A 107 -7.41 -29.73 23.68
CA TYR A 107 -8.47 -30.70 23.71
C TYR A 107 -9.71 -30.09 24.38
N ASP A 108 -10.89 -30.55 23.96
CA ASP A 108 -12.15 -30.07 24.51
C ASP A 108 -13.23 -31.15 24.41
N ARG A 109 -12.82 -32.40 24.16
CA ARG A 109 -13.69 -33.55 23.99
C ARG A 109 -14.64 -33.40 22.78
N SER A 110 -14.51 -32.31 22.03
CA SER A 110 -15.33 -32.03 20.86
C SER A 110 -14.61 -31.06 19.93
N ALA B 1 -16.96 -4.78 -3.07
CA ALA B 1 -16.31 -3.74 -3.87
C ALA B 1 -17.27 -2.57 -4.11
N ASP B 2 -17.00 -1.42 -3.48
CA ASP B 2 -17.84 -0.24 -3.59
C ASP B 2 -16.99 1.03 -3.44
N THR B 3 -15.71 0.93 -3.83
CA THR B 3 -14.75 2.00 -3.67
C THR B 3 -13.72 2.01 -4.78
N GLU B 4 -13.20 3.20 -5.08
CA GLU B 4 -12.09 3.38 -5.99
C GLU B 4 -10.77 3.10 -5.27
N MET B 5 -10.82 2.86 -3.95
CA MET B 5 -9.63 2.42 -3.24
C MET B 5 -9.16 1.10 -3.81
N GLU B 6 -10.14 0.28 -4.21
CA GLU B 6 -9.91 -1.05 -4.74
C GLU B 6 -9.41 -0.94 -6.18
N GLU B 7 -8.97 0.26 -6.58
CA GLU B 7 -8.44 0.57 -7.90
C GLU B 7 -7.24 1.50 -7.71
N VAL B 8 -6.27 1.47 -8.63
CA VAL B 8 -5.02 2.20 -8.45
C VAL B 8 -5.19 3.70 -8.71
N ASP B 9 -4.08 4.45 -8.60
CA ASP B 9 -3.98 5.90 -8.71
C ASP B 9 -5.29 6.63 -8.40
N SER A 1 3.80 9.41 -22.46
CA SER A 1 3.76 8.68 -21.20
C SER A 1 5.13 8.67 -20.54
N GLN A 2 5.21 9.11 -19.28
CA GLN A 2 6.46 9.18 -18.53
C GLN A 2 6.24 8.83 -17.05
N PHE A 3 5.05 8.35 -16.71
CA PHE A 3 4.67 8.01 -15.34
C PHE A 3 3.49 7.07 -15.42
N GLU A 4 2.62 7.38 -16.36
CA GLU A 4 1.44 6.63 -16.66
C GLU A 4 1.72 5.16 -16.89
N LYS A 5 2.63 4.80 -17.80
CA LYS A 5 2.79 3.40 -18.12
C LYS A 5 3.31 2.60 -16.96
N GLN A 6 4.23 3.19 -16.18
CA GLN A 6 4.74 2.59 -14.97
C GLN A 6 3.65 2.47 -13.90
N LYS A 7 2.49 3.10 -14.13
CA LYS A 7 1.36 3.05 -13.21
C LYS A 7 0.31 2.09 -13.75
N GLU A 8 0.05 2.20 -15.06
CA GLU A 8 -0.98 1.45 -15.76
C GLU A 8 -0.52 0.02 -16.05
N GLN A 9 0.79 -0.20 -16.12
CA GLN A 9 1.29 -1.55 -16.16
C GLN A 9 0.95 -2.24 -14.85
N GLY A 10 1.32 -1.65 -13.71
CA GLY A 10 1.01 -2.25 -12.41
C GLY A 10 -0.51 -2.29 -12.20
N ASN A 11 -1.25 -1.39 -12.85
CA ASN A 11 -2.70 -1.34 -12.84
C ASN A 11 -3.29 -2.58 -13.50
N SER A 12 -2.44 -3.53 -13.89
CA SER A 12 -2.88 -4.83 -14.38
C SER A 12 -1.93 -5.94 -13.94
N LEU A 13 -1.04 -5.67 -12.98
CA LEU A 13 -0.25 -6.69 -12.29
C LEU A 13 -0.73 -6.77 -10.84
N PHE A 14 -1.19 -5.65 -10.27
CA PHE A 14 -1.74 -5.62 -8.93
C PHE A 14 -3.08 -6.36 -8.90
N LYS A 15 -3.82 -6.29 -10.00
CA LYS A 15 -5.15 -6.86 -10.10
C LYS A 15 -5.11 -8.36 -10.41
N GLN A 16 -3.92 -8.96 -10.53
CA GLN A 16 -3.76 -10.33 -10.99
C GLN A 16 -3.28 -11.28 -9.91
N GLY A 17 -2.81 -10.77 -8.77
CA GLY A 17 -2.26 -11.64 -7.74
C GLY A 17 -0.87 -11.24 -7.30
N LEU A 18 -0.18 -10.53 -8.19
CA LEU A 18 1.23 -10.29 -8.07
C LEU A 18 1.48 -8.84 -7.73
N TYR A 19 0.95 -8.49 -6.57
CA TYR A 19 0.99 -7.19 -5.96
C TYR A 19 2.41 -6.62 -5.98
N ARG A 20 3.42 -7.46 -5.77
CA ARG A 20 4.80 -6.99 -5.71
C ARG A 20 5.28 -6.65 -7.11
N GLU A 21 4.92 -7.48 -8.09
CA GLU A 21 5.28 -7.22 -9.47
C GLU A 21 4.53 -6.00 -9.97
N ALA A 22 3.53 -5.54 -9.20
CA ALA A 22 2.89 -4.27 -9.43
C ALA A 22 3.70 -3.15 -8.77
N VAL A 23 4.07 -3.30 -7.48
CA VAL A 23 4.76 -2.27 -6.73
C VAL A 23 6.15 -1.99 -7.26
N HIS A 24 6.82 -3.03 -7.70
CA HIS A 24 8.17 -2.91 -8.21
C HIS A 24 8.22 -2.15 -9.54
N CYS A 25 7.07 -1.65 -9.99
CA CYS A 25 6.95 -0.74 -11.13
C CYS A 25 6.27 0.55 -10.68
N TYR A 26 5.41 0.45 -9.67
CA TYR A 26 4.82 1.58 -8.94
C TYR A 26 5.91 2.39 -8.25
N ASP A 27 6.97 1.73 -7.80
CA ASP A 27 8.05 2.38 -7.07
C ASP A 27 8.70 3.47 -7.90
N GLN A 28 8.67 3.34 -9.23
CA GLN A 28 9.22 4.39 -10.07
C GLN A 28 8.30 5.60 -10.17
N LEU A 29 7.02 5.47 -9.83
CA LEU A 29 6.11 6.61 -9.79
C LEU A 29 6.60 7.57 -8.71
N ILE A 30 7.15 7.02 -7.63
CA ILE A 30 7.66 7.83 -6.55
C ILE A 30 9.05 8.35 -6.91
N THR A 31 9.89 7.55 -7.54
CA THR A 31 11.21 8.05 -7.91
C THR A 31 11.12 9.06 -9.06
N ALA A 32 10.07 9.00 -9.88
CA ALA A 32 9.90 9.95 -10.97
C ALA A 32 9.17 11.19 -10.46
N GLN A 33 8.32 11.00 -9.45
CA GLN A 33 7.55 12.06 -8.84
C GLN A 33 7.41 11.79 -7.35
N PRO A 34 8.51 11.98 -6.62
CA PRO A 34 8.61 11.66 -5.21
C PRO A 34 7.77 12.59 -4.38
N GLN A 35 7.28 13.61 -5.07
CA GLN A 35 6.25 14.51 -4.57
C GLN A 35 4.90 14.27 -5.25
N ASN A 36 4.50 13.01 -5.37
CA ASN A 36 3.20 12.63 -5.91
C ASN A 36 2.62 11.50 -5.05
N PRO A 37 1.34 11.59 -4.71
CA PRO A 37 0.66 10.58 -3.92
C PRO A 37 0.47 9.24 -4.62
N VAL A 38 -0.14 9.19 -5.81
CA VAL A 38 -0.39 7.92 -6.50
C VAL A 38 0.79 6.97 -6.45
N GLY A 39 1.97 7.57 -6.49
CA GLY A 39 3.22 6.84 -6.35
C GLY A 39 3.15 5.96 -5.11
N TYR A 40 2.94 6.59 -3.95
CA TYR A 40 2.77 5.92 -2.69
C TYR A 40 1.48 5.09 -2.70
N SER A 41 0.43 5.59 -3.35
CA SER A 41 -0.90 4.99 -3.27
C SER A 41 -0.97 3.64 -3.95
N ASN A 42 -0.22 3.45 -5.04
CA ASN A 42 -0.22 2.20 -5.77
C ASN A 42 0.61 1.17 -5.00
N LYS A 43 1.84 1.52 -4.63
CA LYS A 43 2.70 0.66 -3.82
C LYS A 43 2.01 0.39 -2.48
N ALA A 44 1.18 1.32 -2.00
CA ALA A 44 0.47 1.17 -0.74
C ALA A 44 -0.65 0.14 -0.85
N MET A 45 -1.56 0.33 -1.82
CA MET A 45 -2.68 -0.58 -1.97
C MET A 45 -2.21 -2.01 -2.20
N ALA A 46 -1.02 -2.17 -2.79
CA ALA A 46 -0.43 -3.47 -2.99
C ALA A 46 0.14 -4.02 -1.68
N LEU A 47 0.75 -3.17 -0.84
CA LEU A 47 1.26 -3.61 0.45
C LEU A 47 0.13 -4.18 1.30
N ILE A 48 -1.12 -3.76 1.10
CA ILE A 48 -2.24 -4.33 1.84
C ILE A 48 -2.50 -5.75 1.35
N LYS A 49 -2.55 -5.92 0.03
CA LYS A 49 -2.73 -7.23 -0.57
C LYS A 49 -1.51 -8.13 -0.36
N LEU A 50 -0.42 -7.58 0.18
CA LEU A 50 0.76 -8.31 0.59
C LEU A 50 0.73 -8.47 2.11
N GLY A 51 -0.17 -7.74 2.75
CA GLY A 51 -0.36 -7.71 4.20
C GLY A 51 0.81 -7.06 4.91
N GLU A 52 1.58 -6.28 4.16
CA GLU A 52 2.71 -5.51 4.63
C GLU A 52 2.24 -4.13 4.99
N TYR A 53 1.17 -4.16 5.78
CA TYR A 53 0.49 -3.01 6.30
C TYR A 53 1.44 -2.05 7.00
N THR A 54 2.52 -2.53 7.63
CA THR A 54 3.37 -1.67 8.44
C THR A 54 3.92 -0.54 7.60
N GLN A 55 4.03 -0.82 6.31
CA GLN A 55 4.72 -0.01 5.33
C GLN A 55 3.69 0.71 4.49
N ALA A 56 2.57 0.04 4.28
CA ALA A 56 1.40 0.62 3.68
C ALA A 56 0.96 1.86 4.46
N ILE A 57 1.00 1.78 5.79
CA ILE A 57 0.69 2.90 6.66
C ILE A 57 1.66 4.03 6.38
N GLN A 58 2.93 3.70 6.13
CA GLN A 58 3.91 4.73 5.86
C GLN A 58 3.66 5.40 4.52
N MET A 59 3.21 4.64 3.53
CA MET A 59 2.94 5.17 2.19
C MET A 59 1.74 6.11 2.19
N CYS A 60 0.66 5.74 2.89
CA CYS A 60 -0.56 6.52 2.82
C CYS A 60 -0.35 7.89 3.47
N GLN A 61 0.20 7.92 4.69
CA GLN A 61 0.53 9.17 5.34
C GLN A 61 1.55 10.01 4.56
N GLN A 62 2.39 9.39 3.73
CA GLN A 62 3.27 10.10 2.80
C GLN A 62 2.46 10.74 1.67
N GLY A 63 1.54 10.00 1.05
CA GLY A 63 0.71 10.56 0.00
C GLY A 63 0.11 11.92 0.40
N LEU A 64 -0.29 12.05 1.67
CA LEU A 64 -0.91 13.26 2.23
C LEU A 64 0.02 14.48 2.20
N ARG A 65 1.29 14.31 1.85
CA ARG A 65 2.28 15.37 1.90
C ARG A 65 2.22 16.18 0.63
N TYR A 66 1.56 15.58 -0.36
CA TYR A 66 1.50 16.09 -1.72
C TYR A 66 0.08 16.41 -2.19
N THR A 67 -0.96 16.04 -1.42
CA THR A 67 -2.35 16.24 -1.79
C THR A 67 -2.78 17.71 -1.61
N SER A 68 -1.82 18.62 -1.55
CA SER A 68 -2.05 20.05 -1.41
C SER A 68 -2.74 20.68 -2.62
N THR A 69 -3.14 19.87 -3.59
CA THR A 69 -3.76 20.33 -4.83
C THR A 69 -4.93 19.43 -5.23
N ALA A 70 -5.86 19.96 -6.02
CA ALA A 70 -7.10 19.26 -6.37
C ALA A 70 -6.90 18.15 -7.40
N GLU A 71 -5.72 18.02 -8.01
CA GLU A 71 -5.44 16.86 -8.85
C GLU A 71 -5.16 15.64 -7.98
N HIS A 72 -4.99 15.87 -6.68
CA HIS A 72 -4.59 14.83 -5.74
C HIS A 72 -5.62 14.65 -4.63
N VAL A 73 -6.70 15.43 -4.65
CA VAL A 73 -7.74 15.28 -3.65
C VAL A 73 -8.36 13.89 -3.70
N ALA A 74 -8.43 13.33 -4.92
CA ALA A 74 -8.92 11.99 -5.14
C ALA A 74 -8.09 10.99 -4.34
N ILE A 75 -6.78 11.24 -4.24
CA ILE A 75 -5.90 10.36 -3.52
C ILE A 75 -5.90 10.65 -2.03
N ARG A 76 -6.17 11.89 -1.64
CA ARG A 76 -6.31 12.21 -0.22
C ARG A 76 -7.42 11.35 0.35
N SER A 77 -8.34 10.94 -0.51
CA SER A 77 -9.40 10.03 -0.15
C SER A 77 -8.88 8.60 -0.16
N LYS A 78 -7.87 8.28 -0.98
CA LYS A 78 -7.42 6.90 -1.06
C LYS A 78 -6.43 6.55 0.05
N LEU A 79 -5.52 7.47 0.40
CA LEU A 79 -4.51 7.18 1.40
C LEU A 79 -5.22 6.72 2.68
N GLN A 80 -6.26 7.44 3.06
CA GLN A 80 -7.00 7.34 4.29
C GLN A 80 -7.70 5.99 4.43
N TYR A 81 -8.03 5.36 3.30
CA TYR A 81 -8.73 4.08 3.33
C TYR A 81 -7.81 2.91 3.67
N ARG A 82 -6.59 2.89 3.13
CA ARG A 82 -5.69 1.79 3.48
C ARG A 82 -5.00 2.14 4.77
N LEU A 83 -4.95 3.43 5.06
CA LEU A 83 -4.38 3.97 6.29
C LEU A 83 -5.33 3.72 7.46
N GLU A 84 -6.52 3.18 7.15
CA GLU A 84 -7.48 2.81 8.18
C GLU A 84 -7.73 1.31 8.21
N LEU A 85 -7.09 0.57 7.30
CA LEU A 85 -7.23 -0.87 7.25
C LEU A 85 -5.91 -1.59 7.60
N ALA A 86 -4.79 -1.07 7.09
CA ALA A 86 -3.47 -1.64 7.28
C ALA A 86 -3.11 -1.64 8.75
N GLN A 87 -3.09 -0.45 9.39
CA GLN A 87 -2.76 -0.30 10.81
C GLN A 87 -3.74 -1.04 11.72
N GLY A 88 -4.88 -1.43 11.17
CA GLY A 88 -5.88 -2.20 11.89
C GLY A 88 -5.73 -3.69 11.56
N ALA A 89 -4.63 -4.04 10.89
CA ALA A 89 -4.37 -5.39 10.43
C ALA A 89 -2.90 -5.80 10.56
N VAL A 90 -1.99 -4.83 10.65
CA VAL A 90 -0.55 -5.09 10.66
C VAL A 90 -0.17 -6.28 11.53
N GLY A 91 -0.70 -6.23 12.75
CA GLY A 91 -0.40 -7.19 13.80
C GLY A 91 -1.68 -7.68 14.50
N SER A 92 -2.81 -7.67 13.80
CA SER A 92 -4.09 -8.13 14.33
C SER A 92 -4.06 -9.63 14.63
N VAL A 93 -5.15 -10.13 15.19
CA VAL A 93 -5.31 -11.51 15.66
C VAL A 93 -4.21 -11.91 16.62
N GLN A 94 -4.54 -11.89 17.91
CA GLN A 94 -3.66 -12.29 18.98
C GLN A 94 -3.69 -13.80 19.24
N ILE A 95 -4.38 -14.57 18.38
CA ILE A 95 -4.56 -16.01 18.56
C ILE A 95 -4.32 -16.80 17.27
N PRO A 96 -3.27 -16.48 16.50
CA PRO A 96 -2.98 -17.16 15.25
C PRO A 96 -2.49 -18.59 15.49
N VAL A 97 -2.31 -19.36 14.42
CA VAL A 97 -1.80 -20.73 14.49
C VAL A 97 -0.28 -20.69 14.71
N VAL A 98 0.12 -20.07 15.82
CA VAL A 98 1.48 -19.84 16.24
C VAL A 98 2.20 -21.11 16.71
N GLU A 99 1.74 -22.25 16.19
CA GLU A 99 2.20 -23.58 16.50
C GLU A 99 3.71 -23.71 16.41
N VAL A 100 4.27 -24.52 17.32
CA VAL A 100 5.67 -24.90 17.33
C VAL A 100 5.74 -26.38 17.68
N ASP A 101 6.55 -27.13 16.94
CA ASP A 101 6.69 -28.57 17.14
C ASP A 101 8.07 -29.03 16.68
N GLU A 102 9.04 -28.11 16.73
CA GLU A 102 10.40 -28.35 16.31
C GLU A 102 11.40 -27.60 17.21
N LEU A 103 12.62 -27.44 16.71
CA LEU A 103 13.71 -26.79 17.42
C LEU A 103 13.38 -25.39 17.93
N PRO A 104 14.26 -24.88 18.81
CA PRO A 104 14.30 -23.52 19.29
C PRO A 104 14.31 -22.51 18.16
N GLU A 105 14.05 -21.24 18.49
CA GLU A 105 13.97 -20.15 17.52
C GLU A 105 15.36 -19.64 17.12
N GLY A 106 16.41 -20.42 17.42
CA GLY A 106 17.78 -19.98 17.15
C GLY A 106 18.82 -21.05 17.50
N TYR A 107 18.54 -22.32 17.23
CA TYR A 107 19.44 -23.42 17.50
C TYR A 107 20.78 -23.28 16.80
N ASP A 108 21.72 -24.13 17.18
CA ASP A 108 23.02 -24.24 16.54
C ASP A 108 23.55 -25.66 16.73
N ARG A 109 24.37 -26.15 15.79
CA ARG A 109 24.89 -27.51 15.83
C ARG A 109 26.30 -27.58 15.22
N SER A 110 26.77 -26.50 14.60
CA SER A 110 28.09 -26.48 13.96
C SER A 110 28.62 -25.04 13.89
N ALA B 1 -14.84 -6.49 -0.61
CA ALA B 1 -14.96 -5.02 -0.63
C ALA B 1 -14.98 -4.50 -2.06
N ASP B 2 -15.32 -3.22 -2.23
CA ASP B 2 -15.34 -2.56 -3.52
C ASP B 2 -15.14 -1.05 -3.33
N THR B 3 -14.01 -0.53 -3.79
CA THR B 3 -13.68 0.89 -3.67
C THR B 3 -12.67 1.31 -4.71
N GLU B 4 -12.57 2.62 -4.95
CA GLU B 4 -11.65 3.19 -5.92
C GLU B 4 -10.21 3.07 -5.43
N MET B 5 -9.96 2.78 -4.15
CA MET B 5 -8.58 2.55 -3.74
C MET B 5 -8.07 1.30 -4.41
N GLU B 6 -8.98 0.33 -4.57
CA GLU B 6 -8.64 -1.00 -5.05
C GLU B 6 -8.58 -1.00 -6.58
N GLU B 7 -8.47 0.19 -7.16
CA GLU B 7 -8.39 0.44 -8.59
C GLU B 7 -7.18 1.34 -8.88
N VAL B 8 -6.20 1.27 -7.96
CA VAL B 8 -4.94 2.00 -7.95
C VAL B 8 -5.10 3.52 -8.03
N ASP B 9 -3.98 4.24 -8.22
CA ASP B 9 -3.87 5.69 -8.16
C ASP B 9 -4.72 6.27 -7.02
N SER A 1 3.76 10.71 -20.67
CA SER A 1 4.91 11.03 -19.82
C SER A 1 5.51 9.75 -19.23
N GLN A 2 6.79 9.81 -18.85
CA GLN A 2 7.52 8.70 -18.25
C GLN A 2 7.08 8.48 -16.80
N PHE A 3 5.80 8.19 -16.58
CA PHE A 3 5.26 7.94 -15.26
C PHE A 3 4.03 7.09 -15.44
N GLU A 4 3.26 7.45 -16.46
CA GLU A 4 2.08 6.74 -16.85
C GLU A 4 2.35 5.27 -17.10
N LYS A 5 3.30 4.94 -17.97
CA LYS A 5 3.51 3.57 -18.39
C LYS A 5 3.86 2.67 -17.22
N GLN A 6 4.76 3.13 -16.36
CA GLN A 6 5.19 2.40 -15.19
C GLN A 6 4.03 2.26 -14.19
N LYS A 7 2.99 3.08 -14.37
CA LYS A 7 1.79 3.04 -13.57
C LYS A 7 0.75 2.13 -14.21
N GLU A 8 0.25 2.46 -15.40
CA GLU A 8 -0.81 1.69 -16.07
C GLU A 8 -0.34 0.28 -16.44
N GLN A 9 0.95 0.03 -16.56
CA GLN A 9 1.40 -1.36 -16.67
C GLN A 9 1.08 -2.11 -15.38
N GLY A 10 1.36 -1.50 -14.23
CA GLY A 10 1.12 -2.10 -12.94
C GLY A 10 -0.36 -2.03 -12.56
N ASN A 11 -1.14 -1.17 -13.23
CA ASN A 11 -2.56 -1.03 -12.95
C ASN A 11 -3.24 -2.38 -13.12
N SER A 12 -2.73 -3.27 -13.97
CA SER A 12 -3.36 -4.56 -14.16
C SER A 12 -2.67 -5.63 -13.33
N LEU A 13 -1.34 -5.57 -13.18
CA LEU A 13 -0.61 -6.52 -12.37
C LEU A 13 -1.15 -6.60 -10.94
N PHE A 14 -1.49 -5.45 -10.36
CA PHE A 14 -1.98 -5.37 -9.01
C PHE A 14 -3.31 -6.13 -8.88
N LYS A 15 -4.07 -6.16 -9.98
CA LYS A 15 -5.38 -6.78 -9.98
C LYS A 15 -5.32 -8.27 -10.31
N GLN A 16 -4.13 -8.80 -10.66
CA GLN A 16 -3.98 -10.18 -11.10
C GLN A 16 -3.56 -11.12 -9.98
N GLY A 17 -2.90 -10.58 -8.95
CA GLY A 17 -2.38 -11.43 -7.88
C GLY A 17 -1.00 -11.04 -7.43
N LEU A 18 -0.28 -10.35 -8.30
CA LEU A 18 1.13 -10.11 -8.15
C LEU A 18 1.38 -8.67 -7.78
N TYR A 19 0.83 -8.34 -6.61
CA TYR A 19 0.87 -7.05 -5.98
C TYR A 19 2.27 -6.45 -6.00
N ARG A 20 3.30 -7.26 -5.71
CA ARG A 20 4.66 -6.78 -5.57
C ARG A 20 5.32 -6.64 -6.93
N GLU A 21 4.94 -7.48 -7.89
CA GLU A 21 5.40 -7.27 -9.26
C GLU A 21 4.78 -5.98 -9.79
N ALA A 22 3.57 -5.68 -9.29
CA ALA A 22 2.86 -4.46 -9.63
C ALA A 22 3.47 -3.24 -8.95
N VAL A 23 4.04 -3.39 -7.75
CA VAL A 23 4.61 -2.28 -7.03
C VAL A 23 5.99 -2.01 -7.57
N HIS A 24 6.54 -3.06 -8.13
CA HIS A 24 7.85 -3.08 -8.76
C HIS A 24 7.93 -2.11 -9.94
N CYS A 25 6.81 -1.47 -10.30
CA CYS A 25 6.77 -0.45 -11.34
C CYS A 25 6.13 0.81 -10.74
N TYR A 26 5.31 0.63 -9.71
CA TYR A 26 4.75 1.68 -8.88
C TYR A 26 5.87 2.43 -8.16
N ASP A 27 6.92 1.70 -7.77
CA ASP A 27 8.01 2.25 -7.00
C ASP A 27 8.77 3.31 -7.78
N GLN A 28 8.77 3.21 -9.12
CA GLN A 28 9.40 4.23 -9.94
C GLN A 28 8.54 5.48 -10.04
N LEU A 29 7.24 5.40 -9.72
CA LEU A 29 6.39 6.58 -9.70
C LEU A 29 6.86 7.50 -8.59
N ILE A 30 7.36 6.91 -7.51
CA ILE A 30 7.91 7.68 -6.41
C ILE A 30 9.33 8.11 -6.75
N THR A 31 10.14 7.27 -7.38
CA THR A 31 11.49 7.69 -7.71
C THR A 31 11.49 8.78 -8.78
N ALA A 32 10.45 8.84 -9.63
CA ALA A 32 10.38 9.85 -10.67
C ALA A 32 9.61 11.08 -10.19
N GLN A 33 8.71 10.87 -9.24
CA GLN A 33 7.92 11.91 -8.62
C GLN A 33 7.78 11.60 -7.14
N PRO A 34 8.88 11.74 -6.40
CA PRO A 34 9.00 11.32 -5.01
C PRO A 34 8.15 12.15 -4.09
N GLN A 35 7.64 13.21 -4.68
CA GLN A 35 6.66 14.09 -4.07
C GLN A 35 5.30 14.06 -4.77
N ASN A 36 4.91 12.86 -5.24
CA ASN A 36 3.60 12.57 -5.81
C ASN A 36 2.98 11.41 -5.05
N PRO A 37 1.66 11.45 -4.92
CA PRO A 37 0.95 10.53 -4.06
C PRO A 37 0.55 9.22 -4.72
N VAL A 38 0.03 9.21 -5.96
CA VAL A 38 -0.23 7.94 -6.63
C VAL A 38 0.94 6.99 -6.49
N GLY A 39 2.13 7.57 -6.48
CA GLY A 39 3.36 6.83 -6.26
C GLY A 39 3.22 5.98 -5.00
N TYR A 40 2.95 6.62 -3.87
CA TYR A 40 2.72 5.94 -2.62
C TYR A 40 1.42 5.14 -2.66
N SER A 41 0.42 5.65 -3.39
CA SER A 41 -0.94 5.12 -3.33
C SER A 41 -1.05 3.76 -4.01
N ASN A 42 -0.30 3.55 -5.09
CA ASN A 42 -0.36 2.29 -5.82
C ASN A 42 0.44 1.23 -5.08
N LYS A 43 1.69 1.56 -4.73
CA LYS A 43 2.56 0.70 -3.92
C LYS A 43 1.86 0.38 -2.60
N ALA A 44 1.08 1.32 -2.06
CA ALA A 44 0.42 1.15 -0.77
C ALA A 44 -0.73 0.15 -0.88
N MET A 45 -1.65 0.34 -1.83
CA MET A 45 -2.78 -0.56 -1.97
C MET A 45 -2.31 -1.99 -2.19
N ALA A 46 -1.17 -2.15 -2.86
CA ALA A 46 -0.58 -3.45 -3.09
C ALA A 46 0.02 -4.01 -1.81
N LEU A 47 0.64 -3.16 -0.97
CA LEU A 47 1.17 -3.60 0.30
C LEU A 47 0.07 -4.12 1.22
N ILE A 48 -1.17 -3.64 1.08
CA ILE A 48 -2.29 -4.18 1.84
C ILE A 48 -2.58 -5.59 1.36
N LYS A 49 -2.67 -5.75 0.03
CA LYS A 49 -2.85 -7.04 -0.59
C LYS A 49 -1.66 -7.98 -0.36
N LEU A 50 -0.57 -7.47 0.24
CA LEU A 50 0.59 -8.25 0.63
C LEU A 50 0.60 -8.38 2.16
N GLY A 51 -0.25 -7.59 2.83
CA GLY A 51 -0.39 -7.52 4.27
C GLY A 51 0.84 -6.89 4.91
N GLU A 52 1.62 -6.18 4.09
CA GLU A 52 2.77 -5.40 4.49
C GLU A 52 2.33 -4.00 4.82
N TYR A 53 1.11 -3.96 5.36
CA TYR A 53 0.49 -2.83 5.98
C TYR A 53 1.48 -1.96 6.73
N THR A 54 2.41 -2.56 7.49
CA THR A 54 3.36 -1.82 8.31
C THR A 54 4.04 -0.74 7.48
N GLN A 55 4.27 -1.10 6.22
CA GLN A 55 4.87 -0.24 5.22
C GLN A 55 3.82 0.64 4.56
N ALA A 56 2.65 0.05 4.26
CA ALA A 56 1.54 0.75 3.65
C ALA A 56 1.07 1.94 4.49
N ILE A 57 1.12 1.83 5.81
CA ILE A 57 0.72 2.89 6.72
C ILE A 57 1.64 4.09 6.50
N GLN A 58 2.91 3.82 6.21
CA GLN A 58 3.88 4.87 5.94
C GLN A 58 3.64 5.49 4.56
N MET A 59 3.20 4.67 3.60
CA MET A 59 2.92 5.17 2.25
C MET A 59 1.69 6.05 2.23
N CYS A 60 0.61 5.64 2.90
CA CYS A 60 -0.66 6.35 2.82
C CYS A 60 -0.51 7.75 3.42
N GLN A 61 0.03 7.85 4.63
CA GLN A 61 0.27 9.14 5.26
C GLN A 61 1.25 10.05 4.48
N GLN A 62 2.22 9.48 3.76
CA GLN A 62 3.11 10.28 2.90
C GLN A 62 2.36 10.83 1.71
N GLY A 63 1.47 10.06 1.09
CA GLY A 63 0.67 10.58 -0.01
C GLY A 63 0.03 11.93 0.33
N LEU A 64 -0.36 12.14 1.60
CA LEU A 64 -1.05 13.36 2.04
C LEU A 64 -0.15 14.59 2.07
N ARG A 65 1.14 14.41 1.79
CA ARG A 65 2.10 15.49 1.72
C ARG A 65 2.05 16.08 0.32
N TYR A 66 1.41 15.30 -0.55
CA TYR A 66 1.29 15.51 -1.98
C TYR A 66 -0.15 15.59 -2.47
N THR A 67 -1.08 16.08 -1.64
CA THR A 67 -2.49 16.23 -2.02
C THR A 67 -3.00 17.63 -1.76
N SER A 68 -2.08 18.62 -1.73
CA SER A 68 -2.40 20.03 -1.53
C SER A 68 -3.20 20.65 -2.68
N THR A 69 -3.63 19.83 -3.64
CA THR A 69 -4.37 20.29 -4.82
C THR A 69 -5.51 19.34 -5.18
N ALA A 70 -6.51 19.86 -5.89
CA ALA A 70 -7.73 19.11 -6.22
C ALA A 70 -7.54 18.09 -7.33
N GLU A 71 -6.38 18.02 -7.98
CA GLU A 71 -6.09 16.94 -8.90
C GLU A 71 -5.78 15.67 -8.13
N HIS A 72 -5.49 15.81 -6.83
CA HIS A 72 -5.04 14.73 -5.96
C HIS A 72 -6.01 14.52 -4.80
N VAL A 73 -7.22 15.06 -4.90
CA VAL A 73 -8.25 14.82 -3.89
C VAL A 73 -8.72 13.38 -3.96
N ALA A 74 -8.70 12.81 -5.16
CA ALA A 74 -9.08 11.43 -5.43
C ALA A 74 -8.29 10.49 -4.55
N ILE A 75 -7.00 10.79 -4.52
CA ILE A 75 -5.94 10.09 -3.84
C ILE A 75 -6.01 10.33 -2.34
N ARG A 76 -6.33 11.56 -1.97
CA ARG A 76 -6.43 11.94 -0.56
C ARG A 76 -7.44 11.02 0.13
N SER A 77 -8.45 10.61 -0.62
CA SER A 77 -9.47 9.69 -0.17
C SER A 77 -8.87 8.30 0.10
N LYS A 78 -7.85 7.91 -0.66
CA LYS A 78 -7.25 6.59 -0.54
C LYS A 78 -6.24 6.55 0.59
N LEU A 79 -5.47 7.62 0.75
CA LEU A 79 -4.44 7.71 1.77
C LEU A 79 -5.01 7.69 3.18
N GLN A 80 -6.34 7.74 3.30
CA GLN A 80 -7.09 7.68 4.53
C GLN A 80 -7.83 6.36 4.73
N TYR A 81 -7.91 5.52 3.71
CA TYR A 81 -8.65 4.26 3.82
C TYR A 81 -7.73 3.08 4.12
N ARG A 82 -6.68 2.88 3.32
CA ARG A 82 -5.77 1.78 3.59
C ARG A 82 -4.98 2.12 4.84
N LEU A 83 -4.93 3.41 5.14
CA LEU A 83 -4.26 3.94 6.32
C LEU A 83 -5.06 3.57 7.56
N GLU A 84 -6.32 3.19 7.38
CA GLU A 84 -7.21 2.79 8.45
C GLU A 84 -7.57 1.31 8.37
N LEU A 85 -6.90 0.54 7.50
CA LEU A 85 -7.08 -0.90 7.46
C LEU A 85 -5.74 -1.61 7.72
N ALA A 86 -4.66 -1.09 7.15
CA ALA A 86 -3.32 -1.62 7.29
C ALA A 86 -2.94 -1.66 8.76
N GLN A 87 -2.81 -0.51 9.41
CA GLN A 87 -2.44 -0.48 10.82
C GLN A 87 -3.44 -1.21 11.71
N GLY A 88 -4.68 -1.35 11.22
CA GLY A 88 -5.72 -2.07 11.92
C GLY A 88 -5.56 -3.57 11.72
N ALA A 89 -4.47 -3.96 11.05
CA ALA A 89 -4.09 -5.33 10.78
C ALA A 89 -2.60 -5.56 11.11
N VAL A 90 -1.94 -4.53 11.65
CA VAL A 90 -0.51 -4.53 11.97
C VAL A 90 -0.24 -4.29 13.44
N GLY A 91 -1.00 -3.35 13.97
CA GLY A 91 -0.76 -2.81 15.29
C GLY A 91 -2.05 -2.40 16.01
N SER A 92 -3.19 -3.02 15.65
CA SER A 92 -4.46 -2.76 16.28
C SER A 92 -4.41 -3.06 17.78
N VAL A 93 -5.44 -2.62 18.52
CA VAL A 93 -5.53 -2.75 19.98
C VAL A 93 -4.23 -2.27 20.62
N GLN A 94 -4.11 -0.94 20.70
CA GLN A 94 -2.90 -0.26 21.12
C GLN A 94 -3.16 0.64 22.33
N ILE A 95 -4.33 0.48 22.95
CA ILE A 95 -4.73 1.20 24.14
C ILE A 95 -5.40 0.28 25.18
N PRO A 96 -5.07 -1.02 25.25
CA PRO A 96 -5.68 -1.95 26.19
C PRO A 96 -5.15 -1.71 27.60
N VAL A 97 -5.58 -2.55 28.55
CA VAL A 97 -5.12 -2.48 29.92
C VAL A 97 -4.69 -3.88 30.37
N VAL A 98 -3.94 -4.51 29.48
CA VAL A 98 -3.37 -5.85 29.59
C VAL A 98 -2.19 -5.90 30.55
N GLU A 99 -2.19 -4.98 31.50
CA GLU A 99 -1.14 -4.76 32.48
C GLU A 99 -0.81 -6.03 33.27
N VAL A 100 0.48 -6.19 33.56
CA VAL A 100 1.01 -7.25 34.41
C VAL A 100 2.12 -6.64 35.25
N ASP A 101 2.12 -6.91 36.56
CA ASP A 101 3.09 -6.34 37.49
C ASP A 101 3.28 -7.25 38.70
N GLU A 102 2.99 -8.54 38.50
CA GLU A 102 3.05 -9.60 39.50
C GLU A 102 2.56 -9.17 40.90
N LEU A 103 3.09 -9.86 41.91
CA LEU A 103 2.77 -9.67 43.32
C LEU A 103 2.87 -8.21 43.79
N PRO A 104 2.27 -7.93 44.98
CA PRO A 104 2.15 -6.65 45.67
C PRO A 104 3.46 -5.94 45.98
N GLU A 105 3.40 -5.07 46.99
CA GLU A 105 4.55 -4.34 47.51
C GLU A 105 4.72 -4.70 48.99
N GLY A 106 4.17 -5.86 49.39
CA GLY A 106 4.22 -6.32 50.78
C GLY A 106 4.57 -7.81 50.88
N TYR A 107 4.40 -8.58 49.79
CA TYR A 107 4.88 -9.94 49.70
C TYR A 107 6.41 -9.96 49.81
N ASP A 108 6.98 -11.15 49.99
CA ASP A 108 8.43 -11.33 50.09
C ASP A 108 8.89 -12.46 49.18
N ARG A 109 10.19 -12.49 48.88
CA ARG A 109 10.77 -13.42 47.92
C ARG A 109 12.04 -14.08 48.47
N SER A 110 12.39 -13.80 49.73
CA SER A 110 13.59 -14.32 50.36
C SER A 110 13.38 -14.42 51.88
N ALA B 1 -15.40 -2.82 -5.92
CA ALA B 1 -16.62 -2.91 -5.10
C ALA B 1 -17.51 -1.69 -5.33
N ASP B 2 -17.26 -0.59 -4.62
CA ASP B 2 -18.07 0.61 -4.73
C ASP B 2 -17.24 1.86 -4.39
N THR B 3 -15.91 1.75 -4.51
CA THR B 3 -15.01 2.83 -4.16
C THR B 3 -13.70 2.74 -4.93
N GLU B 4 -13.14 3.90 -5.24
CA GLU B 4 -11.91 4.01 -6.02
C GLU B 4 -10.68 3.67 -5.19
N MET B 5 -10.79 3.61 -3.86
CA MET B 5 -9.67 3.15 -3.06
C MET B 5 -9.42 1.67 -3.31
N GLU B 6 -10.40 0.96 -3.87
CA GLU B 6 -10.22 -0.44 -4.25
C GLU B 6 -9.65 -0.51 -5.67
N GLU B 7 -9.13 0.61 -6.16
CA GLU B 7 -8.49 0.73 -7.46
C GLU B 7 -7.24 1.60 -7.33
N VAL B 8 -6.31 1.50 -8.27
CA VAL B 8 -5.02 2.19 -8.17
C VAL B 8 -5.15 3.69 -8.45
N ASP B 9 -4.00 4.38 -8.43
CA ASP B 9 -3.84 5.82 -8.60
C ASP B 9 -5.06 6.64 -8.16
N SER A 1 4.35 9.86 -22.56
CA SER A 1 4.40 8.91 -21.43
C SER A 1 5.75 8.98 -20.75
N GLN A 2 5.76 9.31 -19.45
CA GLN A 2 6.99 9.43 -18.67
C GLN A 2 6.74 9.07 -17.20
N PHE A 3 5.56 8.55 -16.87
CA PHE A 3 5.16 8.23 -15.51
C PHE A 3 4.02 7.24 -15.61
N GLU A 4 3.16 7.50 -16.58
CA GLU A 4 2.00 6.73 -16.92
C GLU A 4 2.31 5.26 -17.13
N LYS A 5 3.25 4.91 -18.02
CA LYS A 5 3.47 3.54 -18.37
C LYS A 5 3.81 2.68 -17.18
N GLN A 6 4.70 3.17 -16.33
CA GLN A 6 5.11 2.46 -15.13
C GLN A 6 3.94 2.36 -14.16
N LYS A 7 2.90 3.18 -14.36
CA LYS A 7 1.69 3.14 -13.58
C LYS A 7 0.68 2.18 -14.22
N GLU A 8 0.16 2.50 -15.41
CA GLU A 8 -0.87 1.69 -16.06
C GLU A 8 -0.39 0.28 -16.41
N GLN A 9 0.92 0.03 -16.53
CA GLN A 9 1.39 -1.34 -16.64
C GLN A 9 1.09 -2.09 -15.33
N GLY A 10 1.42 -1.47 -14.20
CA GLY A 10 1.22 -2.09 -12.90
C GLY A 10 -0.25 -2.03 -12.47
N ASN A 11 -1.06 -1.19 -13.12
CA ASN A 11 -2.48 -1.08 -12.81
C ASN A 11 -3.14 -2.44 -12.92
N SER A 12 -2.68 -3.28 -13.86
CA SER A 12 -3.31 -4.58 -14.03
C SER A 12 -2.58 -5.67 -13.26
N LEU A 13 -1.26 -5.58 -13.11
CA LEU A 13 -0.50 -6.54 -12.34
C LEU A 13 -1.05 -6.66 -10.92
N PHE A 14 -1.38 -5.53 -10.31
CA PHE A 14 -1.92 -5.49 -8.96
C PHE A 14 -3.25 -6.24 -8.89
N LYS A 15 -3.97 -6.29 -10.00
CA LYS A 15 -5.27 -6.95 -10.02
C LYS A 15 -5.17 -8.44 -10.34
N GLN A 16 -3.97 -8.94 -10.67
CA GLN A 16 -3.77 -10.32 -11.12
C GLN A 16 -3.31 -11.23 -9.99
N GLY A 17 -2.72 -10.69 -8.94
CA GLY A 17 -2.21 -11.50 -7.85
C GLY A 17 -0.83 -11.08 -7.39
N LEU A 18 -0.12 -10.41 -8.29
CA LEU A 18 1.29 -10.14 -8.12
C LEU A 18 1.48 -8.69 -7.73
N TYR A 19 0.89 -8.40 -6.57
CA TYR A 19 0.90 -7.09 -5.95
C TYR A 19 2.29 -6.51 -5.90
N ARG A 20 3.30 -7.33 -5.61
CA ARG A 20 4.67 -6.84 -5.44
C ARG A 20 5.25 -6.50 -6.79
N GLU A 21 5.00 -7.35 -7.79
CA GLU A 21 5.47 -7.08 -9.14
C GLU A 21 4.82 -5.81 -9.66
N ALA A 22 3.61 -5.54 -9.17
CA ALA A 22 2.89 -4.32 -9.49
C ALA A 22 3.54 -3.12 -8.82
N VAL A 23 4.03 -3.27 -7.57
CA VAL A 23 4.65 -2.19 -6.85
C VAL A 23 6.02 -1.92 -7.40
N HIS A 24 6.57 -2.98 -7.96
CA HIS A 24 7.88 -3.00 -8.58
C HIS A 24 7.97 -2.04 -9.76
N CYS A 25 6.84 -1.44 -10.16
CA CYS A 25 6.79 -0.42 -11.19
C CYS A 25 6.14 0.84 -10.62
N TYR A 26 5.32 0.67 -9.58
CA TYR A 26 4.77 1.74 -8.78
C TYR A 26 5.88 2.51 -8.08
N ASP A 27 6.96 1.81 -7.70
CA ASP A 27 8.07 2.38 -6.97
C ASP A 27 8.78 3.42 -7.83
N GLN A 28 8.76 3.26 -9.15
CA GLN A 28 9.34 4.24 -10.03
C GLN A 28 8.44 5.48 -10.18
N LEU A 29 7.17 5.41 -9.77
CA LEU A 29 6.32 6.58 -9.80
C LEU A 29 6.81 7.56 -8.74
N ILE A 30 7.29 7.02 -7.63
CA ILE A 30 7.84 7.86 -6.58
C ILE A 30 9.21 8.37 -6.99
N THR A 31 9.98 7.59 -7.74
CA THR A 31 11.28 8.07 -8.16
C THR A 31 11.17 9.01 -9.37
N ALA A 32 10.12 8.86 -10.18
CA ALA A 32 9.93 9.74 -11.32
C ALA A 32 9.19 11.00 -10.88
N GLN A 33 8.50 10.92 -9.74
CA GLN A 33 7.78 12.03 -9.16
C GLN A 33 7.66 11.81 -7.65
N PRO A 34 8.77 12.01 -6.95
CA PRO A 34 8.87 11.78 -5.51
C PRO A 34 8.03 12.79 -4.75
N GLN A 35 7.57 13.77 -5.51
CA GLN A 35 6.57 14.73 -5.07
C GLN A 35 5.17 14.39 -5.63
N ASN A 36 4.84 13.10 -5.65
CA ASN A 36 3.53 12.64 -6.08
C ASN A 36 3.04 11.50 -5.19
N PRO A 37 1.73 11.45 -4.99
CA PRO A 37 1.09 10.52 -4.09
C PRO A 37 0.65 9.21 -4.71
N VAL A 38 0.08 9.16 -5.92
CA VAL A 38 -0.19 7.88 -6.56
C VAL A 38 0.97 6.92 -6.41
N GLY A 39 2.16 7.50 -6.42
CA GLY A 39 3.41 6.78 -6.24
C GLY A 39 3.32 5.94 -4.96
N TYR A 40 3.04 6.59 -3.83
CA TYR A 40 2.85 5.92 -2.57
C TYR A 40 1.53 5.14 -2.57
N SER A 41 0.53 5.66 -3.29
CA SER A 41 -0.84 5.16 -3.22
C SER A 41 -0.97 3.77 -3.82
N ASN A 42 -0.25 3.51 -4.92
CA ASN A 42 -0.35 2.25 -5.63
C ASN A 42 0.50 1.21 -4.91
N LYS A 43 1.75 1.59 -4.56
CA LYS A 43 2.65 0.79 -3.76
C LYS A 43 1.97 0.47 -2.42
N ALA A 44 1.10 1.37 -1.93
CA ALA A 44 0.42 1.17 -0.67
C ALA A 44 -0.72 0.17 -0.79
N MET A 45 -1.63 0.37 -1.75
CA MET A 45 -2.76 -0.54 -1.93
C MET A 45 -2.29 -1.97 -2.12
N ALA A 46 -1.12 -2.13 -2.76
CA ALA A 46 -0.55 -3.44 -2.96
C ALA A 46 -0.02 -4.03 -1.65
N LEU A 47 0.55 -3.20 -0.78
CA LEU A 47 1.06 -3.67 0.50
C LEU A 47 -0.06 -4.20 1.40
N ILE A 48 -1.30 -3.73 1.22
CA ILE A 48 -2.43 -4.30 1.95
C ILE A 48 -2.69 -5.70 1.42
N LYS A 49 -2.76 -5.84 0.10
CA LYS A 49 -2.91 -7.10 -0.58
C LYS A 49 -1.70 -8.03 -0.35
N LEU A 50 -0.62 -7.51 0.26
CA LEU A 50 0.55 -8.28 0.63
C LEU A 50 0.54 -8.47 2.15
N GLY A 51 -0.34 -7.72 2.83
CA GLY A 51 -0.52 -7.72 4.27
C GLY A 51 0.68 -7.08 4.98
N GLU A 52 1.46 -6.34 4.21
CA GLU A 52 2.59 -5.54 4.67
C GLU A 52 2.07 -4.16 5.04
N TYR A 53 0.93 -4.22 5.72
CA TYR A 53 0.25 -3.09 6.29
C TYR A 53 1.22 -2.16 7.01
N THR A 54 2.23 -2.71 7.68
CA THR A 54 3.15 -1.89 8.46
C THR A 54 3.77 -0.82 7.57
N GLN A 55 4.10 -1.21 6.34
CA GLN A 55 4.71 -0.33 5.37
C GLN A 55 3.64 0.50 4.67
N ALA A 56 2.48 -0.11 4.43
CA ALA A 56 1.35 0.55 3.82
C ALA A 56 0.93 1.81 4.58
N ILE A 57 0.96 1.74 5.91
CA ILE A 57 0.61 2.85 6.77
C ILE A 57 1.59 4.01 6.54
N GLN A 58 2.87 3.69 6.28
CA GLN A 58 3.88 4.69 6.03
C GLN A 58 3.71 5.34 4.66
N MET A 59 3.29 4.54 3.67
CA MET A 59 3.07 5.05 2.32
C MET A 59 1.96 6.07 2.29
N CYS A 60 0.86 5.76 2.98
CA CYS A 60 -0.35 6.58 2.88
C CYS A 60 -0.15 7.95 3.52
N GLN A 61 0.28 7.99 4.78
CA GLN A 61 0.56 9.26 5.44
C GLN A 61 1.64 10.08 4.71
N GLN A 62 2.51 9.46 3.93
CA GLN A 62 3.42 10.19 3.03
C GLN A 62 2.61 10.74 1.86
N GLY A 63 1.76 9.94 1.23
CA GLY A 63 0.93 10.44 0.14
C GLY A 63 0.19 11.73 0.55
N LEU A 64 -0.20 11.85 1.82
CA LEU A 64 -0.90 13.01 2.36
C LEU A 64 -0.05 14.29 2.34
N ARG A 65 1.22 14.20 1.95
CA ARG A 65 2.14 15.32 1.88
C ARG A 65 2.10 15.92 0.49
N TYR A 66 1.54 15.14 -0.43
CA TYR A 66 1.47 15.41 -1.85
C TYR A 66 0.03 15.54 -2.37
N THR A 67 -0.88 16.08 -1.56
CA THR A 67 -2.29 16.20 -1.93
C THR A 67 -2.82 17.62 -1.68
N SER A 68 -1.93 18.60 -1.71
CA SER A 68 -2.27 20.02 -1.50
C SER A 68 -3.12 20.62 -2.62
N THR A 69 -3.59 19.80 -3.56
CA THR A 69 -4.35 20.25 -4.72
C THR A 69 -5.51 19.31 -5.05
N ALA A 70 -6.53 19.83 -5.74
CA ALA A 70 -7.75 19.11 -6.06
C ALA A 70 -7.60 18.08 -7.18
N GLU A 71 -6.44 18.02 -7.84
CA GLU A 71 -6.18 16.92 -8.76
C GLU A 71 -5.82 15.66 -7.98
N HIS A 72 -5.50 15.83 -6.70
CA HIS A 72 -5.03 14.75 -5.83
C HIS A 72 -5.99 14.53 -4.67
N VAL A 73 -7.21 15.05 -4.76
CA VAL A 73 -8.23 14.78 -3.75
C VAL A 73 -8.68 13.32 -3.81
N ALA A 74 -8.65 12.75 -5.01
CA ALA A 74 -8.97 11.35 -5.25
C ALA A 74 -8.13 10.45 -4.36
N ILE A 75 -6.86 10.81 -4.32
CA ILE A 75 -5.79 10.17 -3.59
C ILE A 75 -5.90 10.49 -2.11
N ARG A 76 -6.30 11.72 -1.81
CA ARG A 76 -6.52 12.18 -0.45
C ARG A 76 -7.76 11.52 0.15
N SER A 77 -8.30 10.55 -0.58
CA SER A 77 -9.35 9.67 -0.12
C SER A 77 -8.84 8.23 -0.03
N LYS A 78 -7.70 7.93 -0.66
CA LYS A 78 -7.13 6.58 -0.63
C LYS A 78 -6.17 6.43 0.53
N LEU A 79 -5.30 7.41 0.71
CA LEU A 79 -4.27 7.46 1.76
C LEU A 79 -4.89 7.55 3.15
N GLN A 80 -6.21 7.45 3.21
CA GLN A 80 -7.00 7.50 4.41
C GLN A 80 -7.78 6.21 4.64
N TYR A 81 -7.98 5.42 3.58
CA TYR A 81 -8.70 4.16 3.66
C TYR A 81 -7.76 2.98 3.82
N ARG A 82 -6.73 2.89 2.97
CA ARG A 82 -5.81 1.77 3.06
C ARG A 82 -4.70 2.14 4.05
N LEU A 83 -4.78 3.36 4.54
CA LEU A 83 -4.00 3.81 5.68
C LEU A 83 -4.62 3.25 6.95
N GLU A 84 -5.96 3.21 7.00
CA GLU A 84 -6.64 2.93 8.25
C GLU A 84 -6.94 1.45 8.43
N LEU A 85 -7.03 0.69 7.34
CA LEU A 85 -7.32 -0.72 7.44
C LEU A 85 -6.06 -1.51 7.73
N ALA A 86 -4.93 -1.04 7.19
CA ALA A 86 -3.62 -1.62 7.38
C ALA A 86 -3.27 -1.63 8.87
N GLN A 87 -3.18 -0.46 9.50
CA GLN A 87 -2.87 -0.34 10.92
C GLN A 87 -3.89 -1.05 11.81
N GLY A 88 -5.06 -1.34 11.27
CA GLY A 88 -6.11 -2.06 11.96
C GLY A 88 -6.04 -3.55 11.62
N ALA A 89 -4.95 -3.97 10.99
CA ALA A 89 -4.75 -5.34 10.54
C ALA A 89 -3.31 -5.80 10.68
N VAL A 90 -2.36 -4.87 10.76
CA VAL A 90 -0.94 -5.20 10.67
C VAL A 90 -0.57 -6.43 11.48
N GLY A 91 -0.98 -6.38 12.75
CA GLY A 91 -0.65 -7.37 13.74
C GLY A 91 -1.78 -7.58 14.75
N SER A 92 -3.01 -7.22 14.36
CA SER A 92 -4.20 -7.34 15.20
C SER A 92 -4.47 -8.78 15.61
N VAL A 93 -5.40 -8.94 16.56
CA VAL A 93 -5.80 -10.21 17.17
C VAL A 93 -4.60 -11.03 17.65
N GLN A 94 -4.36 -10.95 18.96
CA GLN A 94 -3.31 -11.70 19.61
C GLN A 94 -3.74 -13.14 19.85
N ILE A 95 -2.76 -14.04 19.96
CA ILE A 95 -2.93 -15.47 20.22
C ILE A 95 -4.18 -16.11 19.59
N PRO A 96 -4.48 -15.85 18.31
CA PRO A 96 -5.60 -16.48 17.63
C PRO A 96 -5.42 -17.99 17.55
N VAL A 97 -6.50 -18.71 17.25
CA VAL A 97 -6.50 -20.16 17.13
C VAL A 97 -5.99 -20.56 15.75
N VAL A 98 -4.80 -20.06 15.41
CA VAL A 98 -4.13 -20.26 14.13
C VAL A 98 -3.57 -21.67 13.97
N GLU A 99 -4.18 -22.61 14.68
CA GLU A 99 -3.82 -24.01 14.74
C GLU A 99 -3.87 -24.66 13.36
N VAL A 100 -2.95 -25.61 13.15
CA VAL A 100 -2.90 -26.45 11.95
C VAL A 100 -2.54 -27.87 12.36
N ASP A 101 -3.34 -28.83 11.90
CA ASP A 101 -3.14 -30.23 12.24
C ASP A 101 -3.75 -31.13 11.17
N GLU A 102 -3.85 -30.60 9.95
CA GLU A 102 -4.44 -31.31 8.81
C GLU A 102 -3.53 -32.41 8.30
N LEU A 103 -2.28 -32.28 8.73
CA LEU A 103 -1.13 -33.03 8.34
C LEU A 103 -0.15 -33.20 9.50
N PRO A 104 0.87 -34.03 9.30
CA PRO A 104 2.00 -34.21 10.16
C PRO A 104 2.66 -32.89 10.54
N GLU A 105 3.49 -32.92 11.60
CA GLU A 105 4.14 -31.73 12.14
C GLU A 105 5.34 -31.30 11.29
N GLY A 106 5.45 -31.81 10.05
CA GLY A 106 6.59 -31.53 9.22
C GLY A 106 6.48 -32.15 7.83
N TYR A 107 5.29 -32.20 7.24
CA TYR A 107 5.06 -32.76 5.93
C TYR A 107 5.92 -32.16 4.84
N ASP A 108 5.97 -32.85 3.71
CA ASP A 108 6.58 -32.36 2.49
C ASP A 108 5.90 -33.00 1.29
N ARG A 109 6.11 -32.44 0.09
CA ARG A 109 5.39 -32.86 -1.11
C ARG A 109 6.24 -32.79 -2.37
N SER A 110 7.52 -32.42 -2.23
CA SER A 110 8.44 -32.29 -3.36
C SER A 110 9.88 -32.49 -2.90
N ALA B 1 -15.64 -4.20 -6.96
CA ALA B 1 -15.13 -2.83 -6.77
C ALA B 1 -16.27 -1.82 -6.81
N ASP B 2 -16.25 -0.85 -5.88
CA ASP B 2 -17.27 0.19 -5.81
C ASP B 2 -16.67 1.49 -5.31
N THR B 3 -15.34 1.59 -5.39
CA THR B 3 -14.58 2.76 -4.93
C THR B 3 -13.22 2.79 -5.60
N GLU B 4 -12.67 3.99 -5.76
CA GLU B 4 -11.39 4.19 -6.43
C GLU B 4 -10.21 3.69 -5.60
N MET B 5 -10.41 3.44 -4.30
CA MET B 5 -9.36 2.82 -3.49
C MET B 5 -9.24 1.34 -3.81
N GLU B 6 -10.25 0.77 -4.48
CA GLU B 6 -10.18 -0.62 -4.93
C GLU B 6 -9.59 -0.63 -6.35
N GLU B 7 -9.04 0.52 -6.75
CA GLU B 7 -8.28 0.75 -7.97
C GLU B 7 -6.98 1.42 -7.54
N VAL B 8 -6.08 1.75 -8.48
CA VAL B 8 -4.74 2.14 -8.06
C VAL B 8 -4.54 3.66 -7.93
N ASP B 9 -4.33 4.39 -9.03
CA ASP B 9 -4.00 5.81 -8.97
C ASP B 9 -5.26 6.67 -8.89
N SER A 1 2.59 11.36 -21.00
CA SER A 1 3.80 11.72 -20.22
C SER A 1 4.71 10.51 -20.04
N GLN A 2 5.47 10.46 -18.94
CA GLN A 2 6.45 9.43 -18.66
C GLN A 2 6.31 8.98 -17.20
N PHE A 3 5.08 8.62 -16.80
CA PHE A 3 4.76 8.25 -15.43
C PHE A 3 3.59 7.29 -15.51
N GLU A 4 2.67 7.61 -16.41
CA GLU A 4 1.52 6.81 -16.74
C GLU A 4 1.88 5.36 -17.00
N LYS A 5 2.88 5.07 -17.82
CA LYS A 5 3.11 3.69 -18.18
C LYS A 5 3.61 2.90 -16.99
N GLN A 6 4.53 3.49 -16.22
CA GLN A 6 5.05 2.85 -15.03
C GLN A 6 3.95 2.69 -13.97
N LYS A 7 2.77 3.27 -14.22
CA LYS A 7 1.65 3.20 -13.30
C LYS A 7 0.63 2.19 -13.83
N GLU A 8 0.35 2.28 -15.12
CA GLU A 8 -0.66 1.48 -15.82
C GLU A 8 -0.14 0.09 -16.13
N GLN A 9 1.16 -0.06 -16.33
CA GLN A 9 1.74 -1.37 -16.57
C GLN A 9 1.61 -2.26 -15.34
N GLY A 10 1.65 -1.65 -14.15
CA GLY A 10 1.47 -2.37 -12.90
C GLY A 10 0.02 -2.28 -12.42
N ASN A 11 -0.76 -1.35 -13.00
CA ASN A 11 -2.17 -1.17 -12.69
C ASN A 11 -2.92 -2.45 -12.99
N SER A 12 -2.47 -3.23 -13.97
CA SER A 12 -3.12 -4.51 -14.26
C SER A 12 -2.54 -5.63 -13.40
N LEU A 13 -1.22 -5.63 -13.17
CA LEU A 13 -0.55 -6.62 -12.34
C LEU A 13 -1.14 -6.67 -10.93
N PHE A 14 -1.44 -5.51 -10.36
CA PHE A 14 -2.01 -5.40 -9.03
C PHE A 14 -3.33 -6.16 -8.93
N LYS A 15 -4.03 -6.28 -10.05
CA LYS A 15 -5.34 -6.90 -10.07
C LYS A 15 -5.27 -8.40 -10.36
N GLN A 16 -4.08 -8.94 -10.62
CA GLN A 16 -3.91 -10.32 -11.04
C GLN A 16 -3.47 -11.24 -9.91
N GLY A 17 -2.86 -10.67 -8.86
CA GLY A 17 -2.35 -11.50 -7.78
C GLY A 17 -0.97 -11.08 -7.31
N LEU A 18 -0.24 -10.45 -8.22
CA LEU A 18 1.17 -10.19 -8.05
C LEU A 18 1.37 -8.74 -7.69
N TYR A 19 0.80 -8.42 -6.54
CA TYR A 19 0.79 -7.10 -5.94
C TYR A 19 2.19 -6.50 -5.91
N ARG A 20 3.21 -7.32 -5.60
CA ARG A 20 4.56 -6.81 -5.45
C ARG A 20 5.12 -6.47 -6.83
N GLU A 21 4.89 -7.33 -7.81
CA GLU A 21 5.34 -7.07 -9.17
C GLU A 21 4.70 -5.79 -9.70
N ALA A 22 3.50 -5.50 -9.18
CA ALA A 22 2.78 -4.28 -9.51
C ALA A 22 3.45 -3.07 -8.87
N VAL A 23 3.94 -3.20 -7.63
CA VAL A 23 4.56 -2.11 -6.90
C VAL A 23 5.93 -1.84 -7.45
N HIS A 24 6.48 -2.91 -7.99
CA HIS A 24 7.80 -2.94 -8.60
C HIS A 24 7.90 -1.99 -9.80
N CYS A 25 6.78 -1.39 -10.20
CA CYS A 25 6.73 -0.38 -11.24
C CYS A 25 6.14 0.91 -10.65
N TYR A 26 5.25 0.75 -9.67
CA TYR A 26 4.70 1.83 -8.86
C TYR A 26 5.81 2.58 -8.16
N ASP A 27 6.88 1.88 -7.78
CA ASP A 27 7.98 2.47 -7.03
C ASP A 27 8.69 3.52 -7.87
N GLN A 28 8.65 3.40 -9.20
CA GLN A 28 9.25 4.41 -10.05
C GLN A 28 8.36 5.64 -10.18
N LEU A 29 7.08 5.57 -9.79
CA LEU A 29 6.22 6.74 -9.78
C LEU A 29 6.73 7.70 -8.71
N ILE A 30 7.22 7.14 -7.60
CA ILE A 30 7.76 7.95 -6.53
C ILE A 30 9.17 8.43 -6.92
N THR A 31 9.93 7.64 -7.64
CA THR A 31 11.26 8.08 -8.04
C THR A 31 11.19 9.07 -9.20
N ALA A 32 10.15 9.00 -10.03
CA ALA A 32 10.00 9.94 -11.13
C ALA A 32 9.27 11.20 -10.63
N GLN A 33 8.44 11.03 -9.60
CA GLN A 33 7.68 12.10 -9.01
C GLN A 33 7.56 11.84 -7.51
N PRO A 34 8.67 12.04 -6.80
CA PRO A 34 8.78 11.77 -5.38
C PRO A 34 7.92 12.73 -4.59
N GLN A 35 7.47 13.75 -5.31
CA GLN A 35 6.46 14.68 -4.85
C GLN A 35 5.08 14.40 -5.44
N ASN A 36 4.71 13.13 -5.52
CA ASN A 36 3.39 12.71 -6.00
C ASN A 36 2.86 11.58 -5.15
N PRO A 37 1.54 11.58 -4.94
CA PRO A 37 0.86 10.68 -4.04
C PRO A 37 0.46 9.36 -4.69
N VAL A 38 -0.09 9.29 -5.90
CA VAL A 38 -0.33 8.00 -6.53
C VAL A 38 0.88 7.08 -6.45
N GLY A 39 2.05 7.71 -6.45
CA GLY A 39 3.30 7.00 -6.27
C GLY A 39 3.21 6.15 -5.02
N TYR A 40 2.91 6.77 -3.89
CA TYR A 40 2.75 6.09 -2.62
C TYR A 40 1.45 5.30 -2.60
N SER A 41 0.44 5.75 -3.35
CA SER A 41 -0.92 5.20 -3.25
C SER A 41 -1.04 3.84 -3.93
N ASN A 42 -0.36 3.64 -5.05
CA ASN A 42 -0.41 2.39 -5.77
C ASN A 42 0.44 1.35 -5.03
N LYS A 43 1.67 1.74 -4.67
CA LYS A 43 2.58 0.93 -3.88
C LYS A 43 1.94 0.61 -2.52
N ALA A 44 1.09 1.51 -2.01
CA ALA A 44 0.44 1.30 -0.72
C ALA A 44 -0.71 0.32 -0.84
N MET A 45 -1.62 0.51 -1.80
CA MET A 45 -2.75 -0.38 -1.99
C MET A 45 -2.27 -1.82 -2.11
N ALA A 46 -1.17 -2.02 -2.83
CA ALA A 46 -0.64 -3.37 -3.05
C ALA A 46 -0.06 -3.95 -1.76
N LEU A 47 0.52 -3.13 -0.88
CA LEU A 47 1.04 -3.62 0.39
C LEU A 47 -0.08 -4.20 1.26
N ILE A 48 -1.31 -3.72 1.11
CA ILE A 48 -2.43 -4.30 1.83
C ILE A 48 -2.71 -5.68 1.27
N LYS A 49 -2.57 -5.82 -0.05
CA LYS A 49 -2.79 -7.08 -0.73
C LYS A 49 -1.67 -8.07 -0.42
N LEU A 50 -0.59 -7.58 0.19
CA LEU A 50 0.56 -8.37 0.62
C LEU A 50 0.51 -8.50 2.14
N GLY A 51 -0.36 -7.71 2.79
CA GLY A 51 -0.53 -7.63 4.23
C GLY A 51 0.68 -7.00 4.90
N GLU A 52 1.48 -6.29 4.10
CA GLU A 52 2.63 -5.51 4.52
C GLU A 52 2.17 -4.11 4.89
N TYR A 53 0.96 -4.09 5.42
CA TYR A 53 0.33 -2.96 6.06
C TYR A 53 1.32 -2.09 6.84
N THR A 54 2.24 -2.71 7.59
CA THR A 54 3.18 -1.97 8.44
C THR A 54 3.87 -0.90 7.61
N GLN A 55 4.13 -1.26 6.36
CA GLN A 55 4.75 -0.39 5.38
C GLN A 55 3.71 0.48 4.70
N ALA A 56 2.54 -0.09 4.41
CA ALA A 56 1.43 0.62 3.78
C ALA A 56 0.97 1.82 4.61
N ILE A 57 0.98 1.69 5.94
CA ILE A 57 0.57 2.74 6.85
C ILE A 57 1.48 3.93 6.65
N GLN A 58 2.76 3.68 6.36
CA GLN A 58 3.73 4.71 6.11
C GLN A 58 3.52 5.36 4.74
N MET A 59 3.10 4.57 3.75
CA MET A 59 2.86 5.06 2.40
C MET A 59 1.57 5.88 2.32
N CYS A 60 0.51 5.43 3.00
CA CYS A 60 -0.77 6.11 2.88
C CYS A 60 -0.66 7.51 3.50
N GLN A 61 -0.10 7.62 4.70
CA GLN A 61 0.12 8.94 5.29
C GLN A 61 1.12 9.83 4.52
N GLN A 62 2.07 9.25 3.78
CA GLN A 62 3.00 10.00 2.94
C GLN A 62 2.28 10.68 1.79
N GLY A 63 1.34 10.00 1.12
CA GLY A 63 0.63 10.61 0.01
C GLY A 63 0.03 11.97 0.40
N LEU A 64 -0.37 12.14 1.67
CA LEU A 64 -1.00 13.36 2.15
C LEU A 64 -0.06 14.56 2.18
N ARG A 65 1.21 14.34 1.85
CA ARG A 65 2.24 15.35 1.80
C ARG A 65 2.25 15.96 0.43
N TYR A 66 1.61 15.25 -0.50
CA TYR A 66 1.58 15.55 -1.92
C TYR A 66 0.18 15.82 -2.49
N THR A 67 -0.88 15.58 -1.73
CA THR A 67 -2.24 15.83 -2.18
C THR A 67 -2.65 17.30 -2.01
N SER A 68 -1.66 18.21 -1.95
CA SER A 68 -1.87 19.64 -1.78
C SER A 68 -2.63 20.31 -2.94
N THR A 69 -3.10 19.53 -3.91
CA THR A 69 -3.80 20.04 -5.08
C THR A 69 -5.00 19.17 -5.44
N ALA A 70 -5.98 19.75 -6.14
CA ALA A 70 -7.25 19.11 -6.45
C ALA A 70 -7.14 18.06 -7.55
N GLU A 71 -5.98 17.91 -8.20
CA GLU A 71 -5.78 16.79 -9.11
C GLU A 71 -5.48 15.52 -8.32
N HIS A 72 -5.19 15.68 -7.02
CA HIS A 72 -4.76 14.59 -6.16
C HIS A 72 -5.74 14.37 -5.01
N VAL A 73 -6.86 15.09 -4.98
CA VAL A 73 -7.90 14.89 -3.98
C VAL A 73 -8.42 13.45 -4.03
N ALA A 74 -8.36 12.86 -5.22
CA ALA A 74 -8.76 11.48 -5.47
C ALA A 74 -7.99 10.53 -4.56
N ILE A 75 -6.70 10.84 -4.44
CA ILE A 75 -5.74 10.02 -3.74
C ILE A 75 -5.79 10.30 -2.26
N ARG A 76 -6.06 11.57 -1.92
CA ARG A 76 -6.20 11.98 -0.52
C ARG A 76 -7.26 11.11 0.16
N SER A 77 -8.20 10.63 -0.65
CA SER A 77 -9.29 9.77 -0.20
C SER A 77 -8.81 8.35 0.05
N LYS A 78 -7.73 7.93 -0.63
CA LYS A 78 -7.20 6.59 -0.49
C LYS A 78 -6.13 6.53 0.59
N LEU A 79 -5.38 7.61 0.76
CA LEU A 79 -4.35 7.75 1.78
C LEU A 79 -4.93 7.66 3.19
N GLN A 80 -6.26 7.70 3.30
CA GLN A 80 -7.03 7.58 4.50
C GLN A 80 -7.69 6.21 4.68
N TYR A 81 -8.04 5.52 3.59
CA TYR A 81 -8.73 4.24 3.71
C TYR A 81 -7.80 3.08 4.02
N ARG A 82 -6.80 2.81 3.18
CA ARG A 82 -5.91 1.68 3.44
C ARG A 82 -5.03 1.99 4.63
N LEU A 83 -4.96 3.28 4.97
CA LEU A 83 -4.20 3.74 6.11
C LEU A 83 -4.82 3.21 7.39
N GLU A 84 -6.14 3.06 7.40
CA GLU A 84 -6.86 2.63 8.59
C GLU A 84 -6.89 1.11 8.71
N LEU A 85 -7.09 0.43 7.59
CA LEU A 85 -7.25 -1.02 7.58
C LEU A 85 -5.92 -1.73 7.85
N ALA A 86 -4.83 -1.22 7.28
CA ALA A 86 -3.52 -1.76 7.39
C ALA A 86 -3.12 -1.84 8.86
N GLN A 87 -3.00 -0.69 9.53
CA GLN A 87 -2.65 -0.66 10.95
C GLN A 87 -3.65 -1.40 11.82
N GLY A 88 -4.87 -1.58 11.31
CA GLY A 88 -5.91 -2.31 12.00
C GLY A 88 -5.77 -3.80 11.77
N ALA A 89 -4.69 -4.20 11.10
CA ALA A 89 -4.32 -5.58 10.83
C ALA A 89 -2.85 -5.83 11.18
N VAL A 90 -2.17 -4.80 11.69
CA VAL A 90 -0.73 -4.82 11.97
C VAL A 90 -0.44 -4.89 13.45
N GLY A 91 0.77 -5.38 13.75
CA GLY A 91 1.23 -5.53 15.11
C GLY A 91 0.48 -6.66 15.83
N SER A 92 -0.33 -7.42 15.09
CA SER A 92 -1.14 -8.50 15.64
C SER A 92 -1.20 -9.65 14.66
N VAL A 93 -0.42 -10.70 14.94
CA VAL A 93 -0.40 -11.90 14.12
C VAL A 93 -0.35 -13.12 15.02
N GLN A 94 -1.51 -13.76 15.13
CA GLN A 94 -1.75 -14.97 15.88
C GLN A 94 -1.38 -16.22 15.10
N ILE A 95 -0.80 -16.07 13.90
CA ILE A 95 -0.49 -17.19 13.02
C ILE A 95 0.90 -17.06 12.38
N PRO A 96 1.94 -16.69 13.15
CA PRO A 96 3.30 -16.54 12.66
C PRO A 96 3.93 -17.90 12.40
N VAL A 97 5.20 -17.89 12.00
CA VAL A 97 5.99 -19.11 11.79
C VAL A 97 7.30 -18.99 12.58
N VAL A 98 7.17 -18.28 13.70
CA VAL A 98 8.18 -17.91 14.69
C VAL A 98 9.56 -17.58 14.14
N GLU A 99 9.59 -17.17 12.88
CA GLU A 99 10.78 -16.79 12.15
C GLU A 99 11.60 -15.72 12.90
N VAL A 100 12.92 -15.87 12.83
CA VAL A 100 13.88 -14.91 13.33
C VAL A 100 15.00 -14.78 12.32
N ASP A 101 15.45 -13.55 12.06
CA ASP A 101 16.50 -13.28 11.11
C ASP A 101 17.26 -12.01 11.52
N GLU A 102 17.14 -11.66 12.79
CA GLU A 102 17.74 -10.49 13.38
C GLU A 102 18.05 -10.71 14.87
N LEU A 103 18.33 -9.60 15.55
CA LEU A 103 18.58 -9.47 16.96
C LEU A 103 17.54 -10.15 17.86
N PRO A 104 17.82 -10.14 19.17
CA PRO A 104 17.14 -10.92 20.20
C PRO A 104 15.92 -10.20 20.76
N GLU A 105 15.23 -10.86 21.69
CA GLU A 105 13.99 -10.36 22.31
C GLU A 105 14.29 -9.37 23.43
N GLY A 106 15.47 -8.73 23.41
CA GLY A 106 15.88 -7.81 24.46
C GLY A 106 16.89 -6.77 23.98
N TYR A 107 16.80 -6.37 22.71
CA TYR A 107 17.71 -5.44 22.07
C TYR A 107 16.95 -4.56 21.10
N ASP A 108 17.21 -3.26 21.13
CA ASP A 108 16.72 -2.32 20.15
C ASP A 108 17.78 -1.24 19.92
N ARG A 109 17.70 -0.51 18.79
CA ARG A 109 18.77 0.39 18.39
C ARG A 109 18.26 1.65 17.70
N SER A 110 16.93 1.82 17.61
CA SER A 110 16.33 2.96 16.90
C SER A 110 15.00 3.36 17.53
N ALA B 1 -15.64 -2.06 -3.86
CA ALA B 1 -17.07 -2.09 -4.15
C ALA B 1 -17.59 -0.70 -4.49
N ASP B 2 -17.91 -0.46 -5.76
CA ASP B 2 -18.40 0.84 -6.26
C ASP B 2 -17.55 2.04 -5.80
N THR B 3 -16.24 1.80 -5.65
CA THR B 3 -15.32 2.85 -5.22
C THR B 3 -13.95 2.62 -5.83
N GLU B 4 -13.28 3.73 -6.16
CA GLU B 4 -11.89 3.72 -6.57
C GLU B 4 -11.01 3.35 -5.37
N MET B 5 -11.60 3.29 -4.18
CA MET B 5 -10.93 2.85 -2.96
C MET B 5 -10.33 1.48 -3.18
N GLU B 6 -10.87 0.76 -4.17
CA GLU B 6 -10.45 -0.59 -4.46
C GLU B 6 -9.89 -0.68 -5.89
N GLU B 7 -9.30 0.42 -6.33
CA GLU B 7 -8.63 0.56 -7.62
C GLU B 7 -7.38 1.43 -7.44
N VAL B 8 -6.43 1.37 -8.36
CA VAL B 8 -5.18 2.10 -8.21
C VAL B 8 -5.34 3.60 -8.49
N ASP B 9 -4.23 4.34 -8.42
CA ASP B 9 -4.13 5.80 -8.57
C ASP B 9 -5.44 6.55 -8.29
N SER A 1 3.72 10.92 -20.87
CA SER A 1 4.59 11.23 -19.72
C SER A 1 5.20 9.96 -19.14
N GLN A 2 6.50 10.00 -18.84
CA GLN A 2 7.25 8.88 -18.26
C GLN A 2 6.84 8.63 -16.80
N PHE A 3 5.59 8.22 -16.58
CA PHE A 3 5.07 7.92 -15.25
C PHE A 3 3.86 7.04 -15.45
N GLU A 4 3.09 7.40 -16.47
CA GLU A 4 1.89 6.70 -16.86
C GLU A 4 2.15 5.24 -17.14
N LYS A 5 3.19 4.89 -17.91
CA LYS A 5 3.36 3.51 -18.30
C LYS A 5 3.83 2.67 -17.13
N GLN A 6 4.75 3.20 -16.32
CA GLN A 6 5.23 2.51 -15.13
C GLN A 6 4.06 2.34 -14.15
N LYS A 7 2.97 3.07 -14.39
CA LYS A 7 1.74 2.96 -13.64
C LYS A 7 0.82 1.94 -14.32
N GLU A 8 0.28 2.24 -15.51
CA GLU A 8 -0.69 1.35 -16.16
C GLU A 8 -0.13 -0.04 -16.45
N GLN A 9 1.19 -0.20 -16.56
CA GLN A 9 1.75 -1.53 -16.71
C GLN A 9 1.53 -2.36 -15.44
N GLY A 10 1.73 -1.76 -14.27
CA GLY A 10 1.57 -2.45 -13.00
C GLY A 10 0.10 -2.39 -12.54
N ASN A 11 -0.67 -1.45 -13.08
CA ASN A 11 -2.07 -1.31 -12.72
C ASN A 11 -2.84 -2.58 -13.05
N SER A 12 -2.36 -3.36 -14.04
CA SER A 12 -3.02 -4.63 -14.37
C SER A 12 -2.46 -5.76 -13.53
N LEU A 13 -1.15 -5.73 -13.25
CA LEU A 13 -0.49 -6.72 -12.41
C LEU A 13 -1.12 -6.78 -11.01
N PHE A 14 -1.47 -5.61 -10.46
CA PHE A 14 -2.07 -5.52 -9.14
C PHE A 14 -3.38 -6.30 -9.09
N LYS A 15 -4.03 -6.46 -10.24
CA LYS A 15 -5.33 -7.12 -10.31
C LYS A 15 -5.20 -8.62 -10.59
N GLN A 16 -3.98 -9.13 -10.77
CA GLN A 16 -3.74 -10.52 -11.17
C GLN A 16 -3.30 -11.39 -10.01
N GLY A 17 -2.79 -10.80 -8.93
CA GLY A 17 -2.29 -11.59 -7.82
C GLY A 17 -0.92 -11.16 -7.34
N LEU A 18 -0.20 -10.50 -8.23
CA LEU A 18 1.21 -10.24 -8.04
C LEU A 18 1.44 -8.78 -7.71
N TYR A 19 0.84 -8.41 -6.59
CA TYR A 19 0.83 -7.10 -6.01
C TYR A 19 2.23 -6.48 -5.97
N ARG A 20 3.26 -7.27 -5.66
CA ARG A 20 4.61 -6.78 -5.49
C ARG A 20 5.30 -6.65 -6.83
N GLU A 21 4.94 -7.48 -7.80
CA GLU A 21 5.42 -7.28 -9.16
C GLU A 21 4.78 -6.01 -9.72
N ALA A 22 3.58 -5.70 -9.24
CA ALA A 22 2.86 -4.50 -9.60
C ALA A 22 3.47 -3.26 -8.92
N VAL A 23 4.02 -3.39 -7.71
CA VAL A 23 4.55 -2.26 -6.99
C VAL A 23 5.94 -1.95 -7.52
N HIS A 24 6.51 -2.99 -8.10
CA HIS A 24 7.82 -2.99 -8.68
C HIS A 24 7.97 -2.02 -9.86
N CYS A 25 6.86 -1.39 -10.26
CA CYS A 25 6.83 -0.36 -11.28
C CYS A 25 6.16 0.89 -10.72
N TYR A 26 5.27 0.68 -9.74
CA TYR A 26 4.69 1.72 -8.92
C TYR A 26 5.77 2.47 -8.17
N ASP A 27 6.84 1.78 -7.77
CA ASP A 27 7.92 2.35 -7.01
C ASP A 27 8.68 3.40 -7.82
N GLN A 28 8.70 3.26 -9.15
CA GLN A 28 9.34 4.27 -9.99
C GLN A 28 8.46 5.51 -10.14
N LEU A 29 7.17 5.44 -9.80
CA LEU A 29 6.32 6.63 -9.82
C LEU A 29 6.80 7.59 -8.75
N ILE A 30 7.28 7.04 -7.63
CA ILE A 30 7.81 7.87 -6.56
C ILE A 30 9.19 8.36 -6.94
N THR A 31 9.99 7.57 -7.64
CA THR A 31 11.31 8.04 -8.04
C THR A 31 11.22 9.01 -9.22
N ALA A 32 10.18 8.89 -10.06
CA ALA A 32 10.01 9.80 -11.17
C ALA A 32 9.34 11.08 -10.68
N GLN A 33 8.53 10.96 -9.64
CA GLN A 33 7.79 12.05 -9.05
C GLN A 33 7.65 11.80 -7.55
N PRO A 34 8.74 12.00 -6.83
CA PRO A 34 8.83 11.75 -5.40
C PRO A 34 7.98 12.75 -4.64
N GLN A 35 7.53 13.73 -5.40
CA GLN A 35 6.52 14.70 -4.99
C GLN A 35 5.14 14.37 -5.56
N ASN A 36 4.79 13.08 -5.59
CA ASN A 36 3.50 12.62 -6.06
C ASN A 36 2.98 11.51 -5.17
N PRO A 37 1.67 11.48 -4.99
CA PRO A 37 1.00 10.54 -4.10
C PRO A 37 0.58 9.23 -4.73
N VAL A 38 0.02 9.17 -5.94
CA VAL A 38 -0.26 7.87 -6.55
C VAL A 38 0.91 6.93 -6.42
N GLY A 39 2.10 7.52 -6.47
CA GLY A 39 3.34 6.81 -6.29
C GLY A 39 3.28 5.98 -5.01
N TYR A 40 2.98 6.62 -3.89
CA TYR A 40 2.80 5.93 -2.64
C TYR A 40 1.50 5.14 -2.64
N SER A 41 0.48 5.66 -3.32
CA SER A 41 -0.89 5.16 -3.21
C SER A 41 -1.07 3.78 -3.83
N ASN A 42 -0.45 3.49 -4.98
CA ASN A 42 -0.64 2.20 -5.61
C ASN A 42 0.33 1.16 -5.04
N LYS A 43 1.58 1.54 -4.75
CA LYS A 43 2.50 0.70 -4.00
C LYS A 43 1.87 0.41 -2.64
N ALA A 44 1.03 1.32 -2.12
CA ALA A 44 0.43 1.14 -0.80
C ALA A 44 -0.75 0.19 -0.87
N MET A 45 -1.66 0.38 -1.84
CA MET A 45 -2.80 -0.51 -2.01
C MET A 45 -2.33 -1.95 -2.14
N ALA A 46 -1.19 -2.14 -2.81
CA ALA A 46 -0.61 -3.45 -3.00
C ALA A 46 -0.07 -4.01 -1.68
N LEU A 47 0.53 -3.16 -0.82
CA LEU A 47 1.02 -3.60 0.47
C LEU A 47 -0.11 -4.08 1.37
N ILE A 48 -1.36 -3.65 1.14
CA ILE A 48 -2.48 -4.19 1.87
C ILE A 48 -2.77 -5.60 1.37
N LYS A 49 -2.86 -5.75 0.05
CA LYS A 49 -3.03 -7.02 -0.60
C LYS A 49 -1.85 -7.99 -0.38
N LEU A 50 -0.74 -7.50 0.18
CA LEU A 50 0.38 -8.32 0.58
C LEU A 50 0.37 -8.49 2.10
N GLY A 51 -0.30 -7.55 2.77
CA GLY A 51 -0.48 -7.49 4.21
C GLY A 51 0.72 -6.86 4.91
N GLU A 52 1.57 -6.18 4.13
CA GLU A 52 2.68 -5.38 4.64
C GLU A 52 2.19 -3.99 4.95
N TYR A 53 0.96 -3.98 5.45
CA TYR A 53 0.32 -2.84 6.04
C TYR A 53 1.29 -1.96 6.82
N THR A 54 2.21 -2.57 7.59
CA THR A 54 3.14 -1.82 8.43
C THR A 54 3.84 -0.75 7.62
N GLN A 55 4.09 -1.10 6.36
CA GLN A 55 4.72 -0.24 5.37
C GLN A 55 3.67 0.63 4.67
N ALA A 56 2.52 0.04 4.36
CA ALA A 56 1.41 0.73 3.73
C ALA A 56 0.96 1.95 4.52
N ILE A 57 0.96 1.83 5.86
CA ILE A 57 0.57 2.89 6.76
C ILE A 57 1.50 4.08 6.56
N GLN A 58 2.79 3.80 6.30
CA GLN A 58 3.78 4.84 6.08
C GLN A 58 3.60 5.48 4.71
N MET A 59 3.21 4.68 3.71
CA MET A 59 2.99 5.17 2.35
C MET A 59 1.80 6.12 2.29
N CYS A 60 0.71 5.77 2.96
CA CYS A 60 -0.52 6.54 2.87
C CYS A 60 -0.33 7.92 3.51
N GLN A 61 0.09 7.96 4.77
CA GLN A 61 0.39 9.23 5.42
C GLN A 61 1.43 10.07 4.65
N GLN A 62 2.34 9.44 3.89
CA GLN A 62 3.23 10.15 2.98
C GLN A 62 2.44 10.77 1.84
N GLY A 63 1.56 10.00 1.18
CA GLY A 63 0.73 10.53 0.11
C GLY A 63 0.11 11.88 0.46
N LEU A 64 -0.29 12.09 1.73
CA LEU A 64 -0.96 13.31 2.18
C LEU A 64 -0.04 14.53 2.17
N ARG A 65 1.25 14.34 1.90
CA ARG A 65 2.24 15.39 1.82
C ARG A 65 2.23 15.97 0.42
N TYR A 66 1.56 15.21 -0.46
CA TYR A 66 1.46 15.46 -1.89
C TYR A 66 0.00 15.59 -2.36
N THR A 67 -0.89 16.11 -1.52
CA THR A 67 -2.31 16.28 -1.88
C THR A 67 -2.78 17.71 -1.58
N SER A 68 -1.85 18.66 -1.57
CA SER A 68 -2.13 20.07 -1.33
C SER A 68 -2.98 20.72 -2.45
N THR A 69 -3.44 19.93 -3.40
CA THR A 69 -4.20 20.41 -4.56
C THR A 69 -5.36 19.48 -4.90
N ALA A 70 -6.37 20.03 -5.57
CA ALA A 70 -7.62 19.33 -5.88
C ALA A 70 -7.48 18.33 -7.02
N GLU A 71 -6.34 18.26 -7.69
CA GLU A 71 -6.10 17.17 -8.65
C GLU A 71 -5.79 15.88 -7.89
N HIS A 72 -5.45 16.01 -6.61
CA HIS A 72 -5.01 14.91 -5.78
C HIS A 72 -5.95 14.68 -4.59
N VAL A 73 -7.16 15.24 -4.66
CA VAL A 73 -8.17 14.98 -3.64
C VAL A 73 -8.65 13.53 -3.74
N ALA A 74 -8.65 13.00 -4.96
CA ALA A 74 -9.03 11.62 -5.25
C ALA A 74 -8.23 10.66 -4.40
N ILE A 75 -6.94 10.97 -4.36
CA ILE A 75 -5.89 10.26 -3.69
C ILE A 75 -5.97 10.47 -2.19
N ARG A 76 -6.28 11.70 -1.78
CA ARG A 76 -6.38 12.04 -0.38
C ARG A 76 -7.42 11.15 0.28
N SER A 77 -8.42 10.76 -0.50
CA SER A 77 -9.47 9.84 -0.09
C SER A 77 -8.92 8.42 0.08
N LYS A 78 -7.85 8.07 -0.66
CA LYS A 78 -7.28 6.73 -0.57
C LYS A 78 -6.30 6.63 0.58
N LEU A 79 -5.49 7.68 0.77
CA LEU A 79 -4.48 7.73 1.82
C LEU A 79 -5.09 7.68 3.22
N GLN A 80 -6.42 7.73 3.31
CA GLN A 80 -7.19 7.60 4.53
C GLN A 80 -7.90 6.26 4.65
N TYR A 81 -8.10 5.54 3.54
CA TYR A 81 -8.79 4.26 3.56
C TYR A 81 -7.84 3.12 3.94
N ARG A 82 -6.91 2.80 3.04
CA ARG A 82 -6.02 1.67 3.23
C ARG A 82 -4.95 2.03 4.27
N LEU A 83 -4.93 3.29 4.68
CA LEU A 83 -4.12 3.74 5.81
C LEU A 83 -4.66 3.14 7.09
N GLU A 84 -5.98 3.03 7.20
CA GLU A 84 -6.64 2.67 8.45
C GLU A 84 -6.75 1.15 8.62
N LEU A 85 -7.11 0.46 7.53
CA LEU A 85 -7.31 -0.97 7.59
C LEU A 85 -5.99 -1.70 7.80
N ALA A 86 -4.91 -1.19 7.20
CA ALA A 86 -3.57 -1.71 7.33
C ALA A 86 -3.19 -1.72 8.80
N GLN A 87 -3.08 -0.55 9.44
CA GLN A 87 -2.72 -0.48 10.85
C GLN A 87 -3.73 -1.19 11.75
N GLY A 88 -4.93 -1.42 11.23
CA GLY A 88 -5.97 -2.13 11.95
C GLY A 88 -5.81 -3.64 11.77
N ALA A 89 -4.73 -4.04 11.10
CA ALA A 89 -4.37 -5.43 10.87
C ALA A 89 -2.90 -5.66 11.24
N VAL A 90 -2.22 -4.62 11.70
CA VAL A 90 -0.78 -4.62 11.98
C VAL A 90 -0.47 -4.68 13.46
N GLY A 91 0.75 -5.12 13.76
CA GLY A 91 1.24 -5.22 15.12
C GLY A 91 0.60 -6.38 15.86
N SER A 92 -0.26 -7.16 15.18
CA SER A 92 -0.94 -8.32 15.74
C SER A 92 0.05 -9.43 16.10
N VAL A 93 -0.47 -10.52 16.67
CA VAL A 93 0.30 -11.67 17.14
C VAL A 93 1.42 -11.22 18.06
N GLN A 94 1.05 -11.02 19.34
CA GLN A 94 1.94 -10.48 20.36
C GLN A 94 1.96 -11.37 21.60
N ILE A 95 1.35 -12.55 21.51
CA ILE A 95 1.29 -13.50 22.62
C ILE A 95 1.27 -14.96 22.11
N PRO A 96 2.05 -15.30 21.07
CA PRO A 96 2.06 -16.64 20.50
C PRO A 96 2.67 -17.65 21.47
N VAL A 97 2.56 -18.94 21.14
CA VAL A 97 3.08 -20.03 21.96
C VAL A 97 4.60 -20.15 21.81
N VAL A 98 5.33 -19.16 22.33
CA VAL A 98 6.79 -19.16 22.36
C VAL A 98 7.28 -20.28 23.27
N GLU A 99 7.41 -21.47 22.70
CA GLU A 99 7.82 -22.67 23.39
C GLU A 99 8.72 -23.50 22.46
N VAL A 100 9.70 -24.19 23.06
CA VAL A 100 10.59 -25.11 22.36
C VAL A 100 10.80 -26.34 23.22
N ASP A 101 10.82 -27.51 22.58
CA ASP A 101 10.99 -28.78 23.27
C ASP A 101 11.62 -29.81 22.33
N GLU A 102 12.30 -29.29 21.30
CA GLU A 102 12.97 -30.09 20.28
C GLU A 102 14.22 -29.38 19.77
N LEU A 103 14.97 -30.08 18.90
CA LEU A 103 16.25 -29.70 18.33
C LEU A 103 17.28 -29.10 19.31
N PRO A 104 18.51 -28.91 18.82
CA PRO A 104 19.58 -28.17 19.46
C PRO A 104 19.13 -26.77 19.90
N GLU A 105 19.89 -26.18 20.82
CA GLU A 105 19.56 -24.89 21.42
C GLU A 105 19.80 -23.71 20.46
N GLY A 106 19.95 -23.96 19.16
CA GLY A 106 20.24 -22.90 18.21
C GLY A 106 20.26 -23.36 16.75
N TYR A 107 19.44 -24.35 16.39
CA TYR A 107 19.36 -24.85 15.03
C TYR A 107 18.98 -23.77 14.03
N ASP A 108 19.16 -24.06 12.73
CA ASP A 108 18.83 -23.11 11.69
C ASP A 108 18.54 -23.74 10.32
N ARG A 109 18.23 -25.04 10.25
CA ARG A 109 17.93 -25.69 8.97
C ARG A 109 16.74 -26.65 9.04
N SER A 110 15.80 -26.37 9.96
CA SER A 110 14.58 -27.15 10.13
C SER A 110 13.48 -26.27 10.72
N ALA B 1 -18.30 -0.43 -9.99
CA ALA B 1 -17.74 -0.67 -8.65
C ALA B 1 -18.29 0.34 -7.64
N ASP B 2 -17.68 0.39 -6.45
CA ASP B 2 -18.11 1.28 -5.38
C ASP B 2 -16.88 1.87 -4.66
N THR B 3 -15.73 1.85 -5.35
CA THR B 3 -14.46 2.29 -4.79
C THR B 3 -13.58 2.92 -5.87
N GLU B 4 -12.50 3.56 -5.42
CA GLU B 4 -11.42 4.03 -6.26
C GLU B 4 -10.07 3.75 -5.59
N MET B 5 -10.06 3.53 -4.26
CA MET B 5 -8.90 3.05 -3.55
C MET B 5 -8.56 1.62 -3.93
N GLU B 6 -9.47 0.93 -4.61
CA GLU B 6 -9.29 -0.46 -4.98
C GLU B 6 -9.19 -0.56 -6.50
N GLU B 7 -8.74 0.53 -7.12
CA GLU B 7 -8.52 0.67 -8.54
C GLU B 7 -7.22 1.45 -8.77
N VAL B 8 -6.26 1.22 -7.86
CA VAL B 8 -4.92 1.82 -7.83
C VAL B 8 -4.93 3.35 -7.85
N ASP B 9 -3.76 3.96 -8.10
CA ASP B 9 -3.52 5.40 -8.00
C ASP B 9 -4.25 6.00 -6.79
N SER A 1 3.56 9.40 -22.80
CA SER A 1 3.62 8.73 -21.49
C SER A 1 5.02 8.85 -20.89
N GLN A 2 5.09 9.25 -19.61
CA GLN A 2 6.36 9.42 -18.91
C GLN A 2 6.22 9.07 -17.42
N PHE A 3 5.06 8.55 -17.01
CA PHE A 3 4.77 8.22 -15.62
C PHE A 3 3.59 7.28 -15.62
N GLU A 4 2.67 7.56 -16.53
CA GLU A 4 1.48 6.80 -16.78
C GLU A 4 1.77 5.33 -17.00
N LYS A 5 2.68 4.99 -17.92
CA LYS A 5 2.90 3.62 -18.27
C LYS A 5 3.37 2.80 -17.08
N GLN A 6 4.31 3.33 -16.30
CA GLN A 6 4.80 2.66 -15.11
C GLN A 6 3.69 2.51 -14.08
N LYS A 7 2.59 3.25 -14.26
CA LYS A 7 1.45 3.24 -13.35
C LYS A 7 0.36 2.29 -13.84
N GLU A 8 -0.07 2.40 -15.11
CA GLU A 8 -1.08 1.50 -15.64
C GLU A 8 -0.50 0.13 -16.03
N GLN A 9 0.81 0.03 -16.22
CA GLN A 9 1.43 -1.29 -16.42
C GLN A 9 1.34 -2.10 -15.13
N GLY A 10 1.76 -1.52 -14.00
CA GLY A 10 1.67 -2.21 -12.72
C GLY A 10 0.21 -2.31 -12.28
N ASN A 11 -0.66 -1.44 -12.78
CA ASN A 11 -2.08 -1.49 -12.47
C ASN A 11 -2.61 -2.86 -12.86
N SER A 12 -2.33 -3.29 -14.10
CA SER A 12 -2.80 -4.55 -14.62
C SER A 12 -2.01 -5.74 -14.08
N LEU A 13 -1.06 -5.51 -13.17
CA LEU A 13 -0.40 -6.56 -12.42
C LEU A 13 -0.98 -6.63 -11.00
N PHE A 14 -1.25 -5.48 -10.39
CA PHE A 14 -1.80 -5.42 -9.04
C PHE A 14 -3.13 -6.14 -8.97
N LYS A 15 -3.88 -6.14 -10.08
CA LYS A 15 -5.22 -6.70 -10.08
C LYS A 15 -5.22 -8.14 -10.57
N GLN A 16 -4.06 -8.78 -10.62
CA GLN A 16 -3.92 -10.15 -11.08
C GLN A 16 -3.43 -11.09 -9.98
N GLY A 17 -3.00 -10.55 -8.84
CA GLY A 17 -2.44 -11.39 -7.79
C GLY A 17 -1.05 -10.97 -7.35
N LEU A 18 -0.31 -10.38 -8.28
CA LEU A 18 1.10 -10.15 -8.11
C LEU A 18 1.37 -8.71 -7.74
N TYR A 19 0.82 -8.39 -6.57
CA TYR A 19 0.86 -7.09 -5.94
C TYR A 19 2.27 -6.52 -5.93
N ARG A 20 3.29 -7.34 -5.64
CA ARG A 20 4.64 -6.86 -5.50
C ARG A 20 5.22 -6.56 -6.86
N GLU A 21 4.98 -7.44 -7.84
CA GLU A 21 5.45 -7.20 -9.20
C GLU A 21 4.83 -5.91 -9.73
N ALA A 22 3.63 -5.62 -9.24
CA ALA A 22 2.91 -4.40 -9.56
C ALA A 22 3.55 -3.18 -8.89
N VAL A 23 4.02 -3.31 -7.65
CA VAL A 23 4.60 -2.22 -6.92
C VAL A 23 5.97 -1.90 -7.46
N HIS A 24 6.54 -2.93 -8.06
CA HIS A 24 7.86 -2.91 -8.66
C HIS A 24 7.94 -1.97 -9.86
N CYS A 25 6.81 -1.38 -10.25
CA CYS A 25 6.73 -0.37 -11.30
C CYS A 25 6.09 0.89 -10.70
N TYR A 26 5.26 0.69 -9.67
CA TYR A 26 4.70 1.74 -8.85
C TYR A 26 5.80 2.50 -8.13
N ASP A 27 6.86 1.80 -7.73
CA ASP A 27 7.96 2.36 -6.97
C ASP A 27 8.68 3.42 -7.82
N GLN A 28 8.60 3.28 -9.15
CA GLN A 28 9.19 4.24 -10.06
C GLN A 28 8.32 5.48 -10.20
N LEU A 29 7.05 5.44 -9.77
CA LEU A 29 6.21 6.63 -9.77
C LEU A 29 6.69 7.56 -8.66
N ILE A 30 7.09 6.98 -7.53
CA ILE A 30 7.63 7.78 -6.44
C ILE A 30 9.04 8.21 -6.81
N THR A 31 9.80 7.35 -7.48
CA THR A 31 11.15 7.70 -7.85
C THR A 31 11.18 8.73 -8.97
N ALA A 32 10.11 8.81 -9.78
CA ALA A 32 10.03 9.80 -10.85
C ALA A 32 9.33 11.05 -10.35
N GLN A 33 8.44 10.89 -9.37
CA GLN A 33 7.68 11.96 -8.77
C GLN A 33 7.51 11.65 -7.28
N PRO A 34 8.60 11.80 -6.54
CA PRO A 34 8.67 11.44 -5.13
C PRO A 34 7.81 12.36 -4.30
N GLN A 35 7.38 13.42 -4.97
CA GLN A 35 6.36 14.33 -4.48
C GLN A 35 5.03 14.14 -5.21
N ASN A 36 4.57 12.90 -5.33
CA ASN A 36 3.29 12.56 -5.91
C ASN A 36 2.65 11.45 -5.07
N PRO A 37 1.36 11.56 -4.76
CA PRO A 37 0.64 10.60 -3.94
C PRO A 37 0.43 9.25 -4.61
N VAL A 38 -0.14 9.20 -5.83
CA VAL A 38 -0.37 7.94 -6.52
C VAL A 38 0.80 6.97 -6.43
N GLY A 39 1.99 7.53 -6.42
CA GLY A 39 3.23 6.78 -6.26
C GLY A 39 3.12 5.92 -5.02
N TYR A 40 2.86 6.55 -3.88
CA TYR A 40 2.66 5.89 -2.62
C TYR A 40 1.36 5.10 -2.64
N SER A 41 0.37 5.56 -3.41
CA SER A 41 -0.99 5.04 -3.37
C SER A 41 -1.13 3.67 -4.02
N ASN A 42 -0.48 3.48 -5.18
CA ASN A 42 -0.52 2.23 -5.91
C ASN A 42 0.32 1.19 -5.16
N LYS A 43 1.54 1.58 -4.77
CA LYS A 43 2.45 0.77 -3.96
C LYS A 43 1.77 0.43 -2.63
N ALA A 44 0.96 1.34 -2.08
CA ALA A 44 0.32 1.14 -0.79
C ALA A 44 -0.82 0.15 -0.87
N MET A 45 -1.70 0.29 -1.86
CA MET A 45 -2.83 -0.63 -1.97
C MET A 45 -2.35 -2.06 -2.16
N ALA A 46 -1.20 -2.22 -2.82
CA ALA A 46 -0.59 -3.52 -3.01
C ALA A 46 -0.03 -4.05 -1.70
N LEU A 47 0.53 -3.17 -0.84
CA LEU A 47 1.07 -3.60 0.44
C LEU A 47 -0.01 -4.17 1.34
N ILE A 48 -1.25 -3.73 1.23
CA ILE A 48 -2.35 -4.32 2.00
C ILE A 48 -2.59 -5.73 1.47
N LYS A 49 -2.66 -5.86 0.15
CA LYS A 49 -2.82 -7.13 -0.51
C LYS A 49 -1.60 -8.04 -0.32
N LEU A 50 -0.51 -7.52 0.27
CA LEU A 50 0.67 -8.26 0.63
C LEU A 50 0.71 -8.43 2.15
N GLY A 51 -0.17 -7.69 2.84
CA GLY A 51 -0.31 -7.69 4.28
C GLY A 51 0.88 -7.00 4.96
N GLU A 52 1.62 -6.23 4.16
CA GLU A 52 2.74 -5.41 4.58
C GLU A 52 2.21 -4.05 4.96
N TYR A 53 1.07 -4.12 5.65
CA TYR A 53 0.38 -3.00 6.25
C TYR A 53 1.35 -2.06 6.95
N THR A 54 2.37 -2.59 7.62
CA THR A 54 3.30 -1.76 8.38
C THR A 54 3.89 -0.69 7.50
N GLN A 55 4.18 -1.07 6.25
CA GLN A 55 4.76 -0.18 5.26
C GLN A 55 3.66 0.65 4.60
N ALA A 56 2.52 0.01 4.36
CA ALA A 56 1.37 0.64 3.77
C ALA A 56 0.93 1.89 4.54
N ILE A 57 0.95 1.81 5.87
CA ILE A 57 0.57 2.90 6.74
C ILE A 57 1.50 4.08 6.51
N GLN A 58 2.79 3.81 6.23
CA GLN A 58 3.76 4.85 5.98
C GLN A 58 3.57 5.49 4.60
N MET A 59 3.17 4.67 3.62
CA MET A 59 2.95 5.16 2.26
C MET A 59 1.78 6.14 2.24
N CYS A 60 0.68 5.81 2.92
CA CYS A 60 -0.53 6.59 2.83
C CYS A 60 -0.33 7.98 3.44
N GLN A 61 0.11 8.03 4.71
CA GLN A 61 0.44 9.29 5.36
C GLN A 61 1.48 10.11 4.58
N GLN A 62 2.34 9.47 3.78
CA GLN A 62 3.25 10.17 2.86
C GLN A 62 2.47 10.80 1.72
N GLY A 63 1.55 10.06 1.08
CA GLY A 63 0.77 10.61 -0.01
C GLY A 63 0.17 11.97 0.35
N LEU A 64 -0.25 12.15 1.61
CA LEU A 64 -0.88 13.37 2.11
C LEU A 64 0.05 14.58 2.11
N ARG A 65 1.34 14.38 1.80
CA ARG A 65 2.33 15.44 1.84
C ARG A 65 2.28 16.21 0.54
N TYR A 66 1.62 15.60 -0.43
CA TYR A 66 1.57 16.06 -1.80
C TYR A 66 0.17 16.37 -2.30
N THR A 67 -0.88 16.04 -1.54
CA THR A 67 -2.27 16.25 -1.94
C THR A 67 -2.70 17.71 -1.78
N SER A 68 -1.74 18.64 -1.94
CA SER A 68 -1.93 20.08 -1.80
C SER A 68 -2.86 20.69 -2.85
N THR A 69 -3.28 19.89 -3.82
CA THR A 69 -4.07 20.36 -4.95
C THR A 69 -5.14 19.36 -5.37
N ALA A 70 -6.15 19.83 -6.11
CA ALA A 70 -7.31 19.03 -6.47
C ALA A 70 -7.02 17.95 -7.50
N GLU A 71 -5.82 17.92 -8.10
CA GLU A 71 -5.42 16.81 -8.94
C GLU A 71 -5.17 15.57 -8.09
N HIS A 72 -5.07 15.75 -6.77
CA HIS A 72 -4.67 14.69 -5.86
C HIS A 72 -5.72 14.42 -4.79
N VAL A 73 -6.87 15.11 -4.86
CA VAL A 73 -7.95 14.89 -3.92
C VAL A 73 -8.45 13.45 -3.99
N ALA A 74 -8.36 12.87 -5.19
CA ALA A 74 -8.76 11.51 -5.45
C ALA A 74 -8.03 10.55 -4.53
N ILE A 75 -6.74 10.83 -4.36
CA ILE A 75 -5.83 10.00 -3.62
C ILE A 75 -5.88 10.34 -2.15
N ARG A 76 -6.17 11.60 -1.84
CA ARG A 76 -6.34 12.04 -0.46
C ARG A 76 -7.47 11.22 0.18
N SER A 77 -8.34 10.68 -0.66
CA SER A 77 -9.45 9.83 -0.24
C SER A 77 -8.99 8.38 -0.07
N LYS A 78 -7.85 8.02 -0.67
CA LYS A 78 -7.36 6.65 -0.61
C LYS A 78 -6.33 6.49 0.50
N LEU A 79 -5.50 7.53 0.72
CA LEU A 79 -4.49 7.55 1.77
C LEU A 79 -5.12 7.53 3.16
N GLN A 80 -6.44 7.56 3.23
CA GLN A 80 -7.23 7.49 4.43
C GLN A 80 -8.00 6.18 4.57
N TYR A 81 -8.10 5.40 3.50
CA TYR A 81 -8.78 4.12 3.53
C TYR A 81 -7.82 2.99 3.92
N ARG A 82 -6.86 2.69 3.04
CA ARG A 82 -5.94 1.58 3.26
C ARG A 82 -4.88 1.95 4.28
N LEU A 83 -4.90 3.23 4.68
CA LEU A 83 -4.10 3.70 5.81
C LEU A 83 -4.67 3.10 7.10
N GLU A 84 -6.00 3.03 7.20
CA GLU A 84 -6.66 2.69 8.45
C GLU A 84 -6.76 1.19 8.64
N LEU A 85 -7.08 0.48 7.55
CA LEU A 85 -7.29 -0.96 7.62
C LEU A 85 -5.96 -1.68 7.89
N ALA A 86 -4.87 -1.17 7.32
CA ALA A 86 -3.55 -1.71 7.46
C ALA A 86 -3.13 -1.73 8.93
N GLN A 87 -3.06 -0.55 9.57
CA GLN A 87 -2.68 -0.42 10.98
C GLN A 87 -3.63 -1.15 11.92
N GLY A 88 -4.82 -1.47 11.42
CA GLY A 88 -5.83 -2.21 12.16
C GLY A 88 -5.75 -3.69 11.82
N ALA A 89 -4.69 -4.09 11.12
CA ALA A 89 -4.48 -5.45 10.67
C ALA A 89 -3.02 -5.88 10.81
N VAL A 90 -2.09 -4.94 10.90
CA VAL A 90 -0.68 -5.29 10.83
C VAL A 90 -0.29 -6.42 11.79
N GLY A 91 -0.68 -6.24 13.04
CA GLY A 91 -0.37 -7.13 14.15
C GLY A 91 -1.11 -8.47 14.11
N SER A 92 -1.96 -8.70 13.10
CA SER A 92 -2.69 -9.96 12.99
C SER A 92 -1.76 -11.13 12.68
N VAL A 93 -2.31 -12.35 12.73
CA VAL A 93 -1.63 -13.61 12.49
C VAL A 93 -0.31 -13.70 13.22
N GLN A 94 -0.35 -14.27 14.43
CA GLN A 94 0.83 -14.41 15.23
C GLN A 94 1.04 -15.86 15.67
N ILE A 95 0.25 -16.79 15.12
CA ILE A 95 0.31 -18.20 15.47
C ILE A 95 0.17 -19.11 14.25
N PRO A 96 0.76 -18.76 13.08
CA PRO A 96 0.63 -19.55 11.86
C PRO A 96 1.40 -20.87 11.98
N VAL A 97 1.26 -21.73 10.97
CA VAL A 97 1.93 -23.02 10.89
C VAL A 97 3.41 -22.82 10.58
N VAL A 98 4.19 -22.39 11.59
CA VAL A 98 5.63 -22.26 11.45
C VAL A 98 6.27 -23.65 11.50
N GLU A 99 6.25 -24.34 10.37
CA GLU A 99 6.81 -25.66 10.20
C GLU A 99 8.33 -25.59 10.20
N VAL A 100 8.97 -26.66 10.70
CA VAL A 100 10.41 -26.80 10.74
C VAL A 100 10.76 -28.25 10.42
N ASP A 101 11.66 -28.46 9.47
CA ASP A 101 12.01 -29.79 8.98
C ASP A 101 13.35 -29.78 8.25
N GLU A 102 14.29 -28.97 8.73
CA GLU A 102 15.61 -28.83 8.11
C GLU A 102 16.43 -30.13 8.21
N LEU A 103 17.68 -30.05 7.73
CA LEU A 103 18.63 -31.15 7.69
C LEU A 103 19.02 -31.70 9.06
N PRO A 104 19.96 -32.67 9.04
CA PRO A 104 20.64 -33.20 10.22
C PRO A 104 21.07 -32.13 11.21
N GLU A 105 21.17 -32.53 12.49
CA GLU A 105 21.52 -31.64 13.59
C GLU A 105 23.04 -31.46 13.73
N GLY A 106 23.78 -31.91 12.71
CA GLY A 106 25.24 -31.86 12.68
C GLY A 106 25.74 -32.00 11.26
N TYR A 107 24.91 -31.61 10.29
CA TYR A 107 25.16 -31.77 8.87
C TYR A 107 26.49 -31.19 8.43
N ASP A 108 26.68 -29.92 8.79
CA ASP A 108 27.83 -29.08 8.45
C ASP A 108 28.37 -29.29 7.03
N ARG A 109 27.52 -29.74 6.10
CA ARG A 109 27.86 -30.02 4.71
C ARG A 109 29.06 -30.97 4.57
N SER A 110 29.43 -31.66 5.66
CA SER A 110 30.58 -32.56 5.65
C SER A 110 30.48 -33.59 6.77
N ALA B 1 -15.07 -2.53 -7.26
CA ALA B 1 -16.47 -2.73 -6.79
C ALA B 1 -16.78 -1.78 -5.63
N ASP B 2 -17.64 -0.79 -5.88
CA ASP B 2 -18.03 0.23 -4.90
C ASP B 2 -16.80 0.89 -4.26
N THR B 3 -15.69 0.96 -4.99
CA THR B 3 -14.44 1.54 -4.52
C THR B 3 -13.69 2.24 -5.64
N GLU B 4 -12.66 2.99 -5.25
CA GLU B 4 -11.68 3.56 -6.17
C GLU B 4 -10.26 3.38 -5.61
N MET B 5 -10.14 3.14 -4.30
CA MET B 5 -8.89 2.79 -3.65
C MET B 5 -8.40 1.43 -4.12
N GLU B 6 -9.34 0.54 -4.46
CA GLU B 6 -9.01 -0.81 -4.88
C GLU B 6 -8.97 -0.87 -6.41
N GLU B 7 -8.73 0.29 -7.01
CA GLU B 7 -8.60 0.49 -8.45
C GLU B 7 -7.42 1.43 -8.69
N VAL B 8 -6.40 1.29 -7.83
CA VAL B 8 -5.14 2.01 -7.86
C VAL B 8 -5.30 3.55 -7.95
N ASP B 9 -4.30 4.23 -8.52
CA ASP B 9 -4.25 5.69 -8.65
C ASP B 9 -5.60 6.32 -8.97
#